data_1WY6
# 
_entry.id   1WY6 
# 
_audit_conform.dict_name       mmcif_pdbx.dic 
_audit_conform.dict_version    5.398 
_audit_conform.dict_location   http://mmcif.pdb.org/dictionaries/ascii/mmcif_pdbx.dic 
# 
loop_
_database_2.database_id 
_database_2.database_code 
_database_2.pdbx_database_accession 
_database_2.pdbx_DOI 
PDB   1WY6         pdb_00001wy6 10.2210/pdb1wy6/pdb 
RCSB  RCSB024142   ?            ?                   
WWPDB D_1000024142 ?            ?                   
# 
loop_
_pdbx_audit_revision_history.ordinal 
_pdbx_audit_revision_history.data_content_type 
_pdbx_audit_revision_history.major_revision 
_pdbx_audit_revision_history.minor_revision 
_pdbx_audit_revision_history.revision_date 
1 'Structure model' 1 0 2005-02-15 
2 'Structure model' 1 1 2008-04-30 
3 'Structure model' 1 2 2011-07-13 
4 'Structure model' 1 3 2024-11-06 
# 
_pdbx_audit_revision_details.ordinal             1 
_pdbx_audit_revision_details.revision_ordinal    1 
_pdbx_audit_revision_details.data_content_type   'Structure model' 
_pdbx_audit_revision_details.provider            repository 
_pdbx_audit_revision_details.type                'Initial release' 
_pdbx_audit_revision_details.description         ? 
_pdbx_audit_revision_details.details             ? 
# 
loop_
_pdbx_audit_revision_group.ordinal 
_pdbx_audit_revision_group.revision_ordinal 
_pdbx_audit_revision_group.data_content_type 
_pdbx_audit_revision_group.group 
1 2 'Structure model' 'Version format compliance' 
2 3 'Structure model' 'Version format compliance' 
3 4 'Structure model' 'Data collection'           
4 4 'Structure model' 'Database references'       
5 4 'Structure model' 'Structure summary'         
# 
loop_
_pdbx_audit_revision_category.ordinal 
_pdbx_audit_revision_category.revision_ordinal 
_pdbx_audit_revision_category.data_content_type 
_pdbx_audit_revision_category.category 
1 4 'Structure model' chem_comp_atom            
2 4 'Structure model' chem_comp_bond            
3 4 'Structure model' database_2                
4 4 'Structure model' pdbx_entry_details        
5 4 'Structure model' pdbx_modification_feature 
# 
loop_
_pdbx_audit_revision_item.ordinal 
_pdbx_audit_revision_item.revision_ordinal 
_pdbx_audit_revision_item.data_content_type 
_pdbx_audit_revision_item.item 
1 4 'Structure model' '_database_2.pdbx_DOI'                
2 4 'Structure model' '_database_2.pdbx_database_accession' 
# 
_pdbx_database_PDB_obs_spr.id               SPRSDE 
_pdbx_database_PDB_obs_spr.date             2005-02-15 
_pdbx_database_PDB_obs_spr.pdb_id           1WY6 
_pdbx_database_PDB_obs_spr.replace_pdb_id   1VDU 
_pdbx_database_PDB_obs_spr.details          ? 
# 
_pdbx_database_status.status_code                     REL 
_pdbx_database_status.entry_id                        1WY6 
_pdbx_database_status.recvd_initial_deposition_date   2005-02-07 
_pdbx_database_status.deposit_site                    PDBJ 
_pdbx_database_status.process_site                    PDBJ 
_pdbx_database_status.status_code_sf                  REL 
_pdbx_database_status.status_code_mr                  ? 
_pdbx_database_status.SG_entry                        ? 
_pdbx_database_status.pdb_format_compatible           Y 
_pdbx_database_status.status_code_cs                  ? 
_pdbx_database_status.status_code_nmr_data            ? 
_pdbx_database_status.methods_development_category    ? 
# 
loop_
_audit_author.name 
_audit_author.pdbx_ordinal 
'Yoneda, K.'    1 
'Sakuraba, H.'  2 
'Tsuge, H.'     3 
'Katunuma, N.'  4 
'Kuramitsu, S.' 5 
'Kawabata, T.'  6 
'Ohshima, T.'   7 
# 
_citation.id                        primary 
_citation.title                     'The first crystal structure of an archaeal helical repeat protein.' 
_citation.journal_abbrev            'Acta Crystallogr.,Sect.F' 
_citation.journal_volume            61 
_citation.page_first                636 
_citation.page_last                 639 
_citation.year                      2005 
_citation.journal_id_ASTM           ? 
_citation.country                   DK 
_citation.journal_id_ISSN           1744-3091 
_citation.journal_id_CSD            ? 
_citation.book_publisher            ? 
_citation.pdbx_database_id_PubMed   16511116 
_citation.pdbx_database_id_DOI      10.1107/S1744309105019263 
# 
loop_
_citation_author.citation_id 
_citation_author.name 
_citation_author.ordinal 
_citation_author.identifier_ORCID 
primary 'Yoneda, K.'    1 ? 
primary 'Sakuraba, H.'  2 ? 
primary 'Tsuge, H.'     3 ? 
primary 'Katunuma, N.'  4 ? 
primary 'Kuramitsu, S.' 5 ? 
primary 'Kawabata, T.'  6 ? 
primary 'Ohshima, T.'   7 ? 
# 
loop_
_entity.id 
_entity.type 
_entity.src_method 
_entity.pdbx_description 
_entity.formula_weight 
_entity.pdbx_number_of_molecules 
_entity.pdbx_ec 
_entity.pdbx_mutation 
_entity.pdbx_fragment 
_entity.details 
1 polymer man 'hypothetical protein ST1625' 19413.566 1  ? ? ? ? 
2 water   nat water                         18.015    71 ? ? ? ? 
# 
_entity_poly.entity_id                      1 
_entity_poly.type                           'polypeptide(L)' 
_entity_poly.nstd_linkage                   no 
_entity_poly.nstd_monomer                   no 
_entity_poly.pdbx_seq_one_letter_code       
;TIVKSEIIRKLMDAKKFLLDGYIDEGVKIVLEITKSSTKSEYNWFICNLLESIDCRYMFQVLDKIGSYFDLDKCQNLKSV
VECGVINNTLNEHVNKALDILVIQGKRDKLEEIGREILKNNEVSASILVAIANALRRVGDERDATTLLIEACKKGEKEAC
NAVNTLTVRSVM
;
_entity_poly.pdbx_seq_one_letter_code_can   
;TIVKSEIIRKLMDAKKFLLDGYIDEGVKIVLEITKSSTKSEYNWFICNLLESIDCRYMFQVLDKIGSYFDLDKCQNLKSV
VECGVINNTLNEHVNKALDILVIQGKRDKLEEIGREILKNNEVSASILVAIANALRRVGDERDATTLLIEACKKGEKEAC
NAVNTLTVRSVM
;
_entity_poly.pdbx_strand_id                 A 
_entity_poly.pdbx_target_identifier         ? 
# 
_pdbx_entity_nonpoly.entity_id   2 
_pdbx_entity_nonpoly.name        water 
_pdbx_entity_nonpoly.comp_id     HOH 
# 
loop_
_entity_poly_seq.entity_id 
_entity_poly_seq.num 
_entity_poly_seq.mon_id 
_entity_poly_seq.hetero 
1 1   THR n 
1 2   ILE n 
1 3   VAL n 
1 4   LYS n 
1 5   SER n 
1 6   GLU n 
1 7   ILE n 
1 8   ILE n 
1 9   ARG n 
1 10  LYS n 
1 11  LEU n 
1 12  MET n 
1 13  ASP n 
1 14  ALA n 
1 15  LYS n 
1 16  LYS n 
1 17  PHE n 
1 18  LEU n 
1 19  LEU n 
1 20  ASP n 
1 21  GLY n 
1 22  TYR n 
1 23  ILE n 
1 24  ASP n 
1 25  GLU n 
1 26  GLY n 
1 27  VAL n 
1 28  LYS n 
1 29  ILE n 
1 30  VAL n 
1 31  LEU n 
1 32  GLU n 
1 33  ILE n 
1 34  THR n 
1 35  LYS n 
1 36  SER n 
1 37  SER n 
1 38  THR n 
1 39  LYS n 
1 40  SER n 
1 41  GLU n 
1 42  TYR n 
1 43  ASN n 
1 44  TRP n 
1 45  PHE n 
1 46  ILE n 
1 47  CYS n 
1 48  ASN n 
1 49  LEU n 
1 50  LEU n 
1 51  GLU n 
1 52  SER n 
1 53  ILE n 
1 54  ASP n 
1 55  CYS n 
1 56  ARG n 
1 57  TYR n 
1 58  MET n 
1 59  PHE n 
1 60  GLN n 
1 61  VAL n 
1 62  LEU n 
1 63  ASP n 
1 64  LYS n 
1 65  ILE n 
1 66  GLY n 
1 67  SER n 
1 68  TYR n 
1 69  PHE n 
1 70  ASP n 
1 71  LEU n 
1 72  ASP n 
1 73  LYS n 
1 74  CYS n 
1 75  GLN n 
1 76  ASN n 
1 77  LEU n 
1 78  LYS n 
1 79  SER n 
1 80  VAL n 
1 81  VAL n 
1 82  GLU n 
1 83  CYS n 
1 84  GLY n 
1 85  VAL n 
1 86  ILE n 
1 87  ASN n 
1 88  ASN n 
1 89  THR n 
1 90  LEU n 
1 91  ASN n 
1 92  GLU n 
1 93  HIS n 
1 94  VAL n 
1 95  ASN n 
1 96  LYS n 
1 97  ALA n 
1 98  LEU n 
1 99  ASP n 
1 100 ILE n 
1 101 LEU n 
1 102 VAL n 
1 103 ILE n 
1 104 GLN n 
1 105 GLY n 
1 106 LYS n 
1 107 ARG n 
1 108 ASP n 
1 109 LYS n 
1 110 LEU n 
1 111 GLU n 
1 112 GLU n 
1 113 ILE n 
1 114 GLY n 
1 115 ARG n 
1 116 GLU n 
1 117 ILE n 
1 118 LEU n 
1 119 LYS n 
1 120 ASN n 
1 121 ASN n 
1 122 GLU n 
1 123 VAL n 
1 124 SER n 
1 125 ALA n 
1 126 SER n 
1 127 ILE n 
1 128 LEU n 
1 129 VAL n 
1 130 ALA n 
1 131 ILE n 
1 132 ALA n 
1 133 ASN n 
1 134 ALA n 
1 135 LEU n 
1 136 ARG n 
1 137 ARG n 
1 138 VAL n 
1 139 GLY n 
1 140 ASP n 
1 141 GLU n 
1 142 ARG n 
1 143 ASP n 
1 144 ALA n 
1 145 THR n 
1 146 THR n 
1 147 LEU n 
1 148 LEU n 
1 149 ILE n 
1 150 GLU n 
1 151 ALA n 
1 152 CYS n 
1 153 LYS n 
1 154 LYS n 
1 155 GLY n 
1 156 GLU n 
1 157 LYS n 
1 158 GLU n 
1 159 ALA n 
1 160 CYS n 
1 161 ASN n 
1 162 ALA n 
1 163 VAL n 
1 164 ASN n 
1 165 THR n 
1 166 LEU n 
1 167 THR n 
1 168 VAL n 
1 169 ARG n 
1 170 SER n 
1 171 VAL n 
1 172 MET n 
# 
_entity_src_gen.entity_id                          1 
_entity_src_gen.pdbx_src_id                        1 
_entity_src_gen.pdbx_alt_source_flag               sample 
_entity_src_gen.pdbx_seq_type                      ? 
_entity_src_gen.pdbx_beg_seq_num                   ? 
_entity_src_gen.pdbx_end_seq_num                   ? 
_entity_src_gen.gene_src_common_name               ? 
_entity_src_gen.gene_src_genus                     Sulfolobus 
_entity_src_gen.pdbx_gene_src_gene                 ? 
_entity_src_gen.gene_src_species                   ? 
_entity_src_gen.gene_src_strain                    ? 
_entity_src_gen.gene_src_tissue                    ? 
_entity_src_gen.gene_src_tissue_fraction           ? 
_entity_src_gen.gene_src_details                   ? 
_entity_src_gen.pdbx_gene_src_fragment             ? 
_entity_src_gen.pdbx_gene_src_scientific_name      'Sulfolobus tokodaii' 
_entity_src_gen.pdbx_gene_src_ncbi_taxonomy_id     111955 
_entity_src_gen.pdbx_gene_src_variant              ? 
_entity_src_gen.pdbx_gene_src_cell_line            ? 
_entity_src_gen.pdbx_gene_src_atcc                 ? 
_entity_src_gen.pdbx_gene_src_organ                ? 
_entity_src_gen.pdbx_gene_src_organelle            ? 
_entity_src_gen.pdbx_gene_src_cell                 ? 
_entity_src_gen.pdbx_gene_src_cellular_location    ? 
_entity_src_gen.host_org_common_name               ? 
_entity_src_gen.pdbx_host_org_scientific_name      'Escherichia coli' 
_entity_src_gen.pdbx_host_org_ncbi_taxonomy_id     562 
_entity_src_gen.host_org_genus                     Escherichia 
_entity_src_gen.pdbx_host_org_gene                 ? 
_entity_src_gen.pdbx_host_org_organ                ? 
_entity_src_gen.host_org_species                   ? 
_entity_src_gen.pdbx_host_org_tissue               ? 
_entity_src_gen.pdbx_host_org_tissue_fraction      ? 
_entity_src_gen.pdbx_host_org_strain               'Rosetta-gamiTM (DE3)' 
_entity_src_gen.pdbx_host_org_variant              ? 
_entity_src_gen.pdbx_host_org_cell_line            ? 
_entity_src_gen.pdbx_host_org_atcc                 ? 
_entity_src_gen.pdbx_host_org_culture_collection   ? 
_entity_src_gen.pdbx_host_org_cell                 ? 
_entity_src_gen.pdbx_host_org_organelle            ? 
_entity_src_gen.pdbx_host_org_cellular_location    ? 
_entity_src_gen.pdbx_host_org_vector_type          PLASMID 
_entity_src_gen.pdbx_host_org_vector               ? 
_entity_src_gen.host_org_details                   ? 
_entity_src_gen.expression_system_id               ? 
_entity_src_gen.plasmid_name                       pET11a 
_entity_src_gen.plasmid_details                    ? 
_entity_src_gen.pdbx_description                   ? 
# 
loop_
_chem_comp.id 
_chem_comp.type 
_chem_comp.mon_nstd_flag 
_chem_comp.name 
_chem_comp.pdbx_synonyms 
_chem_comp.formula 
_chem_comp.formula_weight 
ALA 'L-peptide linking' y ALANINE         ? 'C3 H7 N O2'     89.093  
ARG 'L-peptide linking' y ARGININE        ? 'C6 H15 N4 O2 1' 175.209 
ASN 'L-peptide linking' y ASPARAGINE      ? 'C4 H8 N2 O3'    132.118 
ASP 'L-peptide linking' y 'ASPARTIC ACID' ? 'C4 H7 N O4'     133.103 
CYS 'L-peptide linking' y CYSTEINE        ? 'C3 H7 N O2 S'   121.158 
GLN 'L-peptide linking' y GLUTAMINE       ? 'C5 H10 N2 O3'   146.144 
GLU 'L-peptide linking' y 'GLUTAMIC ACID' ? 'C5 H9 N O4'     147.129 
GLY 'peptide linking'   y GLYCINE         ? 'C2 H5 N O2'     75.067  
HIS 'L-peptide linking' y HISTIDINE       ? 'C6 H10 N3 O2 1' 156.162 
HOH non-polymer         . WATER           ? 'H2 O'           18.015  
ILE 'L-peptide linking' y ISOLEUCINE      ? 'C6 H13 N O2'    131.173 
LEU 'L-peptide linking' y LEUCINE         ? 'C6 H13 N O2'    131.173 
LYS 'L-peptide linking' y LYSINE          ? 'C6 H15 N2 O2 1' 147.195 
MET 'L-peptide linking' y METHIONINE      ? 'C5 H11 N O2 S'  149.211 
PHE 'L-peptide linking' y PHENYLALANINE   ? 'C9 H11 N O2'    165.189 
SER 'L-peptide linking' y SERINE          ? 'C3 H7 N O3'     105.093 
THR 'L-peptide linking' y THREONINE       ? 'C4 H9 N O3'     119.119 
TRP 'L-peptide linking' y TRYPTOPHAN      ? 'C11 H12 N2 O2'  204.225 
TYR 'L-peptide linking' y TYROSINE        ? 'C9 H11 N O3'    181.189 
VAL 'L-peptide linking' y VALINE          ? 'C5 H11 N O2'    117.146 
# 
loop_
_pdbx_poly_seq_scheme.asym_id 
_pdbx_poly_seq_scheme.entity_id 
_pdbx_poly_seq_scheme.seq_id 
_pdbx_poly_seq_scheme.mon_id 
_pdbx_poly_seq_scheme.ndb_seq_num 
_pdbx_poly_seq_scheme.pdb_seq_num 
_pdbx_poly_seq_scheme.auth_seq_num 
_pdbx_poly_seq_scheme.pdb_mon_id 
_pdbx_poly_seq_scheme.auth_mon_id 
_pdbx_poly_seq_scheme.pdb_strand_id 
_pdbx_poly_seq_scheme.pdb_ins_code 
_pdbx_poly_seq_scheme.hetero 
A 1 1   THR 1   2   ?   ?   ?   A . n 
A 1 2   ILE 2   3   ?   ?   ?   A . n 
A 1 3   VAL 3   4   ?   ?   ?   A . n 
A 1 4   LYS 4   5   ?   ?   ?   A . n 
A 1 5   SER 5   6   ?   ?   ?   A . n 
A 1 6   GLU 6   7   7   GLU GLU A . n 
A 1 7   ILE 7   8   8   ILE ILE A . n 
A 1 8   ILE 8   9   9   ILE ILE A . n 
A 1 9   ARG 9   10  10  ARG ARG A . n 
A 1 10  LYS 10  11  11  LYS LYS A . n 
A 1 11  LEU 11  12  12  LEU LEU A . n 
A 1 12  MET 12  13  13  MET MET A . n 
A 1 13  ASP 13  14  14  ASP ASP A . n 
A 1 14  ALA 14  15  15  ALA ALA A . n 
A 1 15  LYS 15  16  16  LYS LYS A . n 
A 1 16  LYS 16  17  17  LYS LYS A . n 
A 1 17  PHE 17  18  18  PHE PHE A . n 
A 1 18  LEU 18  19  19  LEU LEU A . n 
A 1 19  LEU 19  20  20  LEU LEU A . n 
A 1 20  ASP 20  21  21  ASP ASP A . n 
A 1 21  GLY 21  22  22  GLY GLY A . n 
A 1 22  TYR 22  23  23  TYR TYR A . n 
A 1 23  ILE 23  24  24  ILE ILE A . n 
A 1 24  ASP 24  25  25  ASP ASP A . n 
A 1 25  GLU 25  26  26  GLU GLU A . n 
A 1 26  GLY 26  27  27  GLY GLY A . n 
A 1 27  VAL 27  28  28  VAL VAL A . n 
A 1 28  LYS 28  29  29  LYS LYS A . n 
A 1 29  ILE 29  30  30  ILE ILE A . n 
A 1 30  VAL 30  31  31  VAL VAL A . n 
A 1 31  LEU 31  32  32  LEU LEU A . n 
A 1 32  GLU 32  33  33  GLU GLU A . n 
A 1 33  ILE 33  34  34  ILE ILE A . n 
A 1 34  THR 34  35  35  THR THR A . n 
A 1 35  LYS 35  36  36  LYS LYS A . n 
A 1 36  SER 36  37  37  SER SER A . n 
A 1 37  SER 37  38  38  SER SER A . n 
A 1 38  THR 38  39  39  THR THR A . n 
A 1 39  LYS 39  40  40  LYS LYS A . n 
A 1 40  SER 40  41  41  SER SER A . n 
A 1 41  GLU 41  42  42  GLU GLU A . n 
A 1 42  TYR 42  43  43  TYR TYR A . n 
A 1 43  ASN 43  44  44  ASN ASN A . n 
A 1 44  TRP 44  45  45  TRP TRP A . n 
A 1 45  PHE 45  46  46  PHE PHE A . n 
A 1 46  ILE 46  47  47  ILE ILE A . n 
A 1 47  CYS 47  48  48  CYS CYS A . n 
A 1 48  ASN 48  49  49  ASN ASN A . n 
A 1 49  LEU 49  50  50  LEU LEU A . n 
A 1 50  LEU 50  51  51  LEU LEU A . n 
A 1 51  GLU 51  52  52  GLU GLU A . n 
A 1 52  SER 52  53  53  SER SER A . n 
A 1 53  ILE 53  54  54  ILE ILE A . n 
A 1 54  ASP 54  55  55  ASP ASP A . n 
A 1 55  CYS 55  56  56  CYS CYS A . n 
A 1 56  ARG 56  57  57  ARG ARG A . n 
A 1 57  TYR 57  58  58  TYR TYR A . n 
A 1 58  MET 58  59  59  MET MET A . n 
A 1 59  PHE 59  60  60  PHE PHE A . n 
A 1 60  GLN 60  61  61  GLN GLN A . n 
A 1 61  VAL 61  62  62  VAL VAL A . n 
A 1 62  LEU 62  63  63  LEU LEU A . n 
A 1 63  ASP 63  64  64  ASP ASP A . n 
A 1 64  LYS 64  65  65  LYS LYS A . n 
A 1 65  ILE 65  66  66  ILE ILE A . n 
A 1 66  GLY 66  67  67  GLY GLY A . n 
A 1 67  SER 67  68  68  SER SER A . n 
A 1 68  TYR 68  69  69  TYR TYR A . n 
A 1 69  PHE 69  70  70  PHE PHE A . n 
A 1 70  ASP 70  71  71  ASP ASP A . n 
A 1 71  LEU 71  72  72  LEU LEU A . n 
A 1 72  ASP 72  73  73  ASP ASP A . n 
A 1 73  LYS 73  74  74  LYS LYS A . n 
A 1 74  CYS 74  75  75  CYS CYS A . n 
A 1 75  GLN 75  76  76  GLN GLN A . n 
A 1 76  ASN 76  77  77  ASN ASN A . n 
A 1 77  LEU 77  78  78  LEU LEU A . n 
A 1 78  LYS 78  79  79  LYS LYS A . n 
A 1 79  SER 79  80  80  SER SER A . n 
A 1 80  VAL 80  81  81  VAL VAL A . n 
A 1 81  VAL 81  82  82  VAL VAL A . n 
A 1 82  GLU 82  83  83  GLU GLU A . n 
A 1 83  CYS 83  84  84  CYS CYS A . n 
A 1 84  GLY 84  85  85  GLY GLY A . n 
A 1 85  VAL 85  86  86  VAL VAL A . n 
A 1 86  ILE 86  87  87  ILE ILE A . n 
A 1 87  ASN 87  88  88  ASN ASN A . n 
A 1 88  ASN 88  89  89  ASN ASN A . n 
A 1 89  THR 89  90  90  THR THR A . n 
A 1 90  LEU 90  91  91  LEU LEU A . n 
A 1 91  ASN 91  92  92  ASN ASN A . n 
A 1 92  GLU 92  93  93  GLU GLU A . n 
A 1 93  HIS 93  94  94  HIS HIS A . n 
A 1 94  VAL 94  95  95  VAL VAL A . n 
A 1 95  ASN 95  96  96  ASN ASN A . n 
A 1 96  LYS 96  97  97  LYS LYS A . n 
A 1 97  ALA 97  98  98  ALA ALA A . n 
A 1 98  LEU 98  99  99  LEU LEU A . n 
A 1 99  ASP 99  100 100 ASP ASP A . n 
A 1 100 ILE 100 101 101 ILE ILE A . n 
A 1 101 LEU 101 102 102 LEU LEU A . n 
A 1 102 VAL 102 103 103 VAL VAL A . n 
A 1 103 ILE 103 104 104 ILE ILE A . n 
A 1 104 GLN 104 105 105 GLN GLN A . n 
A 1 105 GLY 105 106 106 GLY GLY A . n 
A 1 106 LYS 106 107 107 LYS LYS A . n 
A 1 107 ARG 107 108 108 ARG ARG A . n 
A 1 108 ASP 108 109 109 ASP ASP A . n 
A 1 109 LYS 109 110 110 LYS LYS A . n 
A 1 110 LEU 110 111 111 LEU LEU A . n 
A 1 111 GLU 111 112 112 GLU GLU A . n 
A 1 112 GLU 112 113 113 GLU GLU A . n 
A 1 113 ILE 113 114 114 ILE ILE A . n 
A 1 114 GLY 114 115 115 GLY GLY A . n 
A 1 115 ARG 115 116 116 ARG ARG A . n 
A 1 116 GLU 116 117 117 GLU GLU A . n 
A 1 117 ILE 117 118 118 ILE ILE A . n 
A 1 118 LEU 118 119 119 LEU LEU A . n 
A 1 119 LYS 119 120 ?   ?   ?   A . n 
A 1 120 ASN 120 121 ?   ?   ?   A . n 
A 1 121 ASN 121 122 122 ASN ASN A . n 
A 1 122 GLU 122 123 123 GLU GLU A . n 
A 1 123 VAL 123 124 124 VAL VAL A . n 
A 1 124 SER 124 125 125 SER SER A . n 
A 1 125 ALA 125 126 126 ALA ALA A . n 
A 1 126 SER 126 127 127 SER SER A . n 
A 1 127 ILE 127 128 128 ILE ILE A . n 
A 1 128 LEU 128 129 129 LEU LEU A . n 
A 1 129 VAL 129 130 130 VAL VAL A . n 
A 1 130 ALA 130 131 131 ALA ALA A . n 
A 1 131 ILE 131 132 132 ILE ILE A . n 
A 1 132 ALA 132 133 133 ALA ALA A . n 
A 1 133 ASN 133 134 134 ASN ASN A . n 
A 1 134 ALA 134 135 135 ALA ALA A . n 
A 1 135 LEU 135 136 136 LEU LEU A . n 
A 1 136 ARG 136 137 137 ARG ARG A . n 
A 1 137 ARG 137 138 138 ARG ARG A . n 
A 1 138 VAL 138 139 139 VAL VAL A . n 
A 1 139 GLY 139 140 140 GLY GLY A . n 
A 1 140 ASP 140 141 141 ASP ASP A . n 
A 1 141 GLU 141 142 142 GLU GLU A . n 
A 1 142 ARG 142 143 143 ARG ARG A . n 
A 1 143 ASP 143 144 144 ASP ASP A . n 
A 1 144 ALA 144 145 145 ALA ALA A . n 
A 1 145 THR 145 146 146 THR THR A . n 
A 1 146 THR 146 147 147 THR THR A . n 
A 1 147 LEU 147 148 148 LEU LEU A . n 
A 1 148 LEU 148 149 149 LEU LEU A . n 
A 1 149 ILE 149 150 150 ILE ILE A . n 
A 1 150 GLU 150 151 151 GLU GLU A . n 
A 1 151 ALA 151 152 152 ALA ALA A . n 
A 1 152 CYS 152 153 153 CYS CYS A . n 
A 1 153 LYS 153 154 154 LYS LYS A . n 
A 1 154 LYS 154 155 155 LYS LYS A . n 
A 1 155 GLY 155 156 156 GLY GLY A . n 
A 1 156 GLU 156 157 157 GLU GLU A . n 
A 1 157 LYS 157 158 158 LYS LYS A . n 
A 1 158 GLU 158 159 159 GLU GLU A . n 
A 1 159 ALA 159 160 160 ALA ALA A . n 
A 1 160 CYS 160 161 161 CYS CYS A . n 
A 1 161 ASN 161 162 162 ASN ASN A . n 
A 1 162 ALA 162 163 163 ALA ALA A . n 
A 1 163 VAL 163 164 164 VAL VAL A . n 
A 1 164 ASN 164 165 165 ASN ASN A . n 
A 1 165 THR 165 166 166 THR THR A . n 
A 1 166 LEU 166 167 167 LEU LEU A . n 
A 1 167 THR 167 168 ?   ?   ?   A . n 
A 1 168 VAL 168 169 ?   ?   ?   A . n 
A 1 169 ARG 169 170 ?   ?   ?   A . n 
A 1 170 SER 170 171 ?   ?   ?   A . n 
A 1 171 VAL 171 172 ?   ?   ?   A . n 
A 1 172 MET 172 173 ?   ?   ?   A . n 
# 
loop_
_pdbx_nonpoly_scheme.asym_id 
_pdbx_nonpoly_scheme.entity_id 
_pdbx_nonpoly_scheme.mon_id 
_pdbx_nonpoly_scheme.ndb_seq_num 
_pdbx_nonpoly_scheme.pdb_seq_num 
_pdbx_nonpoly_scheme.auth_seq_num 
_pdbx_nonpoly_scheme.pdb_mon_id 
_pdbx_nonpoly_scheme.auth_mon_id 
_pdbx_nonpoly_scheme.pdb_strand_id 
_pdbx_nonpoly_scheme.pdb_ins_code 
B 2 HOH 1  174 1  HOH HOH A . 
B 2 HOH 2  175 2  HOH HOH A . 
B 2 HOH 3  176 3  HOH HOH A . 
B 2 HOH 4  177 4  HOH HOH A . 
B 2 HOH 5  178 5  HOH HOH A . 
B 2 HOH 6  179 6  HOH HOH A . 
B 2 HOH 7  180 7  HOH HOH A . 
B 2 HOH 8  181 8  HOH HOH A . 
B 2 HOH 9  182 9  HOH HOH A . 
B 2 HOH 10 183 10 HOH HOH A . 
B 2 HOH 11 184 11 HOH HOH A . 
B 2 HOH 12 185 12 HOH HOH A . 
B 2 HOH 13 186 13 HOH HOH A . 
B 2 HOH 14 187 14 HOH HOH A . 
B 2 HOH 15 188 15 HOH HOH A . 
B 2 HOH 16 189 16 HOH HOH A . 
B 2 HOH 17 190 17 HOH HOH A . 
B 2 HOH 18 191 18 HOH HOH A . 
B 2 HOH 19 192 19 HOH HOH A . 
B 2 HOH 20 193 20 HOH HOH A . 
B 2 HOH 21 194 21 HOH HOH A . 
B 2 HOH 22 195 22 HOH HOH A . 
B 2 HOH 23 196 23 HOH HOH A . 
B 2 HOH 24 197 24 HOH HOH A . 
B 2 HOH 25 198 25 HOH HOH A . 
B 2 HOH 26 199 26 HOH HOH A . 
B 2 HOH 27 200 27 HOH HOH A . 
B 2 HOH 28 201 28 HOH HOH A . 
B 2 HOH 29 202 29 HOH HOH A . 
B 2 HOH 30 203 30 HOH HOH A . 
B 2 HOH 31 204 31 HOH HOH A . 
B 2 HOH 32 205 32 HOH HOH A . 
B 2 HOH 33 206 33 HOH HOH A . 
B 2 HOH 34 207 34 HOH HOH A . 
B 2 HOH 35 208 35 HOH HOH A . 
B 2 HOH 36 209 36 HOH HOH A . 
B 2 HOH 37 210 37 HOH HOH A . 
B 2 HOH 38 211 38 HOH HOH A . 
B 2 HOH 39 212 39 HOH HOH A . 
B 2 HOH 40 213 40 HOH HOH A . 
B 2 HOH 41 214 41 HOH HOH A . 
B 2 HOH 42 215 42 HOH HOH A . 
B 2 HOH 43 216 43 HOH HOH A . 
B 2 HOH 44 217 44 HOH HOH A . 
B 2 HOH 45 218 45 HOH HOH A . 
B 2 HOH 46 219 46 HOH HOH A . 
B 2 HOH 47 220 47 HOH HOH A . 
B 2 HOH 48 221 48 HOH HOH A . 
B 2 HOH 49 222 49 HOH HOH A . 
B 2 HOH 50 223 50 HOH HOH A . 
B 2 HOH 51 224 51 HOH HOH A . 
B 2 HOH 52 225 52 HOH HOH A . 
B 2 HOH 53 226 53 HOH HOH A . 
B 2 HOH 54 227 54 HOH HOH A . 
B 2 HOH 55 228 55 HOH HOH A . 
B 2 HOH 56 229 56 HOH HOH A . 
B 2 HOH 57 230 57 HOH HOH A . 
B 2 HOH 58 231 58 HOH HOH A . 
B 2 HOH 59 232 59 HOH HOH A . 
B 2 HOH 60 233 60 HOH HOH A . 
B 2 HOH 61 234 61 HOH HOH A . 
B 2 HOH 62 235 62 HOH HOH A . 
B 2 HOH 63 236 63 HOH HOH A . 
B 2 HOH 64 237 64 HOH HOH A . 
B 2 HOH 65 238 65 HOH HOH A . 
B 2 HOH 66 239 66 HOH HOH A . 
B 2 HOH 67 240 67 HOH HOH A . 
B 2 HOH 68 241 68 HOH HOH A . 
B 2 HOH 69 242 69 HOH HOH A . 
B 2 HOH 70 243 70 HOH HOH A . 
B 2 HOH 71 244 71 HOH HOH A . 
# 
loop_
_software.name 
_software.classification 
_software.version 
_software.citation_id 
_software.pdbx_ordinal 
Crystal      'data collection' Clear          ? 1 
HKL-2000     'data reduction'  .              ? 2 
SOLVE        phasing           .              ? 3 
CNS          refinement        1.1            ? 4 
CrystalClear 'data reduction'  '(MSC/RIGAKU)' ? 5 
HKL-2000     'data scaling'    .              ? 6 
# 
_cell.entry_id           1WY6 
_cell.length_a           36.370 
_cell.length_b           50.440 
_cell.length_c           82.310 
_cell.angle_alpha        90.00 
_cell.angle_beta         90.00 
_cell.angle_gamma        90.00 
_cell.Z_PDB              4 
_cell.pdbx_unique_axis   ? 
# 
_symmetry.entry_id                         1WY6 
_symmetry.space_group_name_H-M             'P 21 21 21' 
_symmetry.pdbx_full_space_group_name_H-M   ? 
_symmetry.cell_setting                     ? 
_symmetry.Int_Tables_number                19 
_symmetry.space_group_name_Hall            ? 
# 
_exptl.entry_id          1WY6 
_exptl.method            'X-RAY DIFFRACTION' 
_exptl.crystals_number   2 
# 
_exptl_crystal.id                    1 
_exptl_crystal.density_meas          ? 
_exptl_crystal.density_Matthews      1.9 
_exptl_crystal.density_percent_sol   35.9 
_exptl_crystal.description           ? 
_exptl_crystal.F_000                 ? 
_exptl_crystal.preparation           ? 
# 
_exptl_crystal_grow.crystal_id      1 
_exptl_crystal_grow.method          'VAPOR DIFFUSION, SITTING DROP' 
_exptl_crystal_grow.temp            293 
_exptl_crystal_grow.temp_details    ? 
_exptl_crystal_grow.pH              4.2 
_exptl_crystal_grow.pdbx_details    
'20% PEG 8000, 100mM phosphate/citrate, 100mM NaCl, pH 4.2, VAPOR DIFFUSION, SITTING DROP, temperature 293K' 
_exptl_crystal_grow.pdbx_pH_range   . 
# 
_diffrn.id                     1 
_diffrn.ambient_temp           100 
_diffrn.ambient_temp_details   ? 
_diffrn.crystal_id             1 
# 
_diffrn_detector.diffrn_id              1 
_diffrn_detector.detector               'IMAGE PLATE' 
_diffrn_detector.type                   'RIGAKU RAXIS VII' 
_diffrn_detector.pdbx_collection_date   2003-10-24 
_diffrn_detector.details                ? 
# 
_diffrn_radiation.diffrn_id                        1 
_diffrn_radiation.wavelength_id                    1 
_diffrn_radiation.pdbx_monochromatic_or_laue_m_l   M 
_diffrn_radiation.monochromator                    SI 
_diffrn_radiation.pdbx_diffrn_protocol             'SINGLE WAVELENGTH' 
_diffrn_radiation.pdbx_scattering_type             x-ray 
# 
_diffrn_radiation_wavelength.id           1 
_diffrn_radiation_wavelength.wavelength   1.5418 
_diffrn_radiation_wavelength.wt           1.0 
# 
_diffrn_source.diffrn_id                   1 
_diffrn_source.source                      'ROTATING ANODE' 
_diffrn_source.type                        RIGAKU 
_diffrn_source.pdbx_synchrotron_site       ? 
_diffrn_source.pdbx_synchrotron_beamline   ? 
_diffrn_source.pdbx_wavelength             ? 
_diffrn_source.pdbx_wavelength_list        1.5418 
# 
_reflns.entry_id                     1WY6 
_reflns.observed_criterion_sigma_F   ? 
_reflns.observed_criterion_sigma_I   ? 
_reflns.d_resolution_high            2.2 
_reflns.d_resolution_low             500 
_reflns.number_all                   ? 
_reflns.number_obs                   127292 
_reflns.percent_possible_obs         ? 
_reflns.pdbx_Rmerge_I_obs            ? 
_reflns.pdbx_Rsym_value              ? 
_reflns.pdbx_netI_over_sigmaI        ? 
_reflns.B_iso_Wilson_estimate        15.5 
_reflns.pdbx_redundancy              ? 
_reflns.R_free_details               ? 
_reflns.limit_h_max                  ? 
_reflns.limit_h_min                  ? 
_reflns.limit_k_max                  ? 
_reflns.limit_k_min                  ? 
_reflns.limit_l_max                  ? 
_reflns.limit_l_min                  ? 
_reflns.observed_criterion_F_max     ? 
_reflns.observed_criterion_F_min     ? 
_reflns.pdbx_chi_squared             ? 
_reflns.pdbx_scaling_rejects         ? 
_reflns.pdbx_diffrn_id               1 
_reflns.pdbx_ordinal                 1 
# 
_refine.entry_id                                 1WY6 
_refine.ls_d_res_high                            2.2 
_refine.ls_d_res_low                             50.0 
_refine.pdbx_ls_sigma_F                          0 
_refine.pdbx_ls_sigma_I                          ? 
_refine.ls_number_reflns_all                     ? 
_refine.ls_number_reflns_obs                     127292 
_refine.ls_number_reflns_R_free                  ? 
_refine.ls_percent_reflns_obs                    ? 
_refine.ls_R_factor_all                          ? 
_refine.ls_R_factor_obs                          ? 
_refine.ls_R_factor_R_work                       0.222 
_refine.ls_R_factor_R_free                       0.275 
_refine.ls_redundancy_reflns_obs                 ? 
_refine.pdbx_data_cutoff_high_absF               ? 
_refine.pdbx_data_cutoff_low_absF                ? 
_refine.ls_number_parameters                     ? 
_refine.ls_number_restraints                     ? 
_refine.ls_percent_reflns_R_free                 ? 
_refine.ls_R_factor_R_free_error                 ? 
_refine.ls_R_factor_R_free_error_details         ? 
_refine.pdbx_method_to_determine_struct          MIRAS 
_refine.pdbx_starting_model                      ? 
_refine.pdbx_ls_cross_valid_method               ? 
_refine.pdbx_R_Free_selection_details            ? 
_refine.pdbx_stereochem_target_val_spec_case     ? 
_refine.pdbx_stereochemistry_target_values       ? 
_refine.solvent_model_details                    ? 
_refine.solvent_model_param_bsol                 ? 
_refine.solvent_model_param_ksol                 ? 
_refine.occupancy_max                            ? 
_refine.occupancy_min                            ? 
_refine.pdbx_isotropic_thermal_model             ? 
_refine.B_iso_mean                               ? 
_refine.aniso_B[1][1]                            ? 
_refine.aniso_B[1][2]                            ? 
_refine.aniso_B[1][3]                            ? 
_refine.aniso_B[2][2]                            ? 
_refine.aniso_B[2][3]                            ? 
_refine.aniso_B[3][3]                            ? 
_refine.details                                  ? 
_refine.B_iso_min                                ? 
_refine.B_iso_max                                ? 
_refine.correlation_coeff_Fo_to_Fc               ? 
_refine.correlation_coeff_Fo_to_Fc_free          ? 
_refine.pdbx_solvent_vdw_probe_radii             ? 
_refine.pdbx_solvent_ion_probe_radii             ? 
_refine.pdbx_solvent_shrinkage_radii             ? 
_refine.overall_SU_R_Cruickshank_DPI             ? 
_refine.overall_SU_R_free                        ? 
_refine.overall_SU_B                             ? 
_refine.overall_SU_ML                            ? 
_refine.pdbx_overall_ESU_R                       ? 
_refine.pdbx_overall_ESU_R_Free                  ? 
_refine.pdbx_data_cutoff_high_rms_absF           ? 
_refine.ls_wR_factor_R_free                      ? 
_refine.ls_wR_factor_R_work                      ? 
_refine.overall_FOM_free_R_set                   ? 
_refine.overall_FOM_work_R_set                   ? 
_refine.pdbx_refine_id                           'X-RAY DIFFRACTION' 
_refine.pdbx_diffrn_id                           1 
_refine.pdbx_TLS_residual_ADP_flag               ? 
_refine.pdbx_overall_phase_error                 ? 
_refine.pdbx_overall_SU_R_free_Cruickshank_DPI   ? 
_refine.pdbx_overall_SU_R_Blow_DPI               ? 
_refine.pdbx_overall_SU_R_free_Blow_DPI          ? 
# 
_refine_hist.pdbx_refine_id                   'X-RAY DIFFRACTION' 
_refine_hist.cycle_id                         LAST 
_refine_hist.pdbx_number_atoms_protein        1254 
_refine_hist.pdbx_number_atoms_nucleic_acid   0 
_refine_hist.pdbx_number_atoms_ligand         0 
_refine_hist.number_atoms_solvent             71 
_refine_hist.number_atoms_total               1325 
_refine_hist.d_res_high                       2.2 
_refine_hist.d_res_low                        50.0 
# 
_struct.entry_id                  1WY6 
_struct.title                     
'Crystal Structure of Hypothetical Protein [ST1625p] from Hyperthermophilic Archaeon Sulfolobus tokodaii' 
_struct.pdbx_model_details        ? 
_struct.pdbx_CASP_flag            ? 
_struct.pdbx_model_type_details   ? 
# 
_struct_keywords.entry_id        1WY6 
_struct_keywords.pdbx_keywords   'STRUCTURAL GENOMICS, UNKNOWN FUNCTION' 
_struct_keywords.text            'hypothetical protein, helical repeat protein, structural genomics, UNKNOWN FUNCTION' 
# 
loop_
_struct_asym.id 
_struct_asym.pdbx_blank_PDB_chainid_flag 
_struct_asym.pdbx_modified 
_struct_asym.entity_id 
_struct_asym.details 
A N N 1 ? 
B N N 2 ? 
# 
_struct_ref.id                         1 
_struct_ref.db_name                    UNP 
_struct_ref.db_code                    Q970G9_SULTO 
_struct_ref.pdbx_db_accession          Q970G9 
_struct_ref.entity_id                  1 
_struct_ref.pdbx_seq_one_letter_code   
;TIVKSEIIRKLMDAKKFLLDGYIDEGVKIVLEITKSSTKSEYNWFICNLLESIDCRYMFQVLDKIGSYFDLDKCQNLKSV
VECGVINNTLNEHVNKALDILVIQGKRDKLEEIGREILKNNEVSASILVAIANALRRVGDERDATTLLIEACKKGEKEAC
NAVNTLTVRSVM
;
_struct_ref.pdbx_align_begin           2 
_struct_ref.pdbx_db_isoform            ? 
# 
_struct_ref_seq.align_id                      1 
_struct_ref_seq.ref_id                        1 
_struct_ref_seq.pdbx_PDB_id_code              1WY6 
_struct_ref_seq.pdbx_strand_id                A 
_struct_ref_seq.seq_align_beg                 1 
_struct_ref_seq.pdbx_seq_align_beg_ins_code   ? 
_struct_ref_seq.seq_align_end                 172 
_struct_ref_seq.pdbx_seq_align_end_ins_code   ? 
_struct_ref_seq.pdbx_db_accession             Q970G9 
_struct_ref_seq.db_align_beg                  2 
_struct_ref_seq.pdbx_db_align_beg_ins_code    ? 
_struct_ref_seq.db_align_end                  173 
_struct_ref_seq.pdbx_db_align_end_ins_code    ? 
_struct_ref_seq.pdbx_auth_seq_align_beg       2 
_struct_ref_seq.pdbx_auth_seq_align_end       173 
# 
_pdbx_struct_assembly.id                   1 
_pdbx_struct_assembly.details              author_defined_assembly 
_pdbx_struct_assembly.method_details       ? 
_pdbx_struct_assembly.oligomeric_details   monomeric 
_pdbx_struct_assembly.oligomeric_count     1 
# 
_pdbx_struct_assembly_gen.assembly_id       1 
_pdbx_struct_assembly_gen.oper_expression   1 
_pdbx_struct_assembly_gen.asym_id_list      A,B 
# 
_pdbx_struct_oper_list.id                   1 
_pdbx_struct_oper_list.type                 'identity operation' 
_pdbx_struct_oper_list.name                 1_555 
_pdbx_struct_oper_list.symmetry_operation   x,y,z 
_pdbx_struct_oper_list.matrix[1][1]         1.0000000000 
_pdbx_struct_oper_list.matrix[1][2]         0.0000000000 
_pdbx_struct_oper_list.matrix[1][3]         0.0000000000 
_pdbx_struct_oper_list.vector[1]            0.0000000000 
_pdbx_struct_oper_list.matrix[2][1]         0.0000000000 
_pdbx_struct_oper_list.matrix[2][2]         1.0000000000 
_pdbx_struct_oper_list.matrix[2][3]         0.0000000000 
_pdbx_struct_oper_list.vector[2]            0.0000000000 
_pdbx_struct_oper_list.matrix[3][1]         0.0000000000 
_pdbx_struct_oper_list.matrix[3][2]         0.0000000000 
_pdbx_struct_oper_list.matrix[3][3]         1.0000000000 
_pdbx_struct_oper_list.vector[3]            0.0000000000 
# 
loop_
_struct_conf.conf_type_id 
_struct_conf.id 
_struct_conf.pdbx_PDB_helix_id 
_struct_conf.beg_label_comp_id 
_struct_conf.beg_label_asym_id 
_struct_conf.beg_label_seq_id 
_struct_conf.pdbx_beg_PDB_ins_code 
_struct_conf.end_label_comp_id 
_struct_conf.end_label_asym_id 
_struct_conf.end_label_seq_id 
_struct_conf.pdbx_end_PDB_ins_code 
_struct_conf.beg_auth_comp_id 
_struct_conf.beg_auth_asym_id 
_struct_conf.beg_auth_seq_id 
_struct_conf.end_auth_comp_id 
_struct_conf.end_auth_asym_id 
_struct_conf.end_auth_seq_id 
_struct_conf.pdbx_PDB_helix_class 
_struct_conf.details 
_struct_conf.pdbx_PDB_helix_length 
HELX_P HELX_P1  1  GLU A 6   ? ASP A 20  ? GLU A 7   ASP A 21  1 ? 15 
HELX_P HELX_P2  2  TYR A 22  ? SER A 37  ? TYR A 23  SER A 38  1 ? 16 
HELX_P HELX_P3  3  THR A 38  ? ASN A 43  ? THR A 39  ASN A 44  1 ? 6  
HELX_P HELX_P4  4  ASN A 43  ? ILE A 53  ? ASN A 44  ILE A 54  1 ? 11 
HELX_P HELX_P5  5  ASP A 54  ? GLY A 66  ? ASP A 55  GLY A 67  1 ? 13 
HELX_P HELX_P6  6  SER A 67  ? PHE A 69  ? SER A 68  PHE A 70  5 ? 3  
HELX_P HELX_P7  7  ASP A 70  ? CYS A 74  ? ASP A 71  CYS A 75  5 ? 5  
HELX_P HELX_P8  8  LEU A 77  ? ASN A 87  ? LEU A 78  ASN A 88  1 ? 11 
HELX_P HELX_P9  9  ASN A 91  ? GLN A 104 ? ASN A 92  GLN A 105 1 ? 14 
HELX_P HELX_P10 10 LYS A 106 ? LEU A 118 ? LYS A 107 LEU A 119 1 ? 13 
HELX_P HELX_P11 11 SER A 124 ? VAL A 138 ? SER A 125 VAL A 139 1 ? 15 
HELX_P HELX_P12 12 ASP A 140 ? LYS A 154 ? ASP A 141 LYS A 155 1 ? 15 
HELX_P HELX_P13 13 GLU A 156 ? THR A 165 ? GLU A 157 THR A 166 1 ? 10 
# 
_struct_conf_type.id          HELX_P 
_struct_conf_type.criteria    ? 
_struct_conf_type.reference   ? 
# 
loop_
_struct_conn.id 
_struct_conn.conn_type_id 
_struct_conn.pdbx_leaving_atom_flag 
_struct_conn.pdbx_PDB_id 
_struct_conn.ptnr1_label_asym_id 
_struct_conn.ptnr1_label_comp_id 
_struct_conn.ptnr1_label_seq_id 
_struct_conn.ptnr1_label_atom_id 
_struct_conn.pdbx_ptnr1_label_alt_id 
_struct_conn.pdbx_ptnr1_PDB_ins_code 
_struct_conn.pdbx_ptnr1_standard_comp_id 
_struct_conn.ptnr1_symmetry 
_struct_conn.ptnr2_label_asym_id 
_struct_conn.ptnr2_label_comp_id 
_struct_conn.ptnr2_label_seq_id 
_struct_conn.ptnr2_label_atom_id 
_struct_conn.pdbx_ptnr2_label_alt_id 
_struct_conn.pdbx_ptnr2_PDB_ins_code 
_struct_conn.ptnr1_auth_asym_id 
_struct_conn.ptnr1_auth_comp_id 
_struct_conn.ptnr1_auth_seq_id 
_struct_conn.ptnr2_auth_asym_id 
_struct_conn.ptnr2_auth_comp_id 
_struct_conn.ptnr2_auth_seq_id 
_struct_conn.ptnr2_symmetry 
_struct_conn.pdbx_ptnr3_label_atom_id 
_struct_conn.pdbx_ptnr3_label_seq_id 
_struct_conn.pdbx_ptnr3_label_comp_id 
_struct_conn.pdbx_ptnr3_label_asym_id 
_struct_conn.pdbx_ptnr3_label_alt_id 
_struct_conn.pdbx_ptnr3_PDB_ins_code 
_struct_conn.details 
_struct_conn.pdbx_dist_value 
_struct_conn.pdbx_value_order 
_struct_conn.pdbx_role 
disulf1 disulf ? ? A CYS 47  SG ? ? ? 1_555 A CYS 74  SG ? ? A CYS 48  A CYS 75  1_555 ? ? ? ? ? ? ? 2.030 ? ? 
disulf2 disulf ? ? A CYS 55  SG ? ? ? 1_555 A CYS 83  SG ? ? A CYS 56  A CYS 84  1_555 ? ? ? ? ? ? ? 2.032 ? ? 
disulf3 disulf ? ? A CYS 152 SG ? ? ? 1_555 A CYS 160 SG ? ? A CYS 153 A CYS 161 1_555 ? ? ? ? ? ? ? 2.029 ? ? 
# 
_struct_conn_type.id          disulf 
_struct_conn_type.criteria    ? 
_struct_conn_type.reference   ? 
# 
loop_
_pdbx_modification_feature.ordinal 
_pdbx_modification_feature.label_comp_id 
_pdbx_modification_feature.label_asym_id 
_pdbx_modification_feature.label_seq_id 
_pdbx_modification_feature.label_alt_id 
_pdbx_modification_feature.modified_residue_label_comp_id 
_pdbx_modification_feature.modified_residue_label_asym_id 
_pdbx_modification_feature.modified_residue_label_seq_id 
_pdbx_modification_feature.modified_residue_label_alt_id 
_pdbx_modification_feature.auth_comp_id 
_pdbx_modification_feature.auth_asym_id 
_pdbx_modification_feature.auth_seq_id 
_pdbx_modification_feature.PDB_ins_code 
_pdbx_modification_feature.symmetry 
_pdbx_modification_feature.modified_residue_auth_comp_id 
_pdbx_modification_feature.modified_residue_auth_asym_id 
_pdbx_modification_feature.modified_residue_auth_seq_id 
_pdbx_modification_feature.modified_residue_PDB_ins_code 
_pdbx_modification_feature.modified_residue_symmetry 
_pdbx_modification_feature.comp_id_linking_atom 
_pdbx_modification_feature.modified_residue_id_linking_atom 
_pdbx_modification_feature.modified_residue_id 
_pdbx_modification_feature.ref_pcm_id 
_pdbx_modification_feature.ref_comp_id 
_pdbx_modification_feature.type 
_pdbx_modification_feature.category 
1 CYS A 47  ? CYS A 74  ? CYS A 48  ? 1_555 CYS A 75  ? 1_555 SG SG . . . None 'Disulfide bridge' 
2 CYS A 55  ? CYS A 83  ? CYS A 56  ? 1_555 CYS A 84  ? 1_555 SG SG . . . None 'Disulfide bridge' 
3 CYS A 152 ? CYS A 160 ? CYS A 153 ? 1_555 CYS A 161 ? 1_555 SG SG . . . None 'Disulfide bridge' 
# 
_pdbx_entry_details.entry_id                   1WY6 
_pdbx_entry_details.compound_details           ? 
_pdbx_entry_details.source_details             ? 
_pdbx_entry_details.nonpolymer_details         ? 
_pdbx_entry_details.sequence_details           ? 
_pdbx_entry_details.has_ligand_of_interest     ? 
_pdbx_entry_details.has_protein_modification   Y 
# 
loop_
_pdbx_validate_torsion.id 
_pdbx_validate_torsion.PDB_model_num 
_pdbx_validate_torsion.auth_comp_id 
_pdbx_validate_torsion.auth_asym_id 
_pdbx_validate_torsion.auth_seq_id 
_pdbx_validate_torsion.PDB_ins_code 
_pdbx_validate_torsion.label_alt_id 
_pdbx_validate_torsion.phi 
_pdbx_validate_torsion.psi 
1 1 SER A 41  ? ? -63.83  41.46  
2 1 GLU A 42  ? ? -152.69 -33.30 
3 1 ASP A 141 ? ? -100.42 71.61  
# 
loop_
_pdbx_unobs_or_zero_occ_residues.id 
_pdbx_unobs_or_zero_occ_residues.PDB_model_num 
_pdbx_unobs_or_zero_occ_residues.polymer_flag 
_pdbx_unobs_or_zero_occ_residues.occupancy_flag 
_pdbx_unobs_or_zero_occ_residues.auth_asym_id 
_pdbx_unobs_or_zero_occ_residues.auth_comp_id 
_pdbx_unobs_or_zero_occ_residues.auth_seq_id 
_pdbx_unobs_or_zero_occ_residues.PDB_ins_code 
_pdbx_unobs_or_zero_occ_residues.label_asym_id 
_pdbx_unobs_or_zero_occ_residues.label_comp_id 
_pdbx_unobs_or_zero_occ_residues.label_seq_id 
1  1 Y 1 A THR 2   ? A THR 1   
2  1 Y 1 A ILE 3   ? A ILE 2   
3  1 Y 1 A VAL 4   ? A VAL 3   
4  1 Y 1 A LYS 5   ? A LYS 4   
5  1 Y 1 A SER 6   ? A SER 5   
6  1 Y 1 A LYS 120 ? A LYS 119 
7  1 Y 1 A ASN 121 ? A ASN 120 
8  1 Y 1 A THR 168 ? A THR 167 
9  1 Y 1 A VAL 169 ? A VAL 168 
10 1 Y 1 A ARG 170 ? A ARG 169 
11 1 Y 1 A SER 171 ? A SER 170 
12 1 Y 1 A VAL 172 ? A VAL 171 
13 1 Y 1 A MET 173 ? A MET 172 
# 
loop_
_chem_comp_atom.comp_id 
_chem_comp_atom.atom_id 
_chem_comp_atom.type_symbol 
_chem_comp_atom.pdbx_aromatic_flag 
_chem_comp_atom.pdbx_stereo_config 
_chem_comp_atom.pdbx_ordinal 
ALA N    N N N 1   
ALA CA   C N S 2   
ALA C    C N N 3   
ALA O    O N N 4   
ALA CB   C N N 5   
ALA OXT  O N N 6   
ALA H    H N N 7   
ALA H2   H N N 8   
ALA HA   H N N 9   
ALA HB1  H N N 10  
ALA HB2  H N N 11  
ALA HB3  H N N 12  
ALA HXT  H N N 13  
ARG N    N N N 14  
ARG CA   C N S 15  
ARG C    C N N 16  
ARG O    O N N 17  
ARG CB   C N N 18  
ARG CG   C N N 19  
ARG CD   C N N 20  
ARG NE   N N N 21  
ARG CZ   C N N 22  
ARG NH1  N N N 23  
ARG NH2  N N N 24  
ARG OXT  O N N 25  
ARG H    H N N 26  
ARG H2   H N N 27  
ARG HA   H N N 28  
ARG HB2  H N N 29  
ARG HB3  H N N 30  
ARG HG2  H N N 31  
ARG HG3  H N N 32  
ARG HD2  H N N 33  
ARG HD3  H N N 34  
ARG HE   H N N 35  
ARG HH11 H N N 36  
ARG HH12 H N N 37  
ARG HH21 H N N 38  
ARG HH22 H N N 39  
ARG HXT  H N N 40  
ASN N    N N N 41  
ASN CA   C N S 42  
ASN C    C N N 43  
ASN O    O N N 44  
ASN CB   C N N 45  
ASN CG   C N N 46  
ASN OD1  O N N 47  
ASN ND2  N N N 48  
ASN OXT  O N N 49  
ASN H    H N N 50  
ASN H2   H N N 51  
ASN HA   H N N 52  
ASN HB2  H N N 53  
ASN HB3  H N N 54  
ASN HD21 H N N 55  
ASN HD22 H N N 56  
ASN HXT  H N N 57  
ASP N    N N N 58  
ASP CA   C N S 59  
ASP C    C N N 60  
ASP O    O N N 61  
ASP CB   C N N 62  
ASP CG   C N N 63  
ASP OD1  O N N 64  
ASP OD2  O N N 65  
ASP OXT  O N N 66  
ASP H    H N N 67  
ASP H2   H N N 68  
ASP HA   H N N 69  
ASP HB2  H N N 70  
ASP HB3  H N N 71  
ASP HD2  H N N 72  
ASP HXT  H N N 73  
CYS N    N N N 74  
CYS CA   C N R 75  
CYS C    C N N 76  
CYS O    O N N 77  
CYS CB   C N N 78  
CYS SG   S N N 79  
CYS OXT  O N N 80  
CYS H    H N N 81  
CYS H2   H N N 82  
CYS HA   H N N 83  
CYS HB2  H N N 84  
CYS HB3  H N N 85  
CYS HG   H N N 86  
CYS HXT  H N N 87  
GLN N    N N N 88  
GLN CA   C N S 89  
GLN C    C N N 90  
GLN O    O N N 91  
GLN CB   C N N 92  
GLN CG   C N N 93  
GLN CD   C N N 94  
GLN OE1  O N N 95  
GLN NE2  N N N 96  
GLN OXT  O N N 97  
GLN H    H N N 98  
GLN H2   H N N 99  
GLN HA   H N N 100 
GLN HB2  H N N 101 
GLN HB3  H N N 102 
GLN HG2  H N N 103 
GLN HG3  H N N 104 
GLN HE21 H N N 105 
GLN HE22 H N N 106 
GLN HXT  H N N 107 
GLU N    N N N 108 
GLU CA   C N S 109 
GLU C    C N N 110 
GLU O    O N N 111 
GLU CB   C N N 112 
GLU CG   C N N 113 
GLU CD   C N N 114 
GLU OE1  O N N 115 
GLU OE2  O N N 116 
GLU OXT  O N N 117 
GLU H    H N N 118 
GLU H2   H N N 119 
GLU HA   H N N 120 
GLU HB2  H N N 121 
GLU HB3  H N N 122 
GLU HG2  H N N 123 
GLU HG3  H N N 124 
GLU HE2  H N N 125 
GLU HXT  H N N 126 
GLY N    N N N 127 
GLY CA   C N N 128 
GLY C    C N N 129 
GLY O    O N N 130 
GLY OXT  O N N 131 
GLY H    H N N 132 
GLY H2   H N N 133 
GLY HA2  H N N 134 
GLY HA3  H N N 135 
GLY HXT  H N N 136 
HIS N    N N N 137 
HIS CA   C N S 138 
HIS C    C N N 139 
HIS O    O N N 140 
HIS CB   C N N 141 
HIS CG   C Y N 142 
HIS ND1  N Y N 143 
HIS CD2  C Y N 144 
HIS CE1  C Y N 145 
HIS NE2  N Y N 146 
HIS OXT  O N N 147 
HIS H    H N N 148 
HIS H2   H N N 149 
HIS HA   H N N 150 
HIS HB2  H N N 151 
HIS HB3  H N N 152 
HIS HD1  H N N 153 
HIS HD2  H N N 154 
HIS HE1  H N N 155 
HIS HE2  H N N 156 
HIS HXT  H N N 157 
HOH O    O N N 158 
HOH H1   H N N 159 
HOH H2   H N N 160 
ILE N    N N N 161 
ILE CA   C N S 162 
ILE C    C N N 163 
ILE O    O N N 164 
ILE CB   C N S 165 
ILE CG1  C N N 166 
ILE CG2  C N N 167 
ILE CD1  C N N 168 
ILE OXT  O N N 169 
ILE H    H N N 170 
ILE H2   H N N 171 
ILE HA   H N N 172 
ILE HB   H N N 173 
ILE HG12 H N N 174 
ILE HG13 H N N 175 
ILE HG21 H N N 176 
ILE HG22 H N N 177 
ILE HG23 H N N 178 
ILE HD11 H N N 179 
ILE HD12 H N N 180 
ILE HD13 H N N 181 
ILE HXT  H N N 182 
LEU N    N N N 183 
LEU CA   C N S 184 
LEU C    C N N 185 
LEU O    O N N 186 
LEU CB   C N N 187 
LEU CG   C N N 188 
LEU CD1  C N N 189 
LEU CD2  C N N 190 
LEU OXT  O N N 191 
LEU H    H N N 192 
LEU H2   H N N 193 
LEU HA   H N N 194 
LEU HB2  H N N 195 
LEU HB3  H N N 196 
LEU HG   H N N 197 
LEU HD11 H N N 198 
LEU HD12 H N N 199 
LEU HD13 H N N 200 
LEU HD21 H N N 201 
LEU HD22 H N N 202 
LEU HD23 H N N 203 
LEU HXT  H N N 204 
LYS N    N N N 205 
LYS CA   C N S 206 
LYS C    C N N 207 
LYS O    O N N 208 
LYS CB   C N N 209 
LYS CG   C N N 210 
LYS CD   C N N 211 
LYS CE   C N N 212 
LYS NZ   N N N 213 
LYS OXT  O N N 214 
LYS H    H N N 215 
LYS H2   H N N 216 
LYS HA   H N N 217 
LYS HB2  H N N 218 
LYS HB3  H N N 219 
LYS HG2  H N N 220 
LYS HG3  H N N 221 
LYS HD2  H N N 222 
LYS HD3  H N N 223 
LYS HE2  H N N 224 
LYS HE3  H N N 225 
LYS HZ1  H N N 226 
LYS HZ2  H N N 227 
LYS HZ3  H N N 228 
LYS HXT  H N N 229 
MET N    N N N 230 
MET CA   C N S 231 
MET C    C N N 232 
MET O    O N N 233 
MET CB   C N N 234 
MET CG   C N N 235 
MET SD   S N N 236 
MET CE   C N N 237 
MET OXT  O N N 238 
MET H    H N N 239 
MET H2   H N N 240 
MET HA   H N N 241 
MET HB2  H N N 242 
MET HB3  H N N 243 
MET HG2  H N N 244 
MET HG3  H N N 245 
MET HE1  H N N 246 
MET HE2  H N N 247 
MET HE3  H N N 248 
MET HXT  H N N 249 
PHE N    N N N 250 
PHE CA   C N S 251 
PHE C    C N N 252 
PHE O    O N N 253 
PHE CB   C N N 254 
PHE CG   C Y N 255 
PHE CD1  C Y N 256 
PHE CD2  C Y N 257 
PHE CE1  C Y N 258 
PHE CE2  C Y N 259 
PHE CZ   C Y N 260 
PHE OXT  O N N 261 
PHE H    H N N 262 
PHE H2   H N N 263 
PHE HA   H N N 264 
PHE HB2  H N N 265 
PHE HB3  H N N 266 
PHE HD1  H N N 267 
PHE HD2  H N N 268 
PHE HE1  H N N 269 
PHE HE2  H N N 270 
PHE HZ   H N N 271 
PHE HXT  H N N 272 
SER N    N N N 273 
SER CA   C N S 274 
SER C    C N N 275 
SER O    O N N 276 
SER CB   C N N 277 
SER OG   O N N 278 
SER OXT  O N N 279 
SER H    H N N 280 
SER H2   H N N 281 
SER HA   H N N 282 
SER HB2  H N N 283 
SER HB3  H N N 284 
SER HG   H N N 285 
SER HXT  H N N 286 
THR N    N N N 287 
THR CA   C N S 288 
THR C    C N N 289 
THR O    O N N 290 
THR CB   C N R 291 
THR OG1  O N N 292 
THR CG2  C N N 293 
THR OXT  O N N 294 
THR H    H N N 295 
THR H2   H N N 296 
THR HA   H N N 297 
THR HB   H N N 298 
THR HG1  H N N 299 
THR HG21 H N N 300 
THR HG22 H N N 301 
THR HG23 H N N 302 
THR HXT  H N N 303 
TRP N    N N N 304 
TRP CA   C N S 305 
TRP C    C N N 306 
TRP O    O N N 307 
TRP CB   C N N 308 
TRP CG   C Y N 309 
TRP CD1  C Y N 310 
TRP CD2  C Y N 311 
TRP NE1  N Y N 312 
TRP CE2  C Y N 313 
TRP CE3  C Y N 314 
TRP CZ2  C Y N 315 
TRP CZ3  C Y N 316 
TRP CH2  C Y N 317 
TRP OXT  O N N 318 
TRP H    H N N 319 
TRP H2   H N N 320 
TRP HA   H N N 321 
TRP HB2  H N N 322 
TRP HB3  H N N 323 
TRP HD1  H N N 324 
TRP HE1  H N N 325 
TRP HE3  H N N 326 
TRP HZ2  H N N 327 
TRP HZ3  H N N 328 
TRP HH2  H N N 329 
TRP HXT  H N N 330 
TYR N    N N N 331 
TYR CA   C N S 332 
TYR C    C N N 333 
TYR O    O N N 334 
TYR CB   C N N 335 
TYR CG   C Y N 336 
TYR CD1  C Y N 337 
TYR CD2  C Y N 338 
TYR CE1  C Y N 339 
TYR CE2  C Y N 340 
TYR CZ   C Y N 341 
TYR OH   O N N 342 
TYR OXT  O N N 343 
TYR H    H N N 344 
TYR H2   H N N 345 
TYR HA   H N N 346 
TYR HB2  H N N 347 
TYR HB3  H N N 348 
TYR HD1  H N N 349 
TYR HD2  H N N 350 
TYR HE1  H N N 351 
TYR HE2  H N N 352 
TYR HH   H N N 353 
TYR HXT  H N N 354 
VAL N    N N N 355 
VAL CA   C N S 356 
VAL C    C N N 357 
VAL O    O N N 358 
VAL CB   C N N 359 
VAL CG1  C N N 360 
VAL CG2  C N N 361 
VAL OXT  O N N 362 
VAL H    H N N 363 
VAL H2   H N N 364 
VAL HA   H N N 365 
VAL HB   H N N 366 
VAL HG11 H N N 367 
VAL HG12 H N N 368 
VAL HG13 H N N 369 
VAL HG21 H N N 370 
VAL HG22 H N N 371 
VAL HG23 H N N 372 
VAL HXT  H N N 373 
# 
loop_
_chem_comp_bond.comp_id 
_chem_comp_bond.atom_id_1 
_chem_comp_bond.atom_id_2 
_chem_comp_bond.value_order 
_chem_comp_bond.pdbx_aromatic_flag 
_chem_comp_bond.pdbx_stereo_config 
_chem_comp_bond.pdbx_ordinal 
ALA N   CA   sing N N 1   
ALA N   H    sing N N 2   
ALA N   H2   sing N N 3   
ALA CA  C    sing N N 4   
ALA CA  CB   sing N N 5   
ALA CA  HA   sing N N 6   
ALA C   O    doub N N 7   
ALA C   OXT  sing N N 8   
ALA CB  HB1  sing N N 9   
ALA CB  HB2  sing N N 10  
ALA CB  HB3  sing N N 11  
ALA OXT HXT  sing N N 12  
ARG N   CA   sing N N 13  
ARG N   H    sing N N 14  
ARG N   H2   sing N N 15  
ARG CA  C    sing N N 16  
ARG CA  CB   sing N N 17  
ARG CA  HA   sing N N 18  
ARG C   O    doub N N 19  
ARG C   OXT  sing N N 20  
ARG CB  CG   sing N N 21  
ARG CB  HB2  sing N N 22  
ARG CB  HB3  sing N N 23  
ARG CG  CD   sing N N 24  
ARG CG  HG2  sing N N 25  
ARG CG  HG3  sing N N 26  
ARG CD  NE   sing N N 27  
ARG CD  HD2  sing N N 28  
ARG CD  HD3  sing N N 29  
ARG NE  CZ   sing N N 30  
ARG NE  HE   sing N N 31  
ARG CZ  NH1  sing N N 32  
ARG CZ  NH2  doub N N 33  
ARG NH1 HH11 sing N N 34  
ARG NH1 HH12 sing N N 35  
ARG NH2 HH21 sing N N 36  
ARG NH2 HH22 sing N N 37  
ARG OXT HXT  sing N N 38  
ASN N   CA   sing N N 39  
ASN N   H    sing N N 40  
ASN N   H2   sing N N 41  
ASN CA  C    sing N N 42  
ASN CA  CB   sing N N 43  
ASN CA  HA   sing N N 44  
ASN C   O    doub N N 45  
ASN C   OXT  sing N N 46  
ASN CB  CG   sing N N 47  
ASN CB  HB2  sing N N 48  
ASN CB  HB3  sing N N 49  
ASN CG  OD1  doub N N 50  
ASN CG  ND2  sing N N 51  
ASN ND2 HD21 sing N N 52  
ASN ND2 HD22 sing N N 53  
ASN OXT HXT  sing N N 54  
ASP N   CA   sing N N 55  
ASP N   H    sing N N 56  
ASP N   H2   sing N N 57  
ASP CA  C    sing N N 58  
ASP CA  CB   sing N N 59  
ASP CA  HA   sing N N 60  
ASP C   O    doub N N 61  
ASP C   OXT  sing N N 62  
ASP CB  CG   sing N N 63  
ASP CB  HB2  sing N N 64  
ASP CB  HB3  sing N N 65  
ASP CG  OD1  doub N N 66  
ASP CG  OD2  sing N N 67  
ASP OD2 HD2  sing N N 68  
ASP OXT HXT  sing N N 69  
CYS N   CA   sing N N 70  
CYS N   H    sing N N 71  
CYS N   H2   sing N N 72  
CYS CA  C    sing N N 73  
CYS CA  CB   sing N N 74  
CYS CA  HA   sing N N 75  
CYS C   O    doub N N 76  
CYS C   OXT  sing N N 77  
CYS CB  SG   sing N N 78  
CYS CB  HB2  sing N N 79  
CYS CB  HB3  sing N N 80  
CYS SG  HG   sing N N 81  
CYS OXT HXT  sing N N 82  
GLN N   CA   sing N N 83  
GLN N   H    sing N N 84  
GLN N   H2   sing N N 85  
GLN CA  C    sing N N 86  
GLN CA  CB   sing N N 87  
GLN CA  HA   sing N N 88  
GLN C   O    doub N N 89  
GLN C   OXT  sing N N 90  
GLN CB  CG   sing N N 91  
GLN CB  HB2  sing N N 92  
GLN CB  HB3  sing N N 93  
GLN CG  CD   sing N N 94  
GLN CG  HG2  sing N N 95  
GLN CG  HG3  sing N N 96  
GLN CD  OE1  doub N N 97  
GLN CD  NE2  sing N N 98  
GLN NE2 HE21 sing N N 99  
GLN NE2 HE22 sing N N 100 
GLN OXT HXT  sing N N 101 
GLU N   CA   sing N N 102 
GLU N   H    sing N N 103 
GLU N   H2   sing N N 104 
GLU CA  C    sing N N 105 
GLU CA  CB   sing N N 106 
GLU CA  HA   sing N N 107 
GLU C   O    doub N N 108 
GLU C   OXT  sing N N 109 
GLU CB  CG   sing N N 110 
GLU CB  HB2  sing N N 111 
GLU CB  HB3  sing N N 112 
GLU CG  CD   sing N N 113 
GLU CG  HG2  sing N N 114 
GLU CG  HG3  sing N N 115 
GLU CD  OE1  doub N N 116 
GLU CD  OE2  sing N N 117 
GLU OE2 HE2  sing N N 118 
GLU OXT HXT  sing N N 119 
GLY N   CA   sing N N 120 
GLY N   H    sing N N 121 
GLY N   H2   sing N N 122 
GLY CA  C    sing N N 123 
GLY CA  HA2  sing N N 124 
GLY CA  HA3  sing N N 125 
GLY C   O    doub N N 126 
GLY C   OXT  sing N N 127 
GLY OXT HXT  sing N N 128 
HIS N   CA   sing N N 129 
HIS N   H    sing N N 130 
HIS N   H2   sing N N 131 
HIS CA  C    sing N N 132 
HIS CA  CB   sing N N 133 
HIS CA  HA   sing N N 134 
HIS C   O    doub N N 135 
HIS C   OXT  sing N N 136 
HIS CB  CG   sing N N 137 
HIS CB  HB2  sing N N 138 
HIS CB  HB3  sing N N 139 
HIS CG  ND1  sing Y N 140 
HIS CG  CD2  doub Y N 141 
HIS ND1 CE1  doub Y N 142 
HIS ND1 HD1  sing N N 143 
HIS CD2 NE2  sing Y N 144 
HIS CD2 HD2  sing N N 145 
HIS CE1 NE2  sing Y N 146 
HIS CE1 HE1  sing N N 147 
HIS NE2 HE2  sing N N 148 
HIS OXT HXT  sing N N 149 
HOH O   H1   sing N N 150 
HOH O   H2   sing N N 151 
ILE N   CA   sing N N 152 
ILE N   H    sing N N 153 
ILE N   H2   sing N N 154 
ILE CA  C    sing N N 155 
ILE CA  CB   sing N N 156 
ILE CA  HA   sing N N 157 
ILE C   O    doub N N 158 
ILE C   OXT  sing N N 159 
ILE CB  CG1  sing N N 160 
ILE CB  CG2  sing N N 161 
ILE CB  HB   sing N N 162 
ILE CG1 CD1  sing N N 163 
ILE CG1 HG12 sing N N 164 
ILE CG1 HG13 sing N N 165 
ILE CG2 HG21 sing N N 166 
ILE CG2 HG22 sing N N 167 
ILE CG2 HG23 sing N N 168 
ILE CD1 HD11 sing N N 169 
ILE CD1 HD12 sing N N 170 
ILE CD1 HD13 sing N N 171 
ILE OXT HXT  sing N N 172 
LEU N   CA   sing N N 173 
LEU N   H    sing N N 174 
LEU N   H2   sing N N 175 
LEU CA  C    sing N N 176 
LEU CA  CB   sing N N 177 
LEU CA  HA   sing N N 178 
LEU C   O    doub N N 179 
LEU C   OXT  sing N N 180 
LEU CB  CG   sing N N 181 
LEU CB  HB2  sing N N 182 
LEU CB  HB3  sing N N 183 
LEU CG  CD1  sing N N 184 
LEU CG  CD2  sing N N 185 
LEU CG  HG   sing N N 186 
LEU CD1 HD11 sing N N 187 
LEU CD1 HD12 sing N N 188 
LEU CD1 HD13 sing N N 189 
LEU CD2 HD21 sing N N 190 
LEU CD2 HD22 sing N N 191 
LEU CD2 HD23 sing N N 192 
LEU OXT HXT  sing N N 193 
LYS N   CA   sing N N 194 
LYS N   H    sing N N 195 
LYS N   H2   sing N N 196 
LYS CA  C    sing N N 197 
LYS CA  CB   sing N N 198 
LYS CA  HA   sing N N 199 
LYS C   O    doub N N 200 
LYS C   OXT  sing N N 201 
LYS CB  CG   sing N N 202 
LYS CB  HB2  sing N N 203 
LYS CB  HB3  sing N N 204 
LYS CG  CD   sing N N 205 
LYS CG  HG2  sing N N 206 
LYS CG  HG3  sing N N 207 
LYS CD  CE   sing N N 208 
LYS CD  HD2  sing N N 209 
LYS CD  HD3  sing N N 210 
LYS CE  NZ   sing N N 211 
LYS CE  HE2  sing N N 212 
LYS CE  HE3  sing N N 213 
LYS NZ  HZ1  sing N N 214 
LYS NZ  HZ2  sing N N 215 
LYS NZ  HZ3  sing N N 216 
LYS OXT HXT  sing N N 217 
MET N   CA   sing N N 218 
MET N   H    sing N N 219 
MET N   H2   sing N N 220 
MET CA  C    sing N N 221 
MET CA  CB   sing N N 222 
MET CA  HA   sing N N 223 
MET C   O    doub N N 224 
MET C   OXT  sing N N 225 
MET CB  CG   sing N N 226 
MET CB  HB2  sing N N 227 
MET CB  HB3  sing N N 228 
MET CG  SD   sing N N 229 
MET CG  HG2  sing N N 230 
MET CG  HG3  sing N N 231 
MET SD  CE   sing N N 232 
MET CE  HE1  sing N N 233 
MET CE  HE2  sing N N 234 
MET CE  HE3  sing N N 235 
MET OXT HXT  sing N N 236 
PHE N   CA   sing N N 237 
PHE N   H    sing N N 238 
PHE N   H2   sing N N 239 
PHE CA  C    sing N N 240 
PHE CA  CB   sing N N 241 
PHE CA  HA   sing N N 242 
PHE C   O    doub N N 243 
PHE C   OXT  sing N N 244 
PHE CB  CG   sing N N 245 
PHE CB  HB2  sing N N 246 
PHE CB  HB3  sing N N 247 
PHE CG  CD1  doub Y N 248 
PHE CG  CD2  sing Y N 249 
PHE CD1 CE1  sing Y N 250 
PHE CD1 HD1  sing N N 251 
PHE CD2 CE2  doub Y N 252 
PHE CD2 HD2  sing N N 253 
PHE CE1 CZ   doub Y N 254 
PHE CE1 HE1  sing N N 255 
PHE CE2 CZ   sing Y N 256 
PHE CE2 HE2  sing N N 257 
PHE CZ  HZ   sing N N 258 
PHE OXT HXT  sing N N 259 
SER N   CA   sing N N 260 
SER N   H    sing N N 261 
SER N   H2   sing N N 262 
SER CA  C    sing N N 263 
SER CA  CB   sing N N 264 
SER CA  HA   sing N N 265 
SER C   O    doub N N 266 
SER C   OXT  sing N N 267 
SER CB  OG   sing N N 268 
SER CB  HB2  sing N N 269 
SER CB  HB3  sing N N 270 
SER OG  HG   sing N N 271 
SER OXT HXT  sing N N 272 
THR N   CA   sing N N 273 
THR N   H    sing N N 274 
THR N   H2   sing N N 275 
THR CA  C    sing N N 276 
THR CA  CB   sing N N 277 
THR CA  HA   sing N N 278 
THR C   O    doub N N 279 
THR C   OXT  sing N N 280 
THR CB  OG1  sing N N 281 
THR CB  CG2  sing N N 282 
THR CB  HB   sing N N 283 
THR OG1 HG1  sing N N 284 
THR CG2 HG21 sing N N 285 
THR CG2 HG22 sing N N 286 
THR CG2 HG23 sing N N 287 
THR OXT HXT  sing N N 288 
TRP N   CA   sing N N 289 
TRP N   H    sing N N 290 
TRP N   H2   sing N N 291 
TRP CA  C    sing N N 292 
TRP CA  CB   sing N N 293 
TRP CA  HA   sing N N 294 
TRP C   O    doub N N 295 
TRP C   OXT  sing N N 296 
TRP CB  CG   sing N N 297 
TRP CB  HB2  sing N N 298 
TRP CB  HB3  sing N N 299 
TRP CG  CD1  doub Y N 300 
TRP CG  CD2  sing Y N 301 
TRP CD1 NE1  sing Y N 302 
TRP CD1 HD1  sing N N 303 
TRP CD2 CE2  doub Y N 304 
TRP CD2 CE3  sing Y N 305 
TRP NE1 CE2  sing Y N 306 
TRP NE1 HE1  sing N N 307 
TRP CE2 CZ2  sing Y N 308 
TRP CE3 CZ3  doub Y N 309 
TRP CE3 HE3  sing N N 310 
TRP CZ2 CH2  doub Y N 311 
TRP CZ2 HZ2  sing N N 312 
TRP CZ3 CH2  sing Y N 313 
TRP CZ3 HZ3  sing N N 314 
TRP CH2 HH2  sing N N 315 
TRP OXT HXT  sing N N 316 
TYR N   CA   sing N N 317 
TYR N   H    sing N N 318 
TYR N   H2   sing N N 319 
TYR CA  C    sing N N 320 
TYR CA  CB   sing N N 321 
TYR CA  HA   sing N N 322 
TYR C   O    doub N N 323 
TYR C   OXT  sing N N 324 
TYR CB  CG   sing N N 325 
TYR CB  HB2  sing N N 326 
TYR CB  HB3  sing N N 327 
TYR CG  CD1  doub Y N 328 
TYR CG  CD2  sing Y N 329 
TYR CD1 CE1  sing Y N 330 
TYR CD1 HD1  sing N N 331 
TYR CD2 CE2  doub Y N 332 
TYR CD2 HD2  sing N N 333 
TYR CE1 CZ   doub Y N 334 
TYR CE1 HE1  sing N N 335 
TYR CE2 CZ   sing Y N 336 
TYR CE2 HE2  sing N N 337 
TYR CZ  OH   sing N N 338 
TYR OH  HH   sing N N 339 
TYR OXT HXT  sing N N 340 
VAL N   CA   sing N N 341 
VAL N   H    sing N N 342 
VAL N   H2   sing N N 343 
VAL CA  C    sing N N 344 
VAL CA  CB   sing N N 345 
VAL CA  HA   sing N N 346 
VAL C   O    doub N N 347 
VAL C   OXT  sing N N 348 
VAL CB  CG1  sing N N 349 
VAL CB  CG2  sing N N 350 
VAL CB  HB   sing N N 351 
VAL CG1 HG11 sing N N 352 
VAL CG1 HG12 sing N N 353 
VAL CG1 HG13 sing N N 354 
VAL CG2 HG21 sing N N 355 
VAL CG2 HG22 sing N N 356 
VAL CG2 HG23 sing N N 357 
VAL OXT HXT  sing N N 358 
# 
_atom_sites.entry_id                    1WY6 
_atom_sites.fract_transf_matrix[1][1]   -0.02365218 
_atom_sites.fract_transf_matrix[1][2]   0.01138022 
_atom_sites.fract_transf_matrix[1][3]   0.00818779 
_atom_sites.fract_transf_matrix[2][1]   0.00459652 
_atom_sites.fract_transf_matrix[2][2]   -0.00401797 
_atom_sites.fract_transf_matrix[2][3]   0.01886261 
_atom_sites.fract_transf_matrix[3][1]   0.00551735 
_atom_sites.fract_transf_matrix[3][2]   0.01078195 
_atom_sites.fract_transf_matrix[3][3]   0.00095220 
_atom_sites.fract_transf_vector[1]      0.600670 
_atom_sites.fract_transf_vector[2]      0.946274 
_atom_sites.fract_transf_vector[3]      -0.298796 
# 
loop_
_atom_type.symbol 
C 
N 
O 
S 
# 
loop_
_atom_site.group_PDB 
_atom_site.id 
_atom_site.type_symbol 
_atom_site.label_atom_id 
_atom_site.label_alt_id 
_atom_site.label_comp_id 
_atom_site.label_asym_id 
_atom_site.label_entity_id 
_atom_site.label_seq_id 
_atom_site.pdbx_PDB_ins_code 
_atom_site.Cartn_x 
_atom_site.Cartn_y 
_atom_site.Cartn_z 
_atom_site.occupancy 
_atom_site.B_iso_or_equiv 
_atom_site.pdbx_formal_charge 
_atom_site.auth_seq_id 
_atom_site.auth_comp_id 
_atom_site.auth_asym_id 
_atom_site.auth_atom_id 
_atom_site.pdbx_PDB_model_num 
ATOM   1    N N   . GLU A 1 6   ? 3.242   -30.065 -2.895  1.00 37.56 ? 7   GLU A N   1 
ATOM   2    C CA  . GLU A 1 6   ? 2.227   -29.192 -3.546  1.00 37.33 ? 7   GLU A CA  1 
ATOM   3    C C   . GLU A 1 6   ? 2.639   -27.725 -3.452  1.00 34.23 ? 7   GLU A C   1 
ATOM   4    O O   . GLU A 1 6   ? 3.153   -27.272 -2.430  1.00 31.65 ? 7   GLU A O   1 
ATOM   5    C CB  . GLU A 1 6   ? 0.856   -29.400 -2.891  1.00 37.51 ? 7   GLU A CB  1 
ATOM   6    C CG  . GLU A 1 6   ? -0.253  -28.519 -3.444  1.00 45.30 ? 7   GLU A CG  1 
ATOM   7    C CD  . GLU A 1 6   ? -0.470  -28.703 -4.938  1.00 52.75 ? 7   GLU A CD  1 
ATOM   8    O OE1 . GLU A 1 6   ? -1.315  -27.980 -5.509  1.00 49.79 ? 7   GLU A OE1 1 
ATOM   9    O OE2 . GLU A 1 6   ? 0.202   -29.568 -5.543  1.00 57.32 ? 7   GLU A OE2 1 
ATOM   10   N N   . ILE A 1 7   ? 2.401   -26.995 -4.538  1.00 8.99  ? 8   ILE A N   1 
ATOM   11   C CA  . ILE A 1 7   ? 2.733   -25.581 -4.638  1.00 8.99  ? 8   ILE A CA  1 
ATOM   12   C C   . ILE A 1 7   ? 2.130   -24.730 -3.520  1.00 8.99  ? 8   ILE A C   1 
ATOM   13   O O   . ILE A 1 7   ? 2.823   -23.903 -2.924  1.00 26.22 ? 8   ILE A O   1 
ATOM   14   C CB  . ILE A 1 7   ? 2.239   -25.010 -5.986  1.00 8.99  ? 8   ILE A CB  1 
ATOM   15   C CG1 . ILE A 1 7   ? 2.932   -25.733 -7.146  1.00 8.99  ? 8   ILE A CG1 1 
ATOM   16   C CG2 . ILE A 1 7   ? 2.520   -23.505 -6.052  1.00 8.99  ? 8   ILE A CG2 1 
ATOM   17   C CD1 . ILE A 1 7   ? 4.430   -25.498 -7.199  1.00 8.99  ? 8   ILE A CD1 1 
ATOM   18   N N   . ILE A 1 8   ? 0.843   -24.926 -3.238  1.00 26.51 ? 9   ILE A N   1 
ATOM   19   C CA  . ILE A 1 8   ? 0.184   -24.133 -2.209  1.00 27.14 ? 9   ILE A CA  1 
ATOM   20   C C   . ILE A 1 8   ? 0.732   -24.399 -0.815  1.00 24.70 ? 9   ILE A C   1 
ATOM   21   O O   . ILE A 1 8   ? 0.750   -23.501 0.024   1.00 19.44 ? 9   ILE A O   1 
ATOM   22   C CB  . ILE A 1 8   ? -1.340  -24.358 -2.201  1.00 27.68 ? 9   ILE A CB  1 
ATOM   23   C CG1 . ILE A 1 8   ? -2.034  -23.109 -1.656  1.00 29.09 ? 9   ILE A CG1 1 
ATOM   24   C CG2 . ILE A 1 8   ? -1.690  -25.557 -1.331  1.00 33.13 ? 9   ILE A CG2 1 
ATOM   25   C CD1 . ILE A 1 8   ? -3.538  -23.119 -1.804  1.00 31.58 ? 9   ILE A CD1 1 
ATOM   26   N N   . ARG A 1 9   ? 1.171   -25.630 -0.566  1.00 25.88 ? 10  ARG A N   1 
ATOM   27   C CA  . ARG A 1 9   ? 1.736   -25.968 0.732   1.00 27.02 ? 10  ARG A CA  1 
ATOM   28   C C   . ARG A 1 9   ? 3.053   -25.217 0.877   1.00 24.39 ? 10  ARG A C   1 
ATOM   29   O O   . ARG A 1 9   ? 3.310   -24.578 1.897   1.00 21.05 ? 10  ARG A O   1 
ATOM   30   C CB  . ARG A 1 9   ? 1.980   -27.470 0.843   1.00 29.89 ? 10  ARG A CB  1 
ATOM   31   C CG  . ARG A 1 9   ? 0.714   -28.312 0.906   1.00 40.54 ? 10  ARG A CG  1 
ATOM   32   C CD  . ARG A 1 9   ? 1.060   -29.796 0.967   1.00 53.71 ? 10  ARG A CD  1 
ATOM   33   N NE  . ARG A 1 9   ? 1.878   -30.121 2.135   1.00 62.82 ? 10  ARG A NE  1 
ATOM   34   C CZ  . ARG A 1 9   ? 2.414   -31.317 2.368   1.00 67.93 ? 10  ARG A CZ  1 
ATOM   35   N NH1 . ARG A 1 9   ? 2.223   -32.314 1.511   1.00 69.02 ? 10  ARG A NH1 1 
ATOM   36   N NH2 . ARG A 1 9   ? 3.138   -31.520 3.461   1.00 68.55 ? 10  ARG A NH2 1 
ATOM   37   N N   . LYS A 1 10  ? 3.883   -25.292 -0.157  1.00 23.77 ? 11  LYS A N   1 
ATOM   38   C CA  . LYS A 1 10  ? 5.161   -24.596 -0.152  1.00 22.80 ? 11  LYS A CA  1 
ATOM   39   C C   . LYS A 1 10  ? 4.956   -23.096 0.036   1.00 20.93 ? 11  LYS A C   1 
ATOM   40   O O   . LYS A 1 10  ? 5.742   -22.443 0.719   1.00 21.22 ? 11  LYS A O   1 
ATOM   41   C CB  . LYS A 1 10  ? 5.914   -24.877 -1.450  1.00 23.61 ? 11  LYS A CB  1 
ATOM   42   C CG  . LYS A 1 10  ? 6.721   -26.167 -1.401  1.00 29.75 ? 11  LYS A CG  1 
ATOM   43   C CD  . LYS A 1 10  ? 7.913   -26.005 -0.451  1.00 39.73 ? 11  LYS A CD  1 
ATOM   44   C CE  . LYS A 1 10  ? 8.551   -27.339 -0.077  1.00 41.13 ? 11  LYS A CE  1 
ATOM   45   N NZ  . LYS A 1 10  ? 7.668   -28.174 0.793   1.00 32.81 ? 11  LYS A NZ  1 
ATOM   46   N N   . LEU A 1 11  ? 3.894   -22.557 -0.562  1.00 18.49 ? 12  LEU A N   1 
ATOM   47   C CA  . LEU A 1 11  ? 3.591   -21.134 -0.445  1.00 17.66 ? 12  LEU A CA  1 
ATOM   48   C C   . LEU A 1 11  ? 3.167   -20.790 0.981   1.00 18.38 ? 12  LEU A C   1 
ATOM   49   O O   . LEU A 1 11  ? 3.550   -19.750 1.508   1.00 17.35 ? 12  LEU A O   1 
ATOM   50   C CB  . LEU A 1 11  ? 2.493   -20.721 -1.437  1.00 16.60 ? 12  LEU A CB  1 
ATOM   51   C CG  . LEU A 1 11  ? 2.874   -20.626 -2.925  1.00 15.59 ? 12  LEU A CG  1 
ATOM   52   C CD1 . LEU A 1 11  ? 1.655   -20.214 -3.734  1.00 20.76 ? 12  LEU A CD1 1 
ATOM   53   C CD2 . LEU A 1 11  ? 3.997   -19.622 -3.134  1.00 17.08 ? 12  LEU A CD2 1 
ATOM   54   N N   . MET A 1 12  ? 2.383   -21.664 1.605   1.00 20.50 ? 13  MET A N   1 
ATOM   55   C CA  . MET A 1 12  ? 1.951   -21.433 2.977   1.00 20.71 ? 13  MET A CA  1 
ATOM   56   C C   . MET A 1 12  ? 3.176   -21.500 3.877   1.00 22.48 ? 13  MET A C   1 
ATOM   57   O O   . MET A 1 12  ? 3.242   -20.838 4.913   1.00 23.44 ? 13  MET A O   1 
ATOM   58   C CB  . MET A 1 12  ? 0.928   -22.489 3.421   1.00 21.85 ? 13  MET A CB  1 
ATOM   59   C CG  . MET A 1 12  ? -0.452  -22.324 2.800   1.00 18.53 ? 13  MET A CG  1 
ATOM   60   S SD  . MET A 1 12  ? -1.122  -20.651 3.022   1.00 24.24 ? 13  MET A SD  1 
ATOM   61   C CE  . MET A 1 12  ? -0.814  -19.944 1.424   1.00 28.87 ? 13  MET A CE  1 
ATOM   62   N N   . ASP A 1 13  ? 4.150   -22.310 3.473   1.00 22.47 ? 14  ASP A N   1 
ATOM   63   C CA  . ASP A 1 13  ? 5.376   -22.450 4.242   1.00 23.81 ? 14  ASP A CA  1 
ATOM   64   C C   . ASP A 1 13  ? 6.155   -21.146 4.143   1.00 19.88 ? 14  ASP A C   1 
ATOM   65   O O   . ASP A 1 13  ? 6.706   -20.660 5.133   1.00 18.60 ? 14  ASP A O   1 
ATOM   66   C CB  . ASP A 1 13  ? 6.215   -23.598 3.691   1.00 27.76 ? 14  ASP A CB  1 
ATOM   67   C CG  . ASP A 1 13  ? 7.474   -23.822 4.487   1.00 36.48 ? 14  ASP A CG  1 
ATOM   68   O OD1 . ASP A 1 13  ? 7.375   -23.982 5.724   1.00 44.37 ? 14  ASP A OD1 1 
ATOM   69   O OD2 . ASP A 1 13  ? 8.565   -23.843 3.878   1.00 47.54 ? 14  ASP A OD2 1 
ATOM   70   N N   . ALA A 1 14  ? 6.196   -20.588 2.935   1.00 16.27 ? 15  ALA A N   1 
ATOM   71   C CA  . ALA A 1 14  ? 6.887   -19.330 2.695   1.00 16.93 ? 15  ALA A CA  1 
ATOM   72   C C   . ALA A 1 14  ? 6.164   -18.226 3.462   1.00 16.01 ? 15  ALA A C   1 
ATOM   73   O O   . ALA A 1 14  ? 6.797   -17.394 4.100   1.00 15.75 ? 15  ALA A O   1 
ATOM   74   C CB  . ALA A 1 14  ? 6.908   -19.014 1.191   1.00 15.03 ? 15  ALA A CB  1 
ATOM   75   N N   . LYS A 1 15  ? 4.832   -18.250 3.419   1.00 14.93 ? 16  LYS A N   1 
ATOM   76   C CA  . LYS A 1 15  ? 4.024   -17.244 4.102   1.00 12.27 ? 16  LYS A CA  1 
ATOM   77   C C   . LYS A 1 15  ? 4.364   -17.148 5.588   1.00 13.05 ? 16  LYS A C   1 
ATOM   78   O O   . LYS A 1 15  ? 4.630   -16.065 6.091   1.00 11.89 ? 16  LYS A O   1 
ATOM   79   C CB  . LYS A 1 15  ? 2.534   -17.551 3.935   1.00 13.03 ? 16  LYS A CB  1 
ATOM   80   C CG  . LYS A 1 15  ? 1.615   -16.502 4.555   1.00 10.17 ? 16  LYS A CG  1 
ATOM   81   C CD  . LYS A 1 15  ? 0.152   -16.911 4.454   1.00 7.62  ? 16  LYS A CD  1 
ATOM   82   C CE  . LYS A 1 15  ? -0.758  -15.863 5.100   1.00 14.43 ? 16  LYS A CE  1 
ATOM   83   N NZ  . LYS A 1 15  ? -2.209  -16.184 4.935   1.00 14.59 ? 16  LYS A NZ  1 
ATOM   84   N N   . LYS A 1 16  ? 4.364   -18.279 6.286   1.00 12.63 ? 17  LYS A N   1 
ATOM   85   C CA  . LYS A 1 16  ? 4.679   -18.280 7.711   1.00 12.87 ? 17  LYS A CA  1 
ATOM   86   C C   . LYS A 1 16  ? 6.042   -17.649 8.017   1.00 11.01 ? 17  LYS A C   1 
ATOM   87   O O   . LYS A 1 16  ? 6.160   -16.851 8.946   1.00 8.34  ? 17  LYS A O   1 
ATOM   88   C CB  . LYS A 1 16  ? 4.618   -19.700 8.260   1.00 13.06 ? 17  LYS A CB  1 
ATOM   89   C CG  . LYS A 1 16  ? 4.537   -19.762 9.777   1.00 17.62 ? 17  LYS A CG  1 
ATOM   90   C CD  . LYS A 1 16  ? 4.044   -21.126 10.243  1.00 29.17 ? 17  LYS A CD  1 
ATOM   91   C CE  . LYS A 1 16  ? 4.867   -22.249 9.632   1.00 31.87 ? 17  LYS A CE  1 
ATOM   92   N NZ  . LYS A 1 16  ? 4.317   -23.594 9.951   1.00 37.41 ? 17  LYS A NZ  1 
ATOM   93   N N   . PHE A 1 17  ? 7.071   -18.008 7.249   1.00 11.39 ? 18  PHE A N   1 
ATOM   94   C CA  . PHE A 1 17  ? 8.400   -17.426 7.451   1.00 11.65 ? 18  PHE A CA  1 
ATOM   95   C C   . PHE A 1 17  ? 8.282   -15.900 7.389   1.00 10.55 ? 18  PHE A C   1 
ATOM   96   O O   . PHE A 1 17  ? 8.713   -15.187 8.297   1.00 9.51  ? 18  PHE A O   1 
ATOM   97   C CB  . PHE A 1 17  ? 9.372   -17.870 6.348   1.00 13.13 ? 18  PHE A CB  1 
ATOM   98   C CG  . PHE A 1 17  ? 10.021  -19.208 6.587   1.00 13.40 ? 18  PHE A CG  1 
ATOM   99   C CD1 . PHE A 1 17  ? 10.644  -19.495 7.797   1.00 19.52 ? 18  PHE A CD1 1 
ATOM   100  C CD2 . PHE A 1 17  ? 10.045  -20.170 5.577   1.00 18.75 ? 18  PHE A CD2 1 
ATOM   101  C CE1 . PHE A 1 17  ? 11.283  -20.725 8.003   1.00 17.59 ? 18  PHE A CE1 1 
ATOM   102  C CE2 . PHE A 1 17  ? 10.679  -21.403 5.769   1.00 21.47 ? 18  PHE A CE2 1 
ATOM   103  C CZ  . PHE A 1 17  ? 11.299  -21.682 6.981   1.00 19.35 ? 18  PHE A CZ  1 
ATOM   104  N N   . LEU A 1 18  ? 7.706   -15.413 6.293   1.00 11.06 ? 19  LEU A N   1 
ATOM   105  C CA  . LEU A 1 18  ? 7.540   -13.975 6.072   1.00 14.19 ? 19  LEU A CA  1 
ATOM   106  C C   . LEU A 1 18  ? 6.786   -13.288 7.204   1.00 14.67 ? 19  LEU A C   1 
ATOM   107  O O   . LEU A 1 18  ? 7.253   -12.282 7.727   1.00 15.15 ? 19  LEU A O   1 
ATOM   108  C CB  . LEU A 1 18  ? 6.831   -13.719 4.739   1.00 14.37 ? 19  LEU A CB  1 
ATOM   109  C CG  . LEU A 1 18  ? 7.574   -14.250 3.505   1.00 14.26 ? 19  LEU A CG  1 
ATOM   110  C CD1 . LEU A 1 18  ? 6.744   -14.028 2.250   1.00 8.14  ? 19  LEU A CD1 1 
ATOM   111  C CD2 . LEU A 1 18  ? 8.921   -13.550 3.398   1.00 11.37 ? 19  LEU A CD2 1 
ATOM   112  N N   . LEU A 1 19  ? 5.625   -13.819 7.579   1.00 15.28 ? 20  LEU A N   1 
ATOM   113  C CA  . LEU A 1 19  ? 4.859   -13.226 8.677   1.00 15.81 ? 20  LEU A CA  1 
ATOM   114  C C   . LEU A 1 19  ? 5.732   -13.171 9.937   1.00 15.91 ? 20  LEU A C   1 
ATOM   115  O O   . LEU A 1 19  ? 5.586   -12.269 10.754  1.00 14.08 ? 20  LEU A O   1 
ATOM   116  C CB  . LEU A 1 19  ? 3.600   -14.048 8.981   1.00 15.65 ? 20  LEU A CB  1 
ATOM   117  C CG  . LEU A 1 19  ? 2.482   -14.097 7.934   1.00 19.94 ? 20  LEU A CG  1 
ATOM   118  C CD1 . LEU A 1 19  ? 1.440   -15.112 8.358   1.00 20.41 ? 20  LEU A CD1 1 
ATOM   119  C CD2 . LEU A 1 19  ? 1.856   -12.729 7.780   1.00 24.73 ? 20  LEU A CD2 1 
ATOM   120  N N   . ASP A 1 20  ? 6.637   -14.140 10.080  1.00 14.78 ? 21  ASP A N   1 
ATOM   121  C CA  . ASP A 1 20  ? 7.515   -14.213 11.249  1.00 13.56 ? 21  ASP A CA  1 
ATOM   122  C C   . ASP A 1 20  ? 8.811   -13.419 11.143  1.00 14.16 ? 21  ASP A C   1 
ATOM   123  O O   . ASP A 1 20  ? 9.616   -13.436 12.070  1.00 12.77 ? 21  ASP A O   1 
ATOM   124  C CB  . ASP A 1 20  ? 7.865   -15.669 11.558  1.00 16.22 ? 21  ASP A CB  1 
ATOM   125  C CG  . ASP A 1 20  ? 6.671   -16.475 12.049  1.00 18.35 ? 21  ASP A CG  1 
ATOM   126  O OD1 . ASP A 1 20  ? 6.821   -17.705 12.184  1.00 24.48 ? 21  ASP A OD1 1 
ATOM   127  O OD2 . ASP A 1 20  ? 5.595   -15.885 12.302  1.00 26.56 ? 21  ASP A OD2 1 
ATOM   128  N N   . GLY A 1 21  ? 9.031   -12.751 10.015  1.00 11.24 ? 22  GLY A N   1 
ATOM   129  C CA  . GLY A 1 21  ? 10.241  -11.965 9.866   1.00 12.50 ? 22  GLY A CA  1 
ATOM   130  C C   . GLY A 1 21  ? 11.414  -12.699 9.245   1.00 12.68 ? 22  GLY A C   1 
ATOM   131  O O   . GLY A 1 21  ? 12.489  -12.123 9.096   1.00 15.75 ? 22  GLY A O   1 
ATOM   132  N N   . TYR A 1 22  ? 11.222  -13.970 8.912   1.00 12.36 ? 23  TYR A N   1 
ATOM   133  C CA  . TYR A 1 22  ? 12.265  -14.770 8.269   1.00 13.35 ? 23  TYR A CA  1 
ATOM   134  C C   . TYR A 1 22  ? 12.146  -14.459 6.777   1.00 14.29 ? 23  TYR A C   1 
ATOM   135  O O   . TYR A 1 22  ? 11.754  -15.316 5.990   1.00 9.20  ? 23  TYR A O   1 
ATOM   136  C CB  . TYR A 1 22  ? 12.005  -16.258 8.497   1.00 14.93 ? 23  TYR A CB  1 
ATOM   137  C CG  . TYR A 1 22  ? 12.212  -16.737 9.918   1.00 17.25 ? 23  TYR A CG  1 
ATOM   138  C CD1 . TYR A 1 22  ? 13.444  -17.266 10.323  1.00 18.65 ? 23  TYR A CD1 1 
ATOM   139  C CD2 . TYR A 1 22  ? 11.168  -16.716 10.844  1.00 10.41 ? 23  TYR A CD2 1 
ATOM   140  C CE1 . TYR A 1 22  ? 13.626  -17.775 11.606  1.00 13.09 ? 23  TYR A CE1 1 
ATOM   141  C CE2 . TYR A 1 22  ? 11.343  -17.222 12.136  1.00 8.65  ? 23  TYR A CE2 1 
ATOM   142  C CZ  . TYR A 1 22  ? 12.576  -17.756 12.501  1.00 12.25 ? 23  TYR A CZ  1 
ATOM   143  O OH  . TYR A 1 22  ? 12.743  -18.318 13.743  1.00 21.26 ? 23  TYR A OH  1 
ATOM   144  N N   . ILE A 1 23  ? 12.473  -13.223 6.398   1.00 8.99  ? 24  ILE A N   1 
ATOM   145  C CA  . ILE A 1 23  ? 12.359  -12.780 5.007   1.00 8.99  ? 24  ILE A CA  1 
ATOM   146  C C   . ILE A 1 23  ? 13.141  -13.598 3.956   1.00 8.99  ? 24  ILE A C   1 
ATOM   147  O O   . ILE A 1 23  ? 12.568  -14.012 2.954   1.00 12.75 ? 24  ILE A O   1 
ATOM   148  C CB  . ILE A 1 23  ? 12.764  -11.283 4.868   1.00 8.99  ? 24  ILE A CB  1 
ATOM   149  C CG1 . ILE A 1 23  ? 12.118  -10.442 5.982   1.00 8.99  ? 24  ILE A CG1 1 
ATOM   150  C CG2 . ILE A 1 23  ? 12.328  -10.755 3.509   1.00 8.99  ? 24  ILE A CG2 1 
ATOM   151  C CD1 . ILE A 1 23  ? 10.585  -10.417 5.964   1.00 8.99  ? 24  ILE A CD1 1 
ATOM   152  N N   . ASP A 1 24  ? 14.434  -13.830 4.182   1.00 15.09 ? 25  ASP A N   1 
ATOM   153  C CA  . ASP A 1 24  ? 15.247  -14.578 3.221   1.00 18.14 ? 25  ASP A CA  1 
ATOM   154  C C   . ASP A 1 24  ? 14.704  -15.980 2.995   1.00 17.05 ? 25  ASP A C   1 
ATOM   155  O O   . ASP A 1 24  ? 14.637  -16.458 1.865   1.00 12.84 ? 25  ASP A O   1 
ATOM   156  C CB  . ASP A 1 24  ? 16.698  -14.694 3.703   1.00 20.04 ? 25  ASP A CB  1 
ATOM   157  C CG  . ASP A 1 24  ? 17.362  -13.345 3.894   1.00 30.42 ? 25  ASP A CG  1 
ATOM   158  O OD1 . ASP A 1 24  ? 17.496  -12.589 2.912   1.00 31.04 ? 25  ASP A OD1 1 
ATOM   159  O OD2 . ASP A 1 24  ? 17.755  -13.041 5.035   1.00 39.21 ? 25  ASP A OD2 1 
ATOM   160  N N   . GLU A 1 25  ? 14.337  -16.639 4.086   1.00 15.75 ? 26  GLU A N   1 
ATOM   161  C CA  . GLU A 1 25  ? 13.806  -17.988 4.017   1.00 15.73 ? 26  GLU A CA  1 
ATOM   162  C C   . GLU A 1 25  ? 12.538  -18.028 3.161   1.00 13.36 ? 26  GLU A C   1 
ATOM   163  O O   . GLU A 1 25  ? 12.448  -18.796 2.197   1.00 14.70 ? 26  GLU A O   1 
ATOM   164  C CB  . GLU A 1 25  ? 13.500  -18.504 5.430   1.00 16.47 ? 26  GLU A CB  1 
ATOM   165  C CG  . GLU A 1 25  ? 14.712  -18.848 6.302   1.00 18.81 ? 26  GLU A CG  1 
ATOM   166  C CD  . GLU A 1 25  ? 15.417  -17.629 6.890   1.00 24.00 ? 26  GLU A CD  1 
ATOM   167  O OE1 . GLU A 1 25  ? 14.805  -16.539 6.962   1.00 21.61 ? 26  GLU A OE1 1 
ATOM   168  O OE2 . GLU A 1 25  ? 16.588  -17.772 7.301   1.00 19.91 ? 26  GLU A OE2 1 
ATOM   169  N N   . GLY A 1 26  ? 11.557  -17.203 3.515   1.00 10.83 ? 27  GLY A N   1 
ATOM   170  C CA  . GLY A 1 26  ? 10.315  -17.177 2.762   1.00 11.82 ? 27  GLY A CA  1 
ATOM   171  C C   . GLY A 1 26  ? 10.498  -16.757 1.312   1.00 11.96 ? 27  GLY A C   1 
ATOM   172  O O   . GLY A 1 26  ? 9.824   -17.276 0.429   1.00 14.95 ? 27  GLY A O   1 
ATOM   173  N N   . VAL A 1 27  ? 11.409  -15.823 1.054   1.00 13.39 ? 28  VAL A N   1 
ATOM   174  C CA  . VAL A 1 27  ? 11.654  -15.356 -0.316  1.00 12.05 ? 28  VAL A CA  1 
ATOM   175  C C   . VAL A 1 27  ? 12.294  -16.439 -1.180  1.00 12.78 ? 28  VAL A C   1 
ATOM   176  O O   . VAL A 1 27  ? 11.972  -16.586 -2.363  1.00 13.16 ? 28  VAL A O   1 
ATOM   177  C CB  . VAL A 1 27  ? 12.551  -14.092 -0.318  1.00 11.53 ? 28  VAL A CB  1 
ATOM   178  C CG1 . VAL A 1 27  ? 13.019  -13.768 -1.735  1.00 10.94 ? 28  VAL A CG1 1 
ATOM   179  C CG2 . VAL A 1 27  ? 11.769  -12.921 0.238   1.00 11.31 ? 28  VAL A CG2 1 
ATOM   180  N N   . LYS A 1 28  ? 13.195  -17.203 -0.575  1.00 13.67 ? 29  LYS A N   1 
ATOM   181  C CA  . LYS A 1 28  ? 13.882  -18.279 -1.270  1.00 15.57 ? 29  LYS A CA  1 
ATOM   182  C C   . LYS A 1 28  ? 12.826  -19.261 -1.773  1.00 13.81 ? 29  LYS A C   1 
ATOM   183  O O   . LYS A 1 28  ? 12.841  -19.663 -2.938  1.00 19.05 ? 29  LYS A O   1 
ATOM   184  C CB  . LYS A 1 28  ? 14.860  -18.969 -0.310  1.00 15.18 ? 29  LYS A CB  1 
ATOM   185  C CG  . LYS A 1 28  ? 15.608  -20.150 -0.906  1.00 23.26 ? 29  LYS A CG  1 
ATOM   186  C CD  . LYS A 1 28  ? 16.519  -20.795 0.132   1.00 31.28 ? 29  LYS A CD  1 
ATOM   187  C CE  . LYS A 1 28  ? 17.204  -22.043 -0.419  1.00 38.54 ? 29  LYS A CE  1 
ATOM   188  N NZ  . LYS A 1 28  ? 18.159  -21.727 -1.518  1.00 42.75 ? 29  LYS A NZ  1 
ATOM   189  N N   . ILE A 1 29  ? 11.909  -19.637 -0.888  1.00 8.99  ? 30  ILE A N   1 
ATOM   190  C CA  . ILE A 1 29  ? 10.815  -20.548 -1.228  1.00 8.99  ? 30  ILE A CA  1 
ATOM   191  C C   . ILE A 1 29  ? 9.974   -19.956 -2.368  1.00 8.99  ? 30  ILE A C   1 
ATOM   192  O O   . ILE A 1 29  ? 9.663   -20.638 -3.348  1.00 20.24 ? 30  ILE A O   1 
ATOM   193  C CB  . ILE A 1 29  ? 9.881   -20.777 -0.024  1.00 8.99  ? 30  ILE A CB  1 
ATOM   194  C CG1 . ILE A 1 29  ? 10.672  -21.303 1.176   1.00 8.99  ? 30  ILE A CG1 1 
ATOM   195  C CG2 . ILE A 1 29  ? 8.799   -21.790 -0.392  1.00 8.99  ? 30  ILE A CG2 1 
ATOM   196  C CD1 . ILE A 1 29  ? 11.130  -22.702 1.019   1.00 8.99  ? 30  ILE A CD1 1 
ATOM   197  N N   . VAL A 1 30  ? 9.607   -18.685 -2.236  1.00 19.15 ? 31  VAL A N   1 
ATOM   198  C CA  . VAL A 1 30  ? 8.802   -18.020 -3.259  1.00 20.41 ? 31  VAL A CA  1 
ATOM   199  C C   . VAL A 1 30  ? 9.478   -18.028 -4.630  1.00 19.02 ? 31  VAL A C   1 
ATOM   200  O O   . VAL A 1 30  ? 8.823   -18.249 -5.644  1.00 17.28 ? 31  VAL A O   1 
ATOM   201  C CB  . VAL A 1 30  ? 8.484   -16.553 -2.864  1.00 21.51 ? 31  VAL A CB  1 
ATOM   202  C CG1 . VAL A 1 30  ? 7.839   -15.825 -4.030  1.00 21.99 ? 31  VAL A CG1 1 
ATOM   203  C CG2 . VAL A 1 30  ? 7.558   -16.528 -1.658  1.00 20.01 ? 31  VAL A CG2 1 
ATOM   204  N N   . LEU A 1 31  ? 10.783  -17.780 -4.663  1.00 19.51 ? 32  LEU A N   1 
ATOM   205  C CA  . LEU A 1 31  ? 11.514  -17.769 -5.921  1.00 20.32 ? 32  LEU A CA  1 
ATOM   206  C C   . LEU A 1 31  ? 11.594  -19.161 -6.533  1.00 21.48 ? 32  LEU A C   1 
ATOM   207  O O   . LEU A 1 31  ? 11.787  -19.295 -7.739  1.00 22.52 ? 32  LEU A O   1 
ATOM   208  C CB  . LEU A 1 31  ? 12.920  -17.198 -5.725  1.00 21.79 ? 32  LEU A CB  1 
ATOM   209  C CG  . LEU A 1 31  ? 12.983  -15.725 -5.293  1.00 25.69 ? 32  LEU A CG  1 
ATOM   210  C CD1 . LEU A 1 31  ? 14.435  -15.264 -5.201  1.00 22.96 ? 32  LEU A CD1 1 
ATOM   211  C CD2 . LEU A 1 31  ? 12.217  -14.873 -6.297  1.00 20.88 ? 32  LEU A CD2 1 
ATOM   212  N N   . GLU A 1 32  ? 11.457  -20.192 -5.703  1.00 21.19 ? 33  GLU A N   1 
ATOM   213  C CA  . GLU A 1 32  ? 11.476  -21.561 -6.197  1.00 21.90 ? 33  GLU A CA  1 
ATOM   214  C C   . GLU A 1 32  ? 10.200  -21.751 -7.012  1.00 21.99 ? 33  GLU A C   1 
ATOM   215  O O   . GLU A 1 32  ? 10.248  -22.177 -8.160  1.00 20.41 ? 33  GLU A O   1 
ATOM   216  C CB  . GLU A 1 32  ? 11.491  -22.571 -5.040  1.00 24.25 ? 33  GLU A CB  1 
ATOM   217  C CG  . GLU A 1 32  ? 12.713  -22.498 -4.134  1.00 28.47 ? 33  GLU A CG  1 
ATOM   218  C CD  . GLU A 1 32  ? 12.684  -23.547 -3.027  1.00 39.05 ? 33  GLU A CD  1 
ATOM   219  O OE1 . GLU A 1 32  ? 13.453  -23.409 -2.050  1.00 38.00 ? 33  GLU A OE1 1 
ATOM   220  O OE2 . GLU A 1 32  ? 11.895  -24.516 -3.136  1.00 43.23 ? 33  GLU A OE2 1 
ATOM   221  N N   . ILE A 1 33  ? 9.064   -21.422 -6.400  1.00 8.99  ? 34  ILE A N   1 
ATOM   222  C CA  . ILE A 1 33  ? 7.755   -21.541 -7.038  1.00 8.99  ? 34  ILE A CA  1 
ATOM   223  C C   . ILE A 1 33  ? 7.728   -20.747 -8.340  1.00 8.99  ? 34  ILE A C   1 
ATOM   224  O O   . ILE A 1 33  ? 7.206   -21.209 -9.359  1.00 25.69 ? 34  ILE A O   1 
ATOM   225  C CB  . ILE A 1 33  ? 6.638   -20.995 -6.118  1.00 8.99  ? 34  ILE A CB  1 
ATOM   226  C CG1 . ILE A 1 33  ? 6.581   -21.803 -4.818  1.00 8.99  ? 34  ILE A CG1 1 
ATOM   227  C CG2 . ILE A 1 33  ? 5.302   -21.028 -6.846  1.00 8.99  ? 34  ILE A CG2 1 
ATOM   228  C CD1 . ILE A 1 33  ? 6.298   -23.291 -5.014  1.00 8.99  ? 34  ILE A CD1 1 
ATOM   229  N N   . THR A 1 34  ? 8.294   -19.548 -8.289  1.00 27.59 ? 35  THR A N   1 
ATOM   230  C CA  . THR A 1 34  ? 8.358   -18.662 -9.443  1.00 30.91 ? 35  THR A CA  1 
ATOM   231  C C   . THR A 1 34  ? 9.069   -19.306 -10.632 1.00 32.38 ? 35  THR A C   1 
ATOM   232  O O   . THR A 1 34  ? 8.806   -18.960 -11.786 1.00 31.91 ? 35  THR A O   1 
ATOM   233  C CB  . THR A 1 34  ? 9.093   -17.350 -9.081  1.00 32.10 ? 35  THR A CB  1 
ATOM   234  O OG1 . THR A 1 34  ? 8.240   -16.530 -8.275  1.00 31.49 ? 35  THR A OG1 1 
ATOM   235  C CG2 . THR A 1 34  ? 9.489   -16.592 -10.334 1.00 35.59 ? 35  THR A CG2 1 
ATOM   236  N N   . LYS A 1 35  ? 9.967   -20.245 -10.347 1.00 34.46 ? 36  LYS A N   1 
ATOM   237  C CA  . LYS A 1 35  ? 10.720  -20.925 -11.397 1.00 36.07 ? 36  LYS A CA  1 
ATOM   238  C C   . LYS A 1 35  ? 9.972   -22.124 -11.978 1.00 35.60 ? 36  LYS A C   1 
ATOM   239  O O   . LYS A 1 35  ? 10.092  -22.428 -13.166 1.00 33.24 ? 36  LYS A O   1 
ATOM   240  C CB  . LYS A 1 35  ? 12.067  -21.409 -10.850 1.00 37.11 ? 36  LYS A CB  1 
ATOM   241  C CG  . LYS A 1 35  ? 12.966  -20.326 -10.271 1.00 44.41 ? 36  LYS A CG  1 
ATOM   242  C CD  . LYS A 1 35  ? 13.422  -19.332 -11.332 1.00 48.18 ? 36  LYS A CD  1 
ATOM   243  C CE  . LYS A 1 35  ? 14.516  -18.405 -10.798 1.00 52.32 ? 36  LYS A CE  1 
ATOM   244  N NZ  . LYS A 1 35  ? 15.799  -19.125 -10.519 1.00 43.60 ? 36  LYS A NZ  1 
ATOM   245  N N   . SER A 1 36  ? 9.201   -22.801 -11.134 1.00 37.29 ? 37  SER A N   1 
ATOM   246  C CA  . SER A 1 36  ? 8.472   -23.993 -11.550 1.00 38.83 ? 37  SER A CA  1 
ATOM   247  C C   . SER A 1 36  ? 7.058   -23.799 -12.092 1.00 39.15 ? 37  SER A C   1 
ATOM   248  O O   . SER A 1 36  ? 6.570   -24.636 -12.848 1.00 40.11 ? 37  SER A O   1 
ATOM   249  C CB  . SER A 1 36  ? 8.436   -24.993 -10.390 1.00 39.65 ? 37  SER A CB  1 
ATOM   250  O OG  . SER A 1 36  ? 7.866   -24.408 -9.234  1.00 39.08 ? 37  SER A OG  1 
ATOM   251  N N   . SER A 1 37  ? 6.395   -22.712 -11.713 1.00 39.94 ? 38  SER A N   1 
ATOM   252  C CA  . SER A 1 37  ? 5.034   -22.470 -12.184 1.00 40.18 ? 38  SER A CA  1 
ATOM   253  C C   . SER A 1 37  ? 4.898   -21.138 -12.917 1.00 40.41 ? 38  SER A C   1 
ATOM   254  O O   . SER A 1 37  ? 5.886   -20.432 -13.123 1.00 39.18 ? 38  SER A O   1 
ATOM   255  C CB  . SER A 1 37  ? 4.057   -22.517 -11.008 1.00 40.61 ? 38  SER A CB  1 
ATOM   256  O OG  . SER A 1 37  ? 4.359   -21.514 -10.055 1.00 39.33 ? 38  SER A OG  1 
ATOM   257  N N   . THR A 1 38  ? 3.672   -20.796 -13.306 1.00 42.58 ? 39  THR A N   1 
ATOM   258  C CA  . THR A 1 38  ? 3.419   -19.549 -14.025 1.00 43.61 ? 39  THR A CA  1 
ATOM   259  C C   . THR A 1 38  ? 2.670   -18.512 -13.190 1.00 42.25 ? 39  THR A C   1 
ATOM   260  O O   . THR A 1 38  ? 1.971   -18.852 -12.236 1.00 39.78 ? 39  THR A O   1 
ATOM   261  C CB  . THR A 1 38  ? 2.607   -19.802 -15.306 1.00 44.77 ? 39  THR A CB  1 
ATOM   262  O OG1 . THR A 1 38  ? 1.269   -20.179 -14.960 1.00 48.30 ? 39  THR A OG1 1 
ATOM   263  C CG2 . THR A 1 38  ? 3.244   -20.917 -16.123 1.00 46.67 ? 39  THR A CG2 1 
ATOM   264  N N   . LYS A 1 39  ? 2.827   -17.247 -13.569 1.00 42.34 ? 40  LYS A N   1 
ATOM   265  C CA  . LYS A 1 39  ? 2.187   -16.121 -12.896 1.00 42.05 ? 40  LYS A CA  1 
ATOM   266  C C   . LYS A 1 39  ? 0.733   -16.399 -12.531 1.00 41.24 ? 40  LYS A C   1 
ATOM   267  O O   . LYS A 1 39  ? 0.358   -16.360 -11.357 1.00 38.89 ? 40  LYS A O   1 
ATOM   268  C CB  . LYS A 1 39  ? 2.242   -14.887 -13.794 1.00 43.58 ? 40  LYS A CB  1 
ATOM   269  C CG  . LYS A 1 39  ? 1.479   -13.696 -13.256 1.00 42.19 ? 40  LYS A CG  1 
ATOM   270  C CD  . LYS A 1 39  ? 2.352   -12.823 -12.380 1.00 43.02 ? 40  LYS A CD  1 
ATOM   271  C CE  . LYS A 1 39  ? 3.356   -12.064 -13.222 1.00 43.29 ? 40  LYS A CE  1 
ATOM   272  N NZ  . LYS A 1 39  ? 4.088   -11.059 -12.419 1.00 44.46 ? 40  LYS A NZ  1 
ATOM   273  N N   . SER A 1 40  ? -0.078  -16.660 -13.552 1.00 40.24 ? 41  SER A N   1 
ATOM   274  C CA  . SER A 1 40  ? -1.504  -16.942 -13.391 1.00 40.17 ? 41  SER A CA  1 
ATOM   275  C C   . SER A 1 40  ? -1.753  -18.220 -12.599 1.00 38.29 ? 41  SER A C   1 
ATOM   276  O O   . SER A 1 40  ? -2.638  -19.010 -12.941 1.00 40.71 ? 41  SER A O   1 
ATOM   277  C CB  . SER A 1 40  ? -2.159  -17.069 -14.771 1.00 40.43 ? 41  SER A CB  1 
ATOM   278  O OG  . SER A 1 40  ? -1.522  -18.078 -15.542 1.00 37.79 ? 41  SER A OG  1 
ATOM   279  N N   . GLU A 1 41  ? -0.975  -18.415 -11.542 1.00 36.52 ? 42  GLU A N   1 
ATOM   280  C CA  . GLU A 1 41  ? -1.079  -19.603 -10.700 1.00 34.45 ? 42  GLU A CA  1 
ATOM   281  C C   . GLU A 1 41  ? -0.619  -19.317 -9.268  1.00 30.96 ? 42  GLU A C   1 
ATOM   282  O O   . GLU A 1 41  ? -1.146  -19.891 -8.319  1.00 28.59 ? 42  GLU A O   1 
ATOM   283  C CB  . GLU A 1 41  ? -0.236  -20.732 -11.309 1.00 35.62 ? 42  GLU A CB  1 
ATOM   284  C CG  . GLU A 1 41  ? 0.217   -21.826 -10.342 1.00 41.95 ? 42  GLU A CG  1 
ATOM   285  C CD  . GLU A 1 41  ? -0.913  -22.720 -9.862  1.00 50.92 ? 42  GLU A CD  1 
ATOM   286  O OE1 . GLU A 1 41  ? -1.801  -22.231 -9.131  1.00 58.92 ? 42  GLU A OE1 1 
ATOM   287  O OE2 . GLU A 1 41  ? -0.909  -23.917 -10.218 1.00 57.36 ? 42  GLU A OE2 1 
ATOM   288  N N   . TYR A 1 42  ? 0.364   -18.432 -9.116  1.00 26.76 ? 43  TYR A N   1 
ATOM   289  C CA  . TYR A 1 42  ? 0.870   -18.101 -7.790  1.00 22.34 ? 43  TYR A CA  1 
ATOM   290  C C   . TYR A 1 42  ? 0.695   -16.623 -7.463  1.00 20.42 ? 43  TYR A C   1 
ATOM   291  O O   . TYR A 1 42  ? 1.013   -16.182 -6.361  1.00 19.39 ? 43  TYR A O   1 
ATOM   292  C CB  . TYR A 1 42  ? 2.357   -18.467 -7.678  1.00 22.08 ? 43  TYR A CB  1 
ATOM   293  C CG  . TYR A 1 42  ? 3.272   -17.690 -8.603  1.00 24.39 ? 43  TYR A CG  1 
ATOM   294  C CD1 . TYR A 1 42  ? 3.779   -18.271 -9.765  1.00 24.13 ? 43  TYR A CD1 1 
ATOM   295  C CD2 . TYR A 1 42  ? 3.649   -16.379 -8.304  1.00 25.77 ? 43  TYR A CD2 1 
ATOM   296  C CE1 . TYR A 1 42  ? 4.644   -17.571 -10.603 1.00 25.77 ? 43  TYR A CE1 1 
ATOM   297  C CE2 . TYR A 1 42  ? 4.509   -15.668 -9.136  1.00 28.89 ? 43  TYR A CE2 1 
ATOM   298  C CZ  . TYR A 1 42  ? 5.006   -16.271 -10.284 1.00 30.40 ? 43  TYR A CZ  1 
ATOM   299  O OH  . TYR A 1 42  ? 5.872   -15.582 -11.104 1.00 33.02 ? 43  TYR A OH  1 
ATOM   300  N N   . ASN A 1 43  ? 0.186   -15.866 -8.424  1.00 18.29 ? 44  ASN A N   1 
ATOM   301  C CA  . ASN A 1 43  ? -0.005  -14.434 -8.254  1.00 19.06 ? 44  ASN A CA  1 
ATOM   302  C C   . ASN A 1 43  ? -0.850  -14.050 -7.040  1.00 18.86 ? 44  ASN A C   1 
ATOM   303  O O   . ASN A 1 43  ? -0.571  -13.051 -6.367  1.00 18.52 ? 44  ASN A O   1 
ATOM   304  C CB  . ASN A 1 43  ? -0.639  -13.835 -9.503  1.00 21.40 ? 44  ASN A CB  1 
ATOM   305  C CG  . ASN A 1 43  ? -0.509  -12.337 -9.542  1.00 26.36 ? 44  ASN A CG  1 
ATOM   306  O OD1 . ASN A 1 43  ? 0.563   -11.815 -9.841  1.00 19.78 ? 44  ASN A OD1 1 
ATOM   307  N ND2 . ASN A 1 43  ? -1.591  -11.629 -9.209  1.00 32.13 ? 44  ASN A ND2 1 
ATOM   308  N N   . TRP A 1 44  ? -1.887  -14.842 -6.782  1.00 17.37 ? 45  TRP A N   1 
ATOM   309  C CA  . TRP A 1 44  ? -2.806  -14.623 -5.664  1.00 16.34 ? 45  TRP A CA  1 
ATOM   310  C C   . TRP A 1 44  ? -2.079  -14.572 -4.321  1.00 15.43 ? 45  TRP A C   1 
ATOM   311  O O   . TRP A 1 44  ? -2.566  -13.957 -3.370  1.00 12.81 ? 45  TRP A O   1 
ATOM   312  C CB  . TRP A 1 44  ? -3.823  -15.769 -5.592  1.00 16.75 ? 45  TRP A CB  1 
ATOM   313  C CG  . TRP A 1 44  ? -3.144  -17.074 -5.276  1.00 15.60 ? 45  TRP A CG  1 
ATOM   314  C CD1 . TRP A 1 44  ? -2.509  -17.899 -6.157  1.00 20.62 ? 45  TRP A CD1 1 
ATOM   315  C CD2 . TRP A 1 44  ? -2.936  -17.643 -3.974  1.00 18.34 ? 45  TRP A CD2 1 
ATOM   316  N NE1 . TRP A 1 44  ? -1.915  -18.943 -5.489  1.00 16.31 ? 45  TRP A NE1 1 
ATOM   317  C CE2 . TRP A 1 44  ? -2.162  -18.810 -4.147  1.00 21.42 ? 45  TRP A CE2 1 
ATOM   318  C CE3 . TRP A 1 44  ? -3.327  -17.278 -2.679  1.00 23.73 ? 45  TRP A CE3 1 
ATOM   319  C CZ2 . TRP A 1 44  ? -1.770  -19.620 -3.069  1.00 26.13 ? 45  TRP A CZ2 1 
ATOM   320  C CZ3 . TRP A 1 44  ? -2.935  -18.084 -1.606  1.00 22.28 ? 45  TRP A CZ3 1 
ATOM   321  C CH2 . TRP A 1 44  ? -2.166  -19.239 -1.811  1.00 22.63 ? 45  TRP A CH2 1 
ATOM   322  N N   . PHE A 1 45  ? -0.932  -15.246 -4.241  1.00 13.02 ? 46  PHE A N   1 
ATOM   323  C CA  . PHE A 1 45  ? -0.171  -15.310 -2.997  1.00 12.35 ? 46  PHE A CA  1 
ATOM   324  C C   . PHE A 1 45  ? 0.182   -13.965 -2.380  1.00 11.35 ? 46  PHE A C   1 
ATOM   325  O O   . PHE A 1 45  ? 0.039   -13.782 -1.179  1.00 6.67  ? 46  PHE A O   1 
ATOM   326  C CB  . PHE A 1 45  ? 1.126   -16.094 -3.194  1.00 14.11 ? 46  PHE A CB  1 
ATOM   327  C CG  . PHE A 1 45  ? 1.961   -16.201 -1.947  1.00 14.05 ? 46  PHE A CG  1 
ATOM   328  C CD1 . PHE A 1 45  ? 1.603   -17.074 -0.925  1.00 14.80 ? 46  PHE A CD1 1 
ATOM   329  C CD2 . PHE A 1 45  ? 3.110   -15.433 -1.795  1.00 15.01 ? 46  PHE A CD2 1 
ATOM   330  C CE1 . PHE A 1 45  ? 2.382   -17.185 0.226   1.00 12.45 ? 46  PHE A CE1 1 
ATOM   331  C CE2 . PHE A 1 45  ? 3.888   -15.539 -0.651  1.00 16.29 ? 46  PHE A CE2 1 
ATOM   332  C CZ  . PHE A 1 45  ? 3.521   -16.421 0.362   1.00 12.87 ? 46  PHE A CZ  1 
ATOM   333  N N   . ILE A 1 46  ? 0.657   -13.033 -3.197  1.00 8.99  ? 47  ILE A N   1 
ATOM   334  C CA  . ILE A 1 46  ? 1.054   -11.725 -2.689  1.00 8.99  ? 47  ILE A CA  1 
ATOM   335  C C   . ILE A 1 46  ? -0.112  -10.965 -2.052  1.00 8.99  ? 47  ILE A C   1 
ATOM   336  O O   . ILE A 1 46  ? 0.062   -10.299 -1.030  1.00 15.75 ? 47  ILE A O   1 
ATOM   337  C CB  . ILE A 1 46  ? 1.707   -10.870 -3.811  1.00 8.99  ? 47  ILE A CB  1 
ATOM   338  C CG1 . ILE A 1 46  ? 2.525   -9.742  -3.176  1.00 8.99  ? 47  ILE A CG1 1 
ATOM   339  C CG2 . ILE A 1 46  ? 0.638   -10.323 -4.768  1.00 8.99  ? 47  ILE A CG2 1 
ATOM   340  C CD1 . ILE A 1 46  ? 3.666   -10.263 -2.267  1.00 8.99  ? 47  ILE A CD1 1 
ATOM   341  N N   . CYS A 1 47  ? -1.295  -11.070 -2.652  1.00 14.61 ? 48  CYS A N   1 
ATOM   342  C CA  . CYS A 1 47  ? -2.489  -10.404 -2.130  1.00 13.81 ? 48  CYS A CA  1 
ATOM   343  C C   . CYS A 1 47  ? -2.810  -10.998 -0.765  1.00 13.43 ? 48  CYS A C   1 
ATOM   344  O O   . CYS A 1 47  ? -3.148  -10.288 0.180   1.00 9.97  ? 48  CYS A O   1 
ATOM   345  C CB  . CYS A 1 47  ? -3.702  -10.643 -3.041  1.00 15.36 ? 48  CYS A CB  1 
ATOM   346  S SG  . CYS A 1 47  ? -3.498  -10.238 -4.806  1.00 15.29 ? 48  CYS A SG  1 
ATOM   347  N N   . ASN A 1 48  ? -2.712  -12.320 -0.694  1.00 12.82 ? 49  ASN A N   1 
ATOM   348  C CA  . ASN A 1 48  ? -2.993  -13.066 0.520   1.00 11.18 ? 49  ASN A CA  1 
ATOM   349  C C   . ASN A 1 48  ? -2.021  -12.645 1.628   1.00 12.64 ? 49  ASN A C   1 
ATOM   350  O O   . ASN A 1 48  ? -2.443  -12.356 2.752   1.00 14.42 ? 49  ASN A O   1 
ATOM   351  C CB  . ASN A 1 48  ? -2.896  -14.572 0.207   1.00 12.26 ? 49  ASN A CB  1 
ATOM   352  C CG  . ASN A 1 48  ? -3.347  -15.450 1.358   1.00 12.88 ? 49  ASN A CG  1 
ATOM   353  O OD1 . ASN A 1 48  ? -2.597  -15.689 2.299   1.00 21.15 ? 49  ASN A OD1 1 
ATOM   354  N ND2 . ASN A 1 48  ? -4.581  -15.941 1.282   1.00 15.79 ? 49  ASN A ND2 1 
ATOM   355  N N   . LEU A 1 49  ? -0.727  -12.593 1.318   1.00 12.99 ? 50  LEU A N   1 
ATOM   356  C CA  . LEU A 1 49  ? 0.260   -12.189 2.319   1.00 14.76 ? 50  LEU A CA  1 
ATOM   357  C C   . LEU A 1 49  ? -0.017  -10.784 2.850   1.00 12.20 ? 50  LEU A C   1 
ATOM   358  O O   . LEU A 1 49  ? -0.080  -10.575 4.060   1.00 10.89 ? 50  LEU A O   1 
ATOM   359  C CB  . LEU A 1 49  ? 1.682   -12.217 1.742   1.00 16.68 ? 50  LEU A CB  1 
ATOM   360  C CG  . LEU A 1 49  ? 2.785   -11.770 2.714   1.00 11.55 ? 50  LEU A CG  1 
ATOM   361  C CD1 . LEU A 1 49  ? 2.966   -12.807 3.815   1.00 12.50 ? 50  LEU A CD1 1 
ATOM   362  C CD2 . LEU A 1 49  ? 4.094   -11.571 1.963   1.00 22.34 ? 50  LEU A CD2 1 
ATOM   363  N N   . LEU A 1 50  ? -0.185  -9.830  1.938   1.00 12.97 ? 51  LEU A N   1 
ATOM   364  C CA  . LEU A 1 50  ? -0.418  -8.431  2.291   1.00 14.66 ? 51  LEU A CA  1 
ATOM   365  C C   . LEU A 1 50  ? -1.608  -8.200  3.224   1.00 14.48 ? 51  LEU A C   1 
ATOM   366  O O   . LEU A 1 50  ? -1.648  -7.211  3.957   1.00 18.31 ? 51  LEU A O   1 
ATOM   367  C CB  . LEU A 1 50  ? -0.578  -7.592  1.012   1.00 15.14 ? 51  LEU A CB  1 
ATOM   368  C CG  . LEU A 1 50  ? 0.613   -7.591  0.039   1.00 18.01 ? 51  LEU A CG  1 
ATOM   369  C CD1 . LEU A 1 50  ? 0.241   -6.884  -1.263  1.00 16.24 ? 51  LEU A CD1 1 
ATOM   370  C CD2 . LEU A 1 50  ? 1.804   -6.918  0.691   1.00 18.64 ? 51  LEU A CD2 1 
ATOM   371  N N   . GLU A 1 51  ? -2.570  -9.115  3.205   1.00 13.60 ? 52  GLU A N   1 
ATOM   372  C CA  . GLU A 1 51  ? -3.748  -8.999  4.052   1.00 13.59 ? 52  GLU A CA  1 
ATOM   373  C C   . GLU A 1 51  ? -3.411  -9.064  5.546   1.00 15.86 ? 52  GLU A C   1 
ATOM   374  O O   . GLU A 1 51  ? -4.076  -8.435  6.375   1.00 14.28 ? 52  GLU A O   1 
ATOM   375  C CB  . GLU A 1 51  ? -4.744  -10.115 3.702   1.00 16.63 ? 52  GLU A CB  1 
ATOM   376  C CG  . GLU A 1 51  ? -6.039  -10.076 4.504   1.00 16.57 ? 52  GLU A CG  1 
ATOM   377  C CD  . GLU A 1 51  ? -6.931  -8.924  4.103   1.00 20.04 ? 52  GLU A CD  1 
ATOM   378  O OE1 . GLU A 1 51  ? -7.753  -8.483  4.940   1.00 25.23 ? 52  GLU A OE1 1 
ATOM   379  O OE2 . GLU A 1 51  ? -6.819  -8.464  2.946   1.00 23.05 ? 52  GLU A OE2 1 
ATOM   380  N N   . SER A 1 52  ? -2.372  -9.812  5.898   1.00 14.28 ? 53  SER A N   1 
ATOM   381  C CA  . SER A 1 52  ? -2.026  -9.957  7.303   1.00 15.66 ? 53  SER A CA  1 
ATOM   382  C C   . SER A 1 52  ? -0.571  -9.732  7.698   1.00 15.00 ? 53  SER A C   1 
ATOM   383  O O   . SER A 1 52  ? -0.267  -9.683  8.888   1.00 17.28 ? 53  SER A O   1 
ATOM   384  C CB  . SER A 1 52  ? -2.468  -11.341 7.796   1.00 15.65 ? 53  SER A CB  1 
ATOM   385  O OG  . SER A 1 52  ? -1.864  -12.375 7.031   1.00 18.56 ? 53  SER A OG  1 
ATOM   386  N N   . ILE A 1 53  ? 0.332   -9.586  6.735   1.00 8.99  ? 54  ILE A N   1 
ATOM   387  C CA  . ILE A 1 53  ? 1.727   -9.390  7.109   1.00 8.99  ? 54  ILE A CA  1 
ATOM   388  C C   . ILE A 1 53  ? 1.948   -8.121  7.932   1.00 8.99  ? 54  ILE A C   1 
ATOM   389  O O   . ILE A 1 53  ? 1.428   -7.046  7.617   1.00 16.50 ? 54  ILE A O   1 
ATOM   390  C CB  . ILE A 1 53  ? 2.678   -9.371  5.881   1.00 8.99  ? 54  ILE A CB  1 
ATOM   391  C CG1 . ILE A 1 53  ? 4.132   -9.429  6.373   1.00 8.99  ? 54  ILE A CG1 1 
ATOM   392  C CG2 . ILE A 1 53  ? 2.458   -8.103  5.037   1.00 8.99  ? 54  ILE A CG2 1 
ATOM   393  C CD1 . ILE A 1 53  ? 5.152   -9.631  5.260   1.00 8.99  ? 54  ILE A CD1 1 
ATOM   394  N N   . ASP A 1 54  ? 2.717   -8.272  9.004   1.00 15.92 ? 55  ASP A N   1 
ATOM   395  C CA  . ASP A 1 54  ? 3.048   -7.167  9.894   1.00 16.42 ? 55  ASP A CA  1 
ATOM   396  C C   . ASP A 1 54  ? 3.685   -6.031  9.090   1.00 16.16 ? 55  ASP A C   1 
ATOM   397  O O   . ASP A 1 54  ? 4.541   -6.260  8.230   1.00 13.98 ? 55  ASP A O   1 
ATOM   398  C CB  . ASP A 1 54  ? 4.026   -7.656  10.973  1.00 17.27 ? 55  ASP A CB  1 
ATOM   399  C CG  . ASP A 1 54  ? 4.244   -6.630  12.091  1.00 22.39 ? 55  ASP A CG  1 
ATOM   400  O OD1 . ASP A 1 54  ? 4.667   -5.484  11.806  1.00 18.77 ? 55  ASP A OD1 1 
ATOM   401  O OD2 . ASP A 1 54  ? 3.997   -6.982  13.259  1.00 23.58 ? 55  ASP A OD2 1 
ATOM   402  N N   . CYS A 1 55  ? 3.270   -4.801  9.374   1.00 16.56 ? 56  CYS A N   1 
ATOM   403  C CA  . CYS A 1 55  ? 3.813   -3.642  8.674   1.00 16.68 ? 56  CYS A CA  1 
ATOM   404  C C   . CYS A 1 55  ? 5.330   -3.509  8.827   1.00 16.04 ? 56  CYS A C   1 
ATOM   405  O O   . CYS A 1 55  ? 5.987   -2.817  8.043   1.00 12.63 ? 56  CYS A O   1 
ATOM   406  C CB  . CYS A 1 55  ? 3.114   -2.367  9.155   1.00 16.05 ? 56  CYS A CB  1 
ATOM   407  S SG  . CYS A 1 55  ? 1.414   -2.216  8.513   1.00 16.42 ? 56  CYS A SG  1 
ATOM   408  N N   . ARG A 1 56  ? 5.880   -4.170  9.836   1.00 15.57 ? 57  ARG A N   1 
ATOM   409  C CA  . ARG A 1 56  ? 7.323   -4.139  10.068  1.00 15.24 ? 57  ARG A CA  1 
ATOM   410  C C   . ARG A 1 56  ? 8.077   -4.845  8.940   1.00 15.34 ? 57  ARG A C   1 
ATOM   411  O O   . ARG A 1 56  ? 9.250   -4.564  8.720   1.00 12.54 ? 57  ARG A O   1 
ATOM   412  C CB  . ARG A 1 56  ? 7.697   -4.860  11.368  1.00 17.04 ? 57  ARG A CB  1 
ATOM   413  C CG  . ARG A 1 56  ? 7.264   -4.226  12.675  1.00 19.16 ? 57  ARG A CG  1 
ATOM   414  C CD  . ARG A 1 56  ? 7.724   -5.129  13.820  1.00 17.75 ? 57  ARG A CD  1 
ATOM   415  N NE  . ARG A 1 56  ? 9.163   -5.379  13.740  1.00 22.48 ? 57  ARG A NE  1 
ATOM   416  C CZ  . ARG A 1 56  ? 9.796   -6.392  14.330  1.00 15.30 ? 57  ARG A CZ  1 
ATOM   417  N NH1 . ARG A 1 56  ? 9.127   -7.278  15.055  1.00 15.65 ? 57  ARG A NH1 1 
ATOM   418  N NH2 . ARG A 1 56  ? 11.111  -6.511  14.200  1.00 20.32 ? 57  ARG A NH2 1 
ATOM   419  N N   . TYR A 1 57  ? 7.405   -5.757  8.239   1.00 14.35 ? 58  TYR A N   1 
ATOM   420  C CA  . TYR A 1 57  ? 8.046   -6.538  7.173   1.00 13.32 ? 58  TYR A CA  1 
ATOM   421  C C   . TYR A 1 57  ? 7.517   -6.333  5.756   1.00 11.63 ? 58  TYR A C   1 
ATOM   422  O O   . TYR A 1 57  ? 8.241   -6.557  4.781   1.00 12.19 ? 58  TYR A O   1 
ATOM   423  C CB  . TYR A 1 57  ? 7.931   -8.041  7.479   1.00 15.40 ? 58  TYR A CB  1 
ATOM   424  C CG  . TYR A 1 57  ? 8.277   -8.453  8.892   1.00 14.77 ? 58  TYR A CG  1 
ATOM   425  C CD1 . TYR A 1 57  ? 9.445   -8.004  9.508   1.00 13.90 ? 58  TYR A CD1 1 
ATOM   426  C CD2 . TYR A 1 57  ? 7.444   -9.319  9.607   1.00 11.43 ? 58  TYR A CD2 1 
ATOM   427  C CE1 . TYR A 1 57  ? 9.780   -8.405  10.808  1.00 11.05 ? 58  TYR A CE1 1 
ATOM   428  C CE2 . TYR A 1 57  ? 7.768   -9.730  10.900  1.00 14.75 ? 58  TYR A CE2 1 
ATOM   429  C CZ  . TYR A 1 57  ? 8.938   -9.266  11.497  1.00 15.73 ? 58  TYR A CZ  1 
ATOM   430  O OH  . TYR A 1 57  ? 9.252   -9.641  12.782  1.00 11.55 ? 58  TYR A OH  1 
ATOM   431  N N   . MET A 1 58  ? 6.253   -5.940  5.644   1.00 11.58 ? 59  MET A N   1 
ATOM   432  C CA  . MET A 1 58  ? 5.615   -5.762  4.345   1.00 11.55 ? 59  MET A CA  1 
ATOM   433  C C   . MET A 1 58  ? 6.504   -5.185  3.246   1.00 12.59 ? 59  MET A C   1 
ATOM   434  O O   . MET A 1 58  ? 6.651   -5.787  2.187   1.00 11.87 ? 59  MET A O   1 
ATOM   435  C CB  . MET A 1 58  ? 4.356   -4.901  4.474   1.00 11.39 ? 59  MET A CB  1 
ATOM   436  C CG  . MET A 1 58  ? 3.636   -4.692  3.145   1.00 11.76 ? 59  MET A CG  1 
ATOM   437  S SD  . MET A 1 58  ? 2.068   -3.817  3.283   1.00 9.53  ? 59  MET A SD  1 
ATOM   438  C CE  . MET A 1 58  ? 0.988   -5.147  3.758   1.00 17.40 ? 59  MET A CE  1 
ATOM   439  N N   . PHE A 1 59  ? 7.114   -4.036  3.497   1.00 14.64 ? 60  PHE A N   1 
ATOM   440  C CA  . PHE A 1 59  ? 7.947   -3.410  2.481   1.00 16.06 ? 60  PHE A CA  1 
ATOM   441  C C   . PHE A 1 59  ? 9.235   -4.159  2.150   1.00 16.23 ? 60  PHE A C   1 
ATOM   442  O O   . PHE A 1 59  ? 9.682   -4.129  1.009   1.00 18.74 ? 60  PHE A O   1 
ATOM   443  C CB  . PHE A 1 59  ? 8.214   -1.958  2.884   1.00 16.64 ? 60  PHE A CB  1 
ATOM   444  C CG  . PHE A 1 59  ? 6.949   -1.151  3.046   1.00 17.58 ? 60  PHE A CG  1 
ATOM   445  C CD1 . PHE A 1 59  ? 6.714   -0.414  4.202   1.00 17.85 ? 60  PHE A CD1 1 
ATOM   446  C CD2 . PHE A 1 59  ? 5.967   -1.175  2.058   1.00 18.05 ? 60  PHE A CD2 1 
ATOM   447  C CE1 . PHE A 1 59  ? 5.511   0.283   4.373   1.00 20.37 ? 60  PHE A CE1 1 
ATOM   448  C CE2 . PHE A 1 59  ? 4.768   -0.486  2.217   1.00 17.13 ? 60  PHE A CE2 1 
ATOM   449  C CZ  . PHE A 1 59  ? 4.535   0.246   3.379   1.00 20.72 ? 60  PHE A CZ  1 
ATOM   450  N N   . GLN A 1 60  ? 9.827   -4.835  3.131   1.00 15.55 ? 61  GLN A N   1 
ATOM   451  C CA  . GLN A 1 60  ? 11.044  -5.620  2.887   1.00 18.50 ? 61  GLN A CA  1 
ATOM   452  C C   . GLN A 1 60  ? 10.688  -6.750  1.920   1.00 17.05 ? 61  GLN A C   1 
ATOM   453  O O   . GLN A 1 60  ? 11.458  -7.099  1.023   1.00 16.51 ? 61  GLN A O   1 
ATOM   454  C CB  . GLN A 1 60  ? 11.559  -6.245  4.185   1.00 18.88 ? 61  GLN A CB  1 
ATOM   455  C CG  . GLN A 1 60  ? 12.032  -5.261  5.245   1.00 26.48 ? 61  GLN A CG  1 
ATOM   456  C CD  . GLN A 1 60  ? 12.289  -5.948  6.582   1.00 37.09 ? 61  GLN A CD  1 
ATOM   457  O OE1 . GLN A 1 60  ? 12.917  -7.011  6.642   1.00 38.47 ? 61  GLN A OE1 1 
ATOM   458  N NE2 . GLN A 1 60  ? 11.809  -5.338  7.661   1.00 34.87 ? 61  GLN A NE2 1 
ATOM   459  N N   . VAL A 1 61  ? 9.512   -7.334  2.132   1.00 16.91 ? 62  VAL A N   1 
ATOM   460  C CA  . VAL A 1 61  ? 9.038   -8.413  1.280   1.00 16.30 ? 62  VAL A CA  1 
ATOM   461  C C   . VAL A 1 61  ? 8.791   -7.895  -0.128  1.00 13.90 ? 62  VAL A C   1 
ATOM   462  O O   . VAL A 1 61  ? 9.274   -8.479  -1.096  1.00 12.73 ? 62  VAL A O   1 
ATOM   463  C CB  . VAL A 1 61  ? 7.728   -9.018  1.803   1.00 16.25 ? 62  VAL A CB  1 
ATOM   464  C CG1 . VAL A 1 61  ? 7.200   -10.033 0.800   1.00 17.96 ? 62  VAL A CG1 1 
ATOM   465  C CG2 . VAL A 1 61  ? 7.963   -9.679  3.162   1.00 18.79 ? 62  VAL A CG2 1 
ATOM   466  N N   . LEU A 1 62  ? 8.044   -6.797  -0.239  1.00 11.84 ? 63  LEU A N   1 
ATOM   467  C CA  . LEU A 1 62  ? 7.733   -6.209  -1.538  1.00 12.36 ? 63  LEU A CA  1 
ATOM   468  C C   . LEU A 1 62  ? 8.980   -5.813  -2.329  1.00 11.75 ? 63  LEU A C   1 
ATOM   469  O O   . LEU A 1 62  ? 9.020   -5.979  -3.548  1.00 11.71 ? 63  LEU A O   1 
ATOM   470  C CB  . LEU A 1 62  ? 6.820   -4.989  -1.371  1.00 11.50 ? 63  LEU A CB  1 
ATOM   471  C CG  . LEU A 1 62  ? 5.370   -5.288  -0.993  1.00 10.70 ? 63  LEU A CG  1 
ATOM   472  C CD1 . LEU A 1 62  ? 4.608   -3.985  -0.818  1.00 16.40 ? 63  LEU A CD1 1 
ATOM   473  C CD2 . LEU A 1 62  ? 4.729   -6.144  -2.083  1.00 12.04 ? 63  LEU A CD2 1 
ATOM   474  N N   . ASP A 1 63  ? 9.986   -5.285  -1.636  1.00 12.47 ? 64  ASP A N   1 
ATOM   475  C CA  . ASP A 1 63  ? 11.241  -4.887  -2.272  1.00 14.84 ? 64  ASP A CA  1 
ATOM   476  C C   . ASP A 1 63  ? 11.921  -6.097  -2.922  1.00 14.76 ? 64  ASP A C   1 
ATOM   477  O O   . ASP A 1 63  ? 12.591  -5.982  -3.942  1.00 15.89 ? 64  ASP A O   1 
ATOM   478  C CB  . ASP A 1 63  ? 12.200  -4.303  -1.232  1.00 15.01 ? 64  ASP A CB  1 
ATOM   479  C CG  . ASP A 1 63  ? 11.873  -2.867  -0.861  1.00 16.12 ? 64  ASP A CG  1 
ATOM   480  O OD1 . ASP A 1 63  ? 12.400  -2.408  0.169   1.00 20.20 ? 64  ASP A OD1 1 
ATOM   481  O OD2 . ASP A 1 63  ? 11.113  -2.193  -1.588  1.00 13.77 ? 64  ASP A OD2 1 
ATOM   482  N N   . LYS A 1 64  ? 11.748  -7.265  -2.325  1.00 14.83 ? 65  LYS A N   1 
ATOM   483  C CA  . LYS A 1 64  ? 12.396  -8.455  -2.859  1.00 16.60 ? 65  LYS A CA  1 
ATOM   484  C C   . LYS A 1 64  ? 11.590  -9.216  -3.893  1.00 17.24 ? 65  LYS A C   1 
ATOM   485  O O   . LYS A 1 64  ? 12.131  -9.635  -4.915  1.00 17.01 ? 65  LYS A O   1 
ATOM   486  C CB  . LYS A 1 64  ? 12.768  -9.399  -1.721  1.00 17.01 ? 65  LYS A CB  1 
ATOM   487  C CG  . LYS A 1 64  ? 14.015  -8.987  -0.953  1.00 22.43 ? 65  LYS A CG  1 
ATOM   488  C CD  . LYS A 1 64  ? 14.218  -9.873  0.261   1.00 26.83 ? 65  LYS A CD  1 
ATOM   489  C CE  . LYS A 1 64  ? 15.642  -9.785  0.781   1.00 34.70 ? 65  LYS A CE  1 
ATOM   490  N NZ  . LYS A 1 64  ? 16.112  -8.381  0.876   1.00 35.63 ? 65  LYS A NZ  1 
ATOM   491  N N   . ILE A 1 65  ? 10.295  -9.370  -3.651  1.00 15.13 ? 66  ILE A N   1 
ATOM   492  C CA  . ILE A 1 65  ? 9.477   -10.152 -4.568  1.00 16.72 ? 66  ILE A CA  1 
ATOM   493  C C   . ILE A 1 65  ? 8.266   -9.470  -5.201  1.00 17.21 ? 66  ILE A C   1 
ATOM   494  O O   . ILE A 1 65  ? 7.538   -10.091 -5.968  1.00 15.57 ? 66  ILE A O   1 
ATOM   495  C CB  . ILE A 1 65  ? 9.009   -11.435 -3.862  1.00 17.59 ? 66  ILE A CB  1 
ATOM   496  C CG1 . ILE A 1 65  ? 8.098   -11.084 -2.679  1.00 19.34 ? 66  ILE A CG1 1 
ATOM   497  C CG2 . ILE A 1 65  ? 10.224  -12.205 -3.346  1.00 15.79 ? 66  ILE A CG2 1 
ATOM   498  C CD1 . ILE A 1 65  ? 7.583   -12.294 -1.920  1.00 25.21 ? 66  ILE A CD1 1 
ATOM   499  N N   . GLY A 1 66  ? 8.053   -8.199  -4.894  1.00 18.34 ? 67  GLY A N   1 
ATOM   500  C CA  . GLY A 1 66  ? 6.913   -7.505  -5.462  1.00 19.21 ? 67  GLY A CA  1 
ATOM   501  C C   . GLY A 1 66  ? 6.832   -7.609  -6.976  1.00 19.17 ? 67  GLY A C   1 
ATOM   502  O O   . GLY A 1 66  ? 5.760   -7.835  -7.534  1.00 19.84 ? 67  GLY A O   1 
ATOM   503  N N   . SER A 1 67  ? 7.977   -7.453  -7.633  1.00 19.37 ? 68  SER A N   1 
ATOM   504  C CA  . SER A 1 67  ? 8.064   -7.487  -9.088  1.00 18.43 ? 68  SER A CA  1 
ATOM   505  C C   . SER A 1 67  ? 7.592   -8.774  -9.758  1.00 16.84 ? 68  SER A C   1 
ATOM   506  O O   . SER A 1 67  ? 7.309   -8.769  -10.952 1.00 16.60 ? 68  SER A O   1 
ATOM   507  C CB  . SER A 1 67  ? 9.504   -7.181  -9.527  1.00 18.92 ? 68  SER A CB  1 
ATOM   508  O OG  . SER A 1 67  ? 10.409  -8.176  -9.074  1.00 17.62 ? 68  SER A OG  1 
ATOM   509  N N   . TYR A 1 68  ? 7.509   -9.871  -9.006  1.00 14.24 ? 69  TYR A N   1 
ATOM   510  C CA  . TYR A 1 68  ? 7.055   -11.144 -9.576  1.00 15.28 ? 69  TYR A CA  1 
ATOM   511  C C   . TYR A 1 68  ? 5.540   -11.281 -9.645  1.00 15.79 ? 69  TYR A C   1 
ATOM   512  O O   . TYR A 1 68  ? 5.027   -12.255 -10.207 1.00 14.14 ? 69  TYR A O   1 
ATOM   513  C CB  . TYR A 1 68  ? 7.597   -12.331 -8.776  1.00 14.14 ? 69  TYR A CB  1 
ATOM   514  C CG  . TYR A 1 68  ? 9.084   -12.537 -8.910  1.00 13.49 ? 69  TYR A CG  1 
ATOM   515  C CD1 . TYR A 1 68  ? 9.975   -11.865 -8.085  1.00 14.87 ? 69  TYR A CD1 1 
ATOM   516  C CD2 . TYR A 1 68  ? 9.598   -13.395 -9.881  1.00 19.51 ? 69  TYR A CD2 1 
ATOM   517  C CE1 . TYR A 1 68  ? 11.352  -12.039 -8.220  1.00 23.66 ? 69  TYR A CE1 1 
ATOM   518  C CE2 . TYR A 1 68  ? 10.969  -13.580 -10.026 1.00 23.83 ? 69  TYR A CE2 1 
ATOM   519  C CZ  . TYR A 1 68  ? 11.841  -12.901 -9.193  1.00 21.47 ? 69  TYR A CZ  1 
ATOM   520  O OH  . TYR A 1 68  ? 13.198  -13.093 -9.320  1.00 23.35 ? 69  TYR A OH  1 
ATOM   521  N N   . PHE A 1 69  ? 4.825   -10.313 -9.080  1.00 13.97 ? 70  PHE A N   1 
ATOM   522  C CA  . PHE A 1 69  ? 3.366   -10.371 -9.058  1.00 15.93 ? 70  PHE A CA  1 
ATOM   523  C C   . PHE A 1 69  ? 2.706   -9.184  -9.736  1.00 15.45 ? 70  PHE A C   1 
ATOM   524  O O   . PHE A 1 69  ? 3.341   -8.161  -9.990  1.00 20.64 ? 70  PHE A O   1 
ATOM   525  C CB  . PHE A 1 69  ? 2.871   -10.423 -7.605  1.00 14.53 ? 70  PHE A CB  1 
ATOM   526  C CG  . PHE A 1 69  ? 3.471   -11.536 -6.787  1.00 16.38 ? 70  PHE A CG  1 
ATOM   527  C CD1 . PHE A 1 69  ? 2.798   -12.746 -6.631  1.00 13.25 ? 70  PHE A CD1 1 
ATOM   528  C CD2 . PHE A 1 69  ? 4.708   -11.368 -6.157  1.00 16.42 ? 70  PHE A CD2 1 
ATOM   529  C CE1 . PHE A 1 69  ? 3.345   -13.773 -5.861  1.00 12.75 ? 70  PHE A CE1 1 
ATOM   530  C CE2 . PHE A 1 69  ? 5.263   -12.388 -5.382  1.00 10.62 ? 70  PHE A CE2 1 
ATOM   531  C CZ  . PHE A 1 69  ? 4.581   -13.591 -5.235  1.00 17.60 ? 70  PHE A CZ  1 
ATOM   532  N N   . ASP A 1 70  ? 1.419   -9.335  -10.032 1.00 18.21 ? 71  ASP A N   1 
ATOM   533  C CA  . ASP A 1 70  ? 0.624   -8.257  -10.613 1.00 16.14 ? 71  ASP A CA  1 
ATOM   534  C C   . ASP A 1 70  ? -0.203  -7.745  -9.439  1.00 13.59 ? 71  ASP A C   1 
ATOM   535  O O   . ASP A 1 70  ? -1.253  -8.301  -9.139  1.00 9.62  ? 71  ASP A O   1 
ATOM   536  C CB  . ASP A 1 70  ? -0.318  -8.776  -11.698 1.00 17.35 ? 71  ASP A CB  1 
ATOM   537  C CG  . ASP A 1 70  ? 0.415   -9.213  -12.940 1.00 23.10 ? 71  ASP A CG  1 
ATOM   538  O OD1 . ASP A 1 70  ? 1.287   -8.445  -13.406 1.00 20.92 ? 71  ASP A OD1 1 
ATOM   539  O OD2 . ASP A 1 70  ? 0.112   -10.315 -13.449 1.00 30.75 ? 71  ASP A OD2 1 
ATOM   540  N N   . LEU A 1 71  ? 0.292   -6.710  -8.765  1.00 14.28 ? 72  LEU A N   1 
ATOM   541  C CA  . LEU A 1 71  ? -0.402  -6.145  -7.614  1.00 17.49 ? 72  LEU A CA  1 
ATOM   542  C C   . LEU A 1 71  ? -1.775  -5.589  -7.967  1.00 18.66 ? 72  LEU A C   1 
ATOM   543  O O   . LEU A 1 71  ? -2.675  -5.571  -7.126  1.00 20.14 ? 72  LEU A O   1 
ATOM   544  C CB  . LEU A 1 71  ? 0.445   -5.045  -6.974  1.00 16.80 ? 72  LEU A CB  1 
ATOM   545  C CG  . LEU A 1 71  ? 1.582   -5.468  -6.038  1.00 21.52 ? 72  LEU A CG  1 
ATOM   546  C CD1 . LEU A 1 71  ? 2.400   -4.257  -5.657  1.00 24.50 ? 72  LEU A CD1 1 
ATOM   547  C CD2 . LEU A 1 71  ? 1.021   -6.119  -4.795  1.00 22.87 ? 72  LEU A CD2 1 
ATOM   548  N N   . ASP A 1 72  ? -1.935  -5.151  -9.212  1.00 18.93 ? 73  ASP A N   1 
ATOM   549  C CA  . ASP A 1 72  ? -3.202  -4.589  -9.663  1.00 22.09 ? 73  ASP A CA  1 
ATOM   550  C C   . ASP A 1 72  ? -4.328  -5.616  -9.593  1.00 20.97 ? 73  ASP A C   1 
ATOM   551  O O   . ASP A 1 72  ? -5.503  -5.265  -9.659  1.00 23.14 ? 73  ASP A O   1 
ATOM   552  C CB  . ASP A 1 72  ? -3.072  -4.043  -11.093 1.00 24.61 ? 73  ASP A CB  1 
ATOM   553  C CG  . ASP A 1 72  ? -2.827  -5.133  -12.124 1.00 28.98 ? 73  ASP A CG  1 
ATOM   554  O OD1 . ASP A 1 72  ? -1.805  -5.848  -12.028 1.00 38.78 ? 73  ASP A OD1 1 
ATOM   555  O OD2 . ASP A 1 72  ? -3.662  -5.277  -13.041 1.00 42.16 ? 73  ASP A OD2 1 
ATOM   556  N N   . LYS A 1 73  ? -3.973  -6.890  -9.463  1.00 20.35 ? 74  LYS A N   1 
ATOM   557  C CA  . LYS A 1 73  ? -4.984  -7.928  -9.367  1.00 18.93 ? 74  LYS A CA  1 
ATOM   558  C C   . LYS A 1 73  ? -5.482  -8.080  -7.931  1.00 17.81 ? 74  LYS A C   1 
ATOM   559  O O   . LYS A 1 73  ? -6.512  -8.709  -7.682  1.00 16.54 ? 74  LYS A O   1 
ATOM   560  C CB  . LYS A 1 73  ? -4.433  -9.251  -9.900  1.00 19.92 ? 74  LYS A CB  1 
ATOM   561  C CG  . LYS A 1 73  ? -4.336  -9.254  -11.416 1.00 24.12 ? 74  LYS A CG  1 
ATOM   562  C CD  . LYS A 1 73  ? -3.945  -10.599 -11.978 1.00 32.25 ? 74  LYS A CD  1 
ATOM   563  C CE  . LYS A 1 73  ? -3.854  -10.501 -13.490 1.00 35.47 ? 74  LYS A CE  1 
ATOM   564  N NZ  . LYS A 1 73  ? -3.003  -9.337  -13.874 1.00 36.41 ? 74  LYS A NZ  1 
ATOM   565  N N   . CYS A 1 74  ? -4.755  -7.473  -6.995  1.00 14.88 ? 75  CYS A N   1 
ATOM   566  C CA  . CYS A 1 74  ? -5.120  -7.518  -5.584  1.00 15.38 ? 75  CYS A CA  1 
ATOM   567  C C   . CYS A 1 74  ? -6.230  -6.513  -5.289  1.00 14.25 ? 75  CYS A C   1 
ATOM   568  O O   . CYS A 1 74  ? -6.198  -5.380  -5.774  1.00 19.22 ? 75  CYS A O   1 
ATOM   569  C CB  . CYS A 1 74  ? -3.902  -7.209  -4.704  1.00 12.60 ? 75  CYS A CB  1 
ATOM   570  S SG  . CYS A 1 74  ? -2.558  -8.440  -4.773  1.00 16.82 ? 75  CYS A SG  1 
ATOM   571  N N   . GLN A 1 75  ? -7.206  -6.937  -4.488  1.00 15.21 ? 76  GLN A N   1 
ATOM   572  C CA  . GLN A 1 75  ? -8.345  -6.098  -4.122  1.00 16.50 ? 76  GLN A CA  1 
ATOM   573  C C   . GLN A 1 75  ? -8.185  -5.495  -2.723  1.00 16.56 ? 76  GLN A C   1 
ATOM   574  O O   . GLN A 1 75  ? -8.979  -4.646  -2.308  1.00 15.34 ? 76  GLN A O   1 
ATOM   575  C CB  . GLN A 1 75  ? -9.634  -6.929  -4.165  1.00 17.77 ? 76  GLN A CB  1 
ATOM   576  C CG  . GLN A 1 75  ? -9.821  -7.702  -5.457  1.00 22.19 ? 76  GLN A CG  1 
ATOM   577  C CD  . GLN A 1 75  ? -10.059 -6.803  -6.651  1.00 27.85 ? 76  GLN A CD  1 
ATOM   578  O OE1 . GLN A 1 75  ? -9.765  -7.175  -7.788  1.00 42.08 ? 76  GLN A OE1 1 
ATOM   579  N NE2 . GLN A 1 75  ? -10.605 -5.619  -6.404  1.00 26.20 ? 76  GLN A NE2 1 
ATOM   580  N N   . ASN A 1 76  ? -7.157  -5.942  -2.008  1.00 15.53 ? 77  ASN A N   1 
ATOM   581  C CA  . ASN A 1 76  ? -6.881  -5.478  -0.647  1.00 17.37 ? 77  ASN A CA  1 
ATOM   582  C C   . ASN A 1 76  ? -5.671  -4.551  -0.542  1.00 16.15 ? 77  ASN A C   1 
ATOM   583  O O   . ASN A 1 76  ? -4.993  -4.535  0.490   1.00 17.23 ? 77  ASN A O   1 
ATOM   584  C CB  . ASN A 1 76  ? -6.663  -6.684  0.281   1.00 16.45 ? 77  ASN A CB  1 
ATOM   585  C CG  . ASN A 1 76  ? -5.517  -7.596  -0.183  1.00 17.67 ? 77  ASN A CG  1 
ATOM   586  O OD1 . ASN A 1 76  ? -5.113  -8.514  0.534   1.00 17.73 ? 77  ASN A OD1 1 
ATOM   587  N ND2 . ASN A 1 76  ? -5.002  -7.352  -1.383  1.00 13.48 ? 77  ASN A ND2 1 
ATOM   588  N N   . LEU A 1 77  ? -5.400  -3.778  -1.593  1.00 11.83 ? 78  LEU A N   1 
ATOM   589  C CA  . LEU A 1 77  ? -4.255  -2.882  -1.568  1.00 9.85  ? 78  LEU A CA  1 
ATOM   590  C C   . LEU A 1 77  ? -4.353  -1.766  -0.534  1.00 7.64  ? 78  LEU A C   1 
ATOM   591  O O   . LEU A 1 77  ? -3.406  -1.006  -0.340  1.00 9.64  ? 78  LEU A O   1 
ATOM   592  C CB  . LEU A 1 77  ? -3.965  -2.317  -2.962  1.00 8.98  ? 78  LEU A CB  1 
ATOM   593  C CG  . LEU A 1 77  ? -3.491  -3.378  -3.965  1.00 10.57 ? 78  LEU A CG  1 
ATOM   594  C CD1 . LEU A 1 77  ? -2.837  -2.685  -5.148  1.00 13.92 ? 78  LEU A CD1 1 
ATOM   595  C CD2 . LEU A 1 77  ? -2.488  -4.333  -3.305  1.00 9.36  ? 78  LEU A CD2 1 
ATOM   596  N N   . LYS A 1 78  ? -5.485  -1.681  0.154   1.00 12.44 ? 79  LYS A N   1 
ATOM   597  C CA  . LYS A 1 78  ? -5.612  -0.687  1.206   1.00 11.88 ? 79  LYS A CA  1 
ATOM   598  C C   . LYS A 1 78  ? -4.634  -1.107  2.308   1.00 12.25 ? 79  LYS A C   1 
ATOM   599  O O   . LYS A 1 78  ? -4.180  -0.282  3.102   1.00 12.92 ? 79  LYS A O   1 
ATOM   600  C CB  . LYS A 1 78  ? -7.032  -0.650  1.768   1.00 13.17 ? 79  LYS A CB  1 
ATOM   601  C CG  . LYS A 1 78  ? -7.208  0.410   2.852   1.00 12.06 ? 79  LYS A CG  1 
ATOM   602  C CD  . LYS A 1 78  ? -8.512  0.236   3.633   1.00 19.68 ? 79  LYS A CD  1 
ATOM   603  C CE  . LYS A 1 78  ? -8.561  1.192   4.812   1.00 17.46 ? 79  LYS A CE  1 
ATOM   604  N NZ  . LYS A 1 78  ? -9.794  1.029   5.629   1.00 17.12 ? 79  LYS A NZ  1 
ATOM   605  N N   . SER A 1 79  ? -4.311  -2.400  2.345   1.00 12.58 ? 80  SER A N   1 
ATOM   606  C CA  . SER A 1 79  ? -3.377  -2.949  3.333   1.00 13.59 ? 80  SER A CA  1 
ATOM   607  C C   . SER A 1 79  ? -1.984  -2.332  3.174   1.00 10.82 ? 80  SER A C   1 
ATOM   608  O O   . SER A 1 79  ? -1.252  -2.140  4.149   1.00 8.67  ? 80  SER A O   1 
ATOM   609  C CB  . SER A 1 79  ? -3.259  -4.473  3.167   1.00 16.95 ? 80  SER A CB  1 
ATOM   610  O OG  . SER A 1 79  ? -4.524  -5.115  3.220   1.00 21.35 ? 80  SER A OG  1 
ATOM   611  N N   . VAL A 1 80  ? -1.609  -2.041  1.935   1.00 10.71 ? 81  VAL A N   1 
ATOM   612  C CA  . VAL A 1 80  ? -0.298  -1.461  1.671   1.00 10.76 ? 81  VAL A CA  1 
ATOM   613  C C   . VAL A 1 80  ? -0.252  -0.003  2.118   1.00 11.50 ? 81  VAL A C   1 
ATOM   614  O O   . VAL A 1 80  ? 0.726   0.440   2.706   1.00 11.71 ? 81  VAL A O   1 
ATOM   615  C CB  . VAL A 1 80  ? 0.072   -1.573  0.169   1.00 9.52  ? 81  VAL A CB  1 
ATOM   616  C CG1 . VAL A 1 80  ? 1.367   -0.814  -0.117  1.00 12.82 ? 81  VAL A CG1 1 
ATOM   617  C CG2 . VAL A 1 80  ? 0.231   -3.036  -0.197  1.00 11.40 ? 81  VAL A CG2 1 
ATOM   618  N N   . VAL A 1 81  ? -1.321  0.736   1.845   1.00 13.58 ? 82  VAL A N   1 
ATOM   619  C CA  . VAL A 1 81  ? -1.399  2.134   2.247   1.00 12.34 ? 82  VAL A CA  1 
ATOM   620  C C   . VAL A 1 81  ? -1.407  2.215   3.779   1.00 13.94 ? 82  VAL A C   1 
ATOM   621  O O   . VAL A 1 81  ? -0.783  3.104   4.367   1.00 9.19  ? 82  VAL A O   1 
ATOM   622  C CB  . VAL A 1 81  ? -2.681  2.792   1.718   1.00 11.93 ? 82  VAL A CB  1 
ATOM   623  C CG1 . VAL A 1 81  ? -2.670  4.277   2.054   1.00 15.17 ? 82  VAL A CG1 1 
ATOM   624  C CG2 . VAL A 1 81  ? -2.805  2.565   0.217   1.00 6.13  ? 82  VAL A CG2 1 
ATOM   625  N N   . GLU A 1 82  ? -2.124  1.286   4.408   1.00 11.53 ? 83  GLU A N   1 
ATOM   626  C CA  . GLU A 1 82  ? -2.216  1.219   5.867   1.00 13.07 ? 83  GLU A CA  1 
ATOM   627  C C   . GLU A 1 82  ? -0.835  1.104   6.495   1.00 12.02 ? 83  GLU A C   1 
ATOM   628  O O   . GLU A 1 82  ? -0.566  1.719   7.524   1.00 10.78 ? 83  GLU A O   1 
ATOM   629  C CB  . GLU A 1 82  ? -3.053  0.015   6.307   1.00 12.85 ? 83  GLU A CB  1 
ATOM   630  C CG  . GLU A 1 82  ? -4.554  0.188   6.193   1.00 23.51 ? 83  GLU A CG  1 
ATOM   631  C CD  . GLU A 1 82  ? -5.102  1.277   7.111   1.00 37.96 ? 83  GLU A CD  1 
ATOM   632  O OE1 . GLU A 1 82  ? -4.452  1.587   8.139   1.00 34.50 ? 83  GLU A OE1 1 
ATOM   633  O OE2 . GLU A 1 82  ? -6.196  1.812   6.812   1.00 38.36 ? 83  GLU A OE2 1 
ATOM   634  N N   . CYS A 1 83  ? 0.034   0.289   5.899   1.00 14.81 ? 84  CYS A N   1 
ATOM   635  C CA  . CYS A 1 83  ? 1.387   0.145   6.430   1.00 13.47 ? 84  CYS A CA  1 
ATOM   636  C C   . CYS A 1 83  ? 2.169   1.430   6.190   1.00 14.36 ? 84  CYS A C   1 
ATOM   637  O O   . CYS A 1 83  ? 3.090   1.757   6.927   1.00 12.60 ? 84  CYS A O   1 
ATOM   638  C CB  . CYS A 1 83  ? 2.095   -1.045  5.792   1.00 15.66 ? 84  CYS A CB  1 
ATOM   639  S SG  . CYS A 1 83  ? 1.622   -2.638  6.536   1.00 14.13 ? 84  CYS A SG  1 
ATOM   640  N N   . GLY A 1 84  ? 1.799   2.163   5.150   1.00 17.17 ? 85  GLY A N   1 
ATOM   641  C CA  . GLY A 1 84  ? 2.464   3.426   4.898   1.00 16.92 ? 85  GLY A CA  1 
ATOM   642  C C   . GLY A 1 84  ? 2.109   4.364   6.042   1.00 18.79 ? 85  GLY A C   1 
ATOM   643  O O   . GLY A 1 84  ? 2.974   5.041   6.599   1.00 20.25 ? 85  GLY A O   1 
ATOM   644  N N   . VAL A 1 85  ? 0.830   4.387   6.410   1.00 20.64 ? 86  VAL A N   1 
ATOM   645  C CA  . VAL A 1 85  ? 0.363   5.243   7.500   1.00 22.29 ? 86  VAL A CA  1 
ATOM   646  C C   . VAL A 1 85  ? 0.888   4.798   8.867   1.00 22.96 ? 86  VAL A C   1 
ATOM   647  O O   . VAL A 1 85  ? 1.330   5.624   9.658   1.00 23.92 ? 86  VAL A O   1 
ATOM   648  C CB  . VAL A 1 85  ? -1.192  5.299   7.548   1.00 23.54 ? 86  VAL A CB  1 
ATOM   649  C CG1 . VAL A 1 85  ? -1.661  6.137   8.749   1.00 22.75 ? 86  VAL A CG1 1 
ATOM   650  C CG2 . VAL A 1 85  ? -1.725  5.916   6.259   1.00 22.32 ? 86  VAL A CG2 1 
ATOM   651  N N   . ILE A 1 86  ? 0.836   3.498   9.151   1.00 22.38 ? 87  ILE A N   1 
ATOM   652  C CA  . ILE A 1 86  ? 1.317   2.993   10.434  1.00 21.56 ? 87  ILE A CA  1 
ATOM   653  C C   . ILE A 1 86  ? 2.808   3.273   10.563  1.00 20.35 ? 87  ILE A C   1 
ATOM   654  O O   . ILE A 1 86  ? 3.281   3.710   11.608  1.00 21.90 ? 87  ILE A O   1 
ATOM   655  C CB  . ILE A 1 86  ? 1.072   1.476   10.572  1.00 23.09 ? 87  ILE A CB  1 
ATOM   656  C CG1 . ILE A 1 86  ? -0.431  1.186   10.515  1.00 27.39 ? 87  ILE A CG1 1 
ATOM   657  C CG2 . ILE A 1 86  ? 1.662   0.970   11.889  1.00 23.20 ? 87  ILE A CG2 1 
ATOM   658  C CD1 . ILE A 1 86  ? -0.787  -0.284  10.651  1.00 30.76 ? 87  ILE A CD1 1 
ATOM   659  N N   . ASN A 1 87  ? 3.545   3.017   9.489   1.00 18.83 ? 88  ASN A N   1 
ATOM   660  C CA  . ASN A 1 87  ? 4.976   3.259   9.470   1.00 19.50 ? 88  ASN A CA  1 
ATOM   661  C C   . ASN A 1 87  ? 5.239   4.745   9.201   1.00 20.76 ? 88  ASN A C   1 
ATOM   662  O O   . ASN A 1 87  ? 6.384   5.169   9.090   1.00 22.13 ? 88  ASN A O   1 
ATOM   663  C CB  . ASN A 1 87  ? 5.628   2.405   8.371   1.00 21.07 ? 88  ASN A CB  1 
ATOM   664  C CG  . ASN A 1 87  ? 5.671   0.919   8.727   1.00 16.75 ? 88  ASN A CG  1 
ATOM   665  O OD1 . ASN A 1 87  ? 4.814   0.417   9.443   1.00 16.19 ? 88  ASN A OD1 1 
ATOM   666  N ND2 . ASN A 1 87  ? 6.673   0.216   8.214   1.00 10.41 ? 88  ASN A ND2 1 
ATOM   667  N N   . ASN A 1 88  ? 4.166   5.527   9.100   1.00 24.05 ? 89  ASN A N   1 
ATOM   668  C CA  . ASN A 1 88  ? 4.268   6.957   8.817   1.00 27.08 ? 89  ASN A CA  1 
ATOM   669  C C   . ASN A 1 88  ? 5.324   7.175   7.753   1.00 27.64 ? 89  ASN A C   1 
ATOM   670  O O   . ASN A 1 88  ? 6.125   8.102   7.831   1.00 29.00 ? 89  ASN A O   1 
ATOM   671  C CB  . ASN A 1 88  ? 4.647   7.742   10.073  1.00 27.12 ? 89  ASN A CB  1 
ATOM   672  C CG  . ASN A 1 88  ? 4.467   9.237   9.895   1.00 31.49 ? 89  ASN A CG  1 
ATOM   673  O OD1 . ASN A 1 88  ? 3.393   9.702   9.506   1.00 29.12 ? 89  ASN A OD1 1 
ATOM   674  N ND2 . ASN A 1 88  ? 5.515   10.000  10.187  1.00 30.69 ? 89  ASN A ND2 1 
ATOM   675  N N   . THR A 1 89  ? 5.325   6.305   6.752   1.00 28.76 ? 90  THR A N   1 
ATOM   676  C CA  . THR A 1 89  ? 6.298   6.401   5.682   1.00 28.51 ? 90  THR A CA  1 
ATOM   677  C C   . THR A 1 89  ? 5.655   6.238   4.312   1.00 27.38 ? 90  THR A C   1 
ATOM   678  O O   . THR A 1 89  ? 4.806   5.377   4.103   1.00 26.98 ? 90  THR A O   1 
ATOM   679  C CB  . THR A 1 89  ? 7.404   5.327   5.845   1.00 29.62 ? 90  THR A CB  1 
ATOM   680  O OG1 . THR A 1 89  ? 8.459   5.586   4.915   1.00 33.76 ? 90  THR A OG1 1 
ATOM   681  C CG2 . THR A 1 89  ? 6.839   3.926   5.595   1.00 28.45 ? 90  THR A CG2 1 
ATOM   682  N N   . LEU A 1 90  ? 6.067   7.089   3.387   1.00 24.17 ? 91  LEU A N   1 
ATOM   683  C CA  . LEU A 1 90  ? 5.576   7.053   2.024   1.00 24.96 ? 91  LEU A CA  1 
ATOM   684  C C   . LEU A 1 90  ? 6.702   6.428   1.203   1.00 24.94 ? 91  LEU A C   1 
ATOM   685  O O   . LEU A 1 90  ? 7.875   6.725   1.436   1.00 24.46 ? 91  LEU A O   1 
ATOM   686  C CB  . LEU A 1 90  ? 5.291   8.476   1.545   1.00 25.47 ? 91  LEU A CB  1 
ATOM   687  C CG  . LEU A 1 90  ? 4.692   8.684   0.156   1.00 28.57 ? 91  LEU A CG  1 
ATOM   688  C CD1 . LEU A 1 90  ? 3.385   7.923   0.038   1.00 31.85 ? 91  LEU A CD1 1 
ATOM   689  C CD2 . LEU A 1 90  ? 4.467   10.171  -0.078  1.00 30.46 ? 91  LEU A CD2 1 
ATOM   690  N N   . ASN A 1 91  ? 6.354   5.549   0.270   1.00 21.01 ? 92  ASN A N   1 
ATOM   691  C CA  . ASN A 1 91  ? 7.348   4.897   -0.579  1.00 21.78 ? 92  ASN A CA  1 
ATOM   692  C C   . ASN A 1 91  ? 6.683   4.473   -1.887  1.00 21.71 ? 92  ASN A C   1 
ATOM   693  O O   . ASN A 1 91  ? 5.471   4.616   -2.042  1.00 22.95 ? 92  ASN A O   1 
ATOM   694  C CB  . ASN A 1 91  ? 7.937   3.674   0.127   1.00 22.55 ? 92  ASN A CB  1 
ATOM   695  C CG  . ASN A 1 91  ? 6.894   2.638   0.443   1.00 19.43 ? 92  ASN A CG  1 
ATOM   696  O OD1 . ASN A 1 91  ? 6.100   2.271   -0.420  1.00 16.20 ? 92  ASN A OD1 1 
ATOM   697  N ND2 . ASN A 1 91  ? 6.882   2.155   1.682   1.00 9.93  ? 92  ASN A ND2 1 
ATOM   698  N N   . GLU A 1 92  ? 7.470   3.939   -2.816  1.00 19.18 ? 93  GLU A N   1 
ATOM   699  C CA  . GLU A 1 92  ? 6.936   3.537   -4.112  1.00 20.34 ? 93  GLU A CA  1 
ATOM   700  C C   . GLU A 1 92  ? 5.809   2.509   -4.026  1.00 17.22 ? 93  GLU A C   1 
ATOM   701  O O   . GLU A 1 92  ? 4.905   2.520   -4.863  1.00 17.68 ? 93  GLU A O   1 
ATOM   702  C CB  . GLU A 1 92  ? 8.054   2.990   -5.006  1.00 21.81 ? 93  GLU A CB  1 
ATOM   703  C CG  . GLU A 1 92  ? 8.649   1.689   -4.511  1.00 26.36 ? 93  GLU A CG  1 
ATOM   704  C CD  . GLU A 1 92  ? 9.704   1.130   -5.448  1.00 35.59 ? 93  GLU A CD  1 
ATOM   705  O OE1 . GLU A 1 92  ? 10.293  0.078   -5.111  1.00 33.78 ? 93  GLU A OE1 1 
ATOM   706  O OE2 . GLU A 1 92  ? 9.943   1.741   -6.518  1.00 36.76 ? 93  GLU A OE2 1 
ATOM   707  N N   . HIS A 1 93  ? 5.873   1.618   -3.036  1.00 15.52 ? 94  HIS A N   1 
ATOM   708  C CA  . HIS A 1 93  ? 4.843   0.602   -2.860  1.00 14.90 ? 94  HIS A CA  1 
ATOM   709  C C   . HIS A 1 93  ? 3.539   1.289   -2.487  1.00 14.12 ? 94  HIS A C   1 
ATOM   710  O O   . HIS A 1 93  ? 2.496   1.010   -3.074  1.00 12.77 ? 94  HIS A O   1 
ATOM   711  C CB  . HIS A 1 93  ? 5.240   -0.404  -1.765  1.00 14.67 ? 94  HIS A CB  1 
ATOM   712  C CG  . HIS A 1 93  ? 6.539   -1.099  -2.033  1.00 10.58 ? 94  HIS A CG  1 
ATOM   713  N ND1 . HIS A 1 93  ? 6.834   -1.682  -3.245  1.00 15.62 ? 94  HIS A ND1 1 
ATOM   714  C CD2 . HIS A 1 93  ? 7.634   -1.276  -1.256  1.00 13.94 ? 94  HIS A CD2 1 
ATOM   715  C CE1 . HIS A 1 93  ? 8.055   -2.185  -3.207  1.00 15.59 ? 94  HIS A CE1 1 
ATOM   716  N NE2 . HIS A 1 93  ? 8.562   -1.952  -2.010  1.00 8.52  ? 94  HIS A NE2 1 
ATOM   717  N N   . VAL A 1 94  ? 3.605   2.193   -1.516  1.00 13.88 ? 95  VAL A N   1 
ATOM   718  C CA  . VAL A 1 94  ? 2.419   2.922   -1.089  1.00 13.56 ? 95  VAL A CA  1 
ATOM   719  C C   . VAL A 1 94  ? 1.805   3.712   -2.238  1.00 12.62 ? 95  VAL A C   1 
ATOM   720  O O   . VAL A 1 94  ? 0.600   3.662   -2.446  1.00 9.61  ? 95  VAL A O   1 
ATOM   721  C CB  . VAL A 1 94  ? 2.723   3.915   0.055   1.00 15.64 ? 95  VAL A CB  1 
ATOM   722  C CG1 . VAL A 1 94  ? 1.458   4.713   0.392   1.00 10.40 ? 95  VAL A CG1 1 
ATOM   723  C CG2 . VAL A 1 94  ? 3.219   3.162   1.283   1.00 15.51 ? 95  VAL A CG2 1 
ATOM   724  N N   . ASN A 1 95  ? 2.634   4.437   -2.984  1.00 11.62 ? 96  ASN A N   1 
ATOM   725  C CA  . ASN A 1 95  ? 2.129   5.237   -4.096  1.00 14.22 ? 96  ASN A CA  1 
ATOM   726  C C   . ASN A 1 95  ? 1.478   4.373   -5.168  1.00 14.38 ? 96  ASN A C   1 
ATOM   727  O O   . ASN A 1 95  ? 0.370   4.674   -5.613  1.00 15.14 ? 96  ASN A O   1 
ATOM   728  C CB  . ASN A 1 95  ? 3.247   6.087   -4.712  1.00 15.90 ? 96  ASN A CB  1 
ATOM   729  C CG  . ASN A 1 95  ? 3.735   7.177   -3.775  1.00 18.55 ? 96  ASN A CG  1 
ATOM   730  O OD1 . ASN A 1 95  ? 2.964   7.716   -2.978  1.00 20.48 ? 96  ASN A OD1 1 
ATOM   731  N ND2 . ASN A 1 95  ? 5.015   7.525   -3.878  1.00 19.09 ? 96  ASN A ND2 1 
ATOM   732  N N   . LYS A 1 96  ? 2.152   3.302   -5.583  1.00 14.07 ? 97  LYS A N   1 
ATOM   733  C CA  . LYS A 1 96  ? 1.584   2.417   -6.596  1.00 15.14 ? 97  LYS A CA  1 
ATOM   734  C C   . LYS A 1 96  ? 0.239   1.855   -6.123  1.00 13.65 ? 97  LYS A C   1 
ATOM   735  O O   . LYS A 1 96  ? -0.691  1.749   -6.910  1.00 15.49 ? 97  LYS A O   1 
ATOM   736  C CB  . LYS A 1 96  ? 2.536   1.262   -6.915  1.00 16.26 ? 97  LYS A CB  1 
ATOM   737  C CG  . LYS A 1 96  ? 3.796   1.682   -7.649  1.00 21.22 ? 97  LYS A CG  1 
ATOM   738  C CD  . LYS A 1 96  ? 4.745   0.506   -7.830  1.00 32.47 ? 97  LYS A CD  1 
ATOM   739  C CE  . LYS A 1 96  ? 6.062   0.946   -8.462  1.00 34.87 ? 97  LYS A CE  1 
ATOM   740  N NZ  . LYS A 1 96  ? 6.996   -0.207  -8.636  1.00 34.75 ? 97  LYS A NZ  1 
ATOM   741  N N   . ALA A 1 97  ? 0.149   1.506   -4.838  1.00 14.47 ? 98  ALA A N   1 
ATOM   742  C CA  . ALA A 1 97  ? -1.087  0.970   -4.252  1.00 14.01 ? 98  ALA A CA  1 
ATOM   743  C C   . ALA A 1 97  ? -2.191  2.025   -4.343  1.00 13.99 ? 98  ALA A C   1 
ATOM   744  O O   . ALA A 1 97  ? -3.347  1.712   -4.621  1.00 12.32 ? 98  ALA A O   1 
ATOM   745  C CB  . ALA A 1 97  ? -0.858  0.590   -2.801  1.00 14.49 ? 98  ALA A CB  1 
ATOM   746  N N   . LEU A 1 98  ? -1.820  3.277   -4.089  1.00 14.18 ? 99  LEU A N   1 
ATOM   747  C CA  . LEU A 1 98  ? -2.765  4.383   -4.174  1.00 14.25 ? 99  LEU A CA  1 
ATOM   748  C C   . LEU A 1 98  ? -3.267  4.524   -5.611  1.00 14.37 ? 99  LEU A C   1 
ATOM   749  O O   . LEU A 1 98  ? -4.471  4.608   -5.842  1.00 16.28 ? 99  LEU A O   1 
ATOM   750  C CB  . LEU A 1 98  ? -2.100  5.694   -3.737  1.00 13.88 ? 99  LEU A CB  1 
ATOM   751  C CG  . LEU A 1 98  ? -1.955  5.969   -2.236  1.00 12.79 ? 99  LEU A CG  1 
ATOM   752  C CD1 . LEU A 1 98  ? -1.054  7.176   -2.016  1.00 14.48 ? 99  LEU A CD1 1 
ATOM   753  C CD2 . LEU A 1 98  ? -3.333  6.205   -1.625  1.00 14.89 ? 99  LEU A CD2 1 
ATOM   754  N N   . ASP A 1 99  ? -2.340  4.544   -6.571  1.00 13.29 ? 100 ASP A N   1 
ATOM   755  C CA  . ASP A 1 99  ? -2.702  4.684   -7.974  1.00 16.48 ? 100 ASP A CA  1 
ATOM   756  C C   . ASP A 1 99  ? -3.621  3.556   -8.403  1.00 17.62 ? 100 ASP A C   1 
ATOM   757  O O   . ASP A 1 99  ? -4.597  3.790   -9.116  1.00 17.46 ? 100 ASP A O   1 
ATOM   758  C CB  . ASP A 1 99  ? -1.451  4.716   -8.871  1.00 17.25 ? 100 ASP A CB  1 
ATOM   759  C CG  . ASP A 1 99  ? -0.563  5.930   -8.600  1.00 19.04 ? 100 ASP A CG  1 
ATOM   760  O OD1 . ASP A 1 99  ? -1.065  6.934   -8.050  1.00 21.56 ? 100 ASP A OD1 1 
ATOM   761  O OD2 . ASP A 1 99  ? 0.639   5.891   -8.943  1.00 21.77 ? 100 ASP A OD2 1 
ATOM   762  N N   . ILE A 1 100 ? -3.317  2.335   -7.968  1.00 8.99  ? 101 ILE A N   1 
ATOM   763  C CA  . ILE A 1 100 ? -4.157  1.189   -8.311  1.00 8.99  ? 101 ILE A CA  1 
ATOM   764  C C   . ILE A 1 100 ? -5.534  1.307   -7.656  1.00 8.99  ? 101 ILE A C   1 
ATOM   765  O O   . ILE A 1 100 ? -6.545  0.964   -8.269  1.00 18.44 ? 101 ILE A O   1 
ATOM   766  C CB  . ILE A 1 100 ? -3.484  -0.137  -7.899  1.00 8.99  ? 101 ILE A CB  1 
ATOM   767  C CG1 . ILE A 1 100 ? -2.267  -0.388  -8.799  1.00 8.99  ? 101 ILE A CG1 1 
ATOM   768  C CG2 . ILE A 1 100 ? -4.464  -1.280  -8.018  1.00 8.99  ? 101 ILE A CG2 1 
ATOM   769  C CD1 . ILE A 1 100 ? -1.334  -1.462  -8.285  1.00 8.99  ? 101 ILE A CD1 1 
ATOM   770  N N   . LEU A 1 101 ? -5.582  1.791   -6.417  1.00 17.26 ? 102 LEU A N   1 
ATOM   771  C CA  . LEU A 1 101 ? -6.868  1.956   -5.743  1.00 15.26 ? 102 LEU A CA  1 
ATOM   772  C C   . LEU A 1 101 ? -7.735  2.948   -6.518  1.00 16.12 ? 102 LEU A C   1 
ATOM   773  O O   . LEU A 1 101 ? -8.927  2.726   -6.694  1.00 14.19 ? 102 LEU A O   1 
ATOM   774  C CB  . LEU A 1 101 ? -6.680  2.445   -4.305  1.00 14.29 ? 102 LEU A CB  1 
ATOM   775  C CG  . LEU A 1 101 ? -6.081  1.441   -3.315  1.00 14.86 ? 102 LEU A CG  1 
ATOM   776  C CD1 . LEU A 1 101 ? -5.949  2.079   -1.952  1.00 13.56 ? 102 LEU A CD1 1 
ATOM   777  C CD2 . LEU A 1 101 ? -6.956  0.199   -3.243  1.00 12.83 ? 102 LEU A CD2 1 
ATOM   778  N N   . VAL A 1 102 ? -7.133  4.037   -6.991  1.00 17.08 ? 103 VAL A N   1 
ATOM   779  C CA  . VAL A 1 102 ? -7.873  5.035   -7.761  1.00 18.04 ? 103 VAL A CA  1 
ATOM   780  C C   . VAL A 1 102 ? -8.413  4.410   -9.046  1.00 21.66 ? 103 VAL A C   1 
ATOM   781  O O   . VAL A 1 102 ? -9.581  4.588   -9.403  1.00 24.27 ? 103 VAL A O   1 
ATOM   782  C CB  . VAL A 1 102 ? -6.974  6.232   -8.162  1.00 17.83 ? 103 VAL A CB  1 
ATOM   783  C CG1 . VAL A 1 102 ? -7.790  7.240   -8.963  1.00 24.18 ? 103 VAL A CG1 1 
ATOM   784  C CG2 . VAL A 1 102 ? -6.392  6.904   -6.919  1.00 15.83 ? 103 VAL A CG2 1 
ATOM   785  N N   . ILE A 1 103 ? -7.544  3.672   -9.731  1.00 8.99  ? 104 ILE A N   1 
ATOM   786  C CA  . ILE A 1 103 ? -7.864  3.021   -10.994 1.00 8.99  ? 104 ILE A CA  1 
ATOM   787  C C   . ILE A 1 103 ? -8.907  1.920   -10.843 1.00 8.99  ? 104 ILE A C   1 
ATOM   788  O O   . ILE A 1 103 ? -9.613  1.582   -11.796 1.00 26.83 ? 104 ILE A O   1 
ATOM   789  C CB  . ILE A 1 103 ? -6.578  2.436   -11.618 1.00 8.99  ? 104 ILE A CB  1 
ATOM   790  C CG1 . ILE A 1 103 ? -5.613  3.572   -11.943 1.00 8.99  ? 104 ILE A CG1 1 
ATOM   791  C CG2 . ILE A 1 103 ? -6.897  1.651   -12.867 1.00 8.99  ? 104 ILE A CG2 1 
ATOM   792  C CD1 . ILE A 1 103 ? -4.264  3.086   -12.499 1.00 8.99  ? 104 ILE A CD1 1 
ATOM   793  N N   . GLN A 1 104 ? -8.989  1.352   -9.646  1.00 23.46 ? 105 GLN A N   1 
ATOM   794  C CA  . GLN A 1 104 ? -9.961  0.308   -9.366  1.00 21.66 ? 105 GLN A CA  1 
ATOM   795  C C   . GLN A 1 104 ? -11.267 0.983   -8.963  1.00 22.53 ? 105 GLN A C   1 
ATOM   796  O O   . GLN A 1 104 ? -12.305 0.339   -8.841  1.00 18.96 ? 105 GLN A O   1 
ATOM   797  C CB  . GLN A 1 104 ? -9.466  -0.591  -8.234  1.00 22.49 ? 105 GLN A CB  1 
ATOM   798  C CG  . GLN A 1 104 ? -8.393  -1.585  -8.649  1.00 19.32 ? 105 GLN A CG  1 
ATOM   799  C CD  . GLN A 1 104 ? -7.816  -2.344  -7.467  1.00 23.57 ? 105 GLN A CD  1 
ATOM   800  O OE1 . GLN A 1 104 ? -7.091  -3.324  -7.637  1.00 24.57 ? 105 GLN A OE1 1 
ATOM   801  N NE2 . GLN A 1 104 ? -8.124  -1.885  -6.260  1.00 27.26 ? 105 GLN A NE2 1 
ATOM   802  N N   . GLY A 1 105 ? -11.196 2.297   -8.767  1.00 21.49 ? 106 GLY A N   1 
ATOM   803  C CA  . GLY A 1 105 ? -12.366 3.057   -8.373  1.00 20.43 ? 106 GLY A CA  1 
ATOM   804  C C   . GLY A 1 105 ? -12.788 2.751   -6.949  1.00 20.90 ? 106 GLY A C   1 
ATOM   805  O O   . GLY A 1 105 ? -13.969 2.868   -6.610  1.00 16.39 ? 106 GLY A O   1 
ATOM   806  N N   . LYS A 1 106 ? -11.827 2.361   -6.113  1.00 19.15 ? 107 LYS A N   1 
ATOM   807  C CA  . LYS A 1 106 ? -12.121 2.043   -4.719  1.00 19.82 ? 107 LYS A CA  1 
ATOM   808  C C   . LYS A 1 106 ? -12.091 3.290   -3.848  1.00 18.88 ? 107 LYS A C   1 
ATOM   809  O O   . LYS A 1 106 ? -11.246 3.442   -2.961  1.00 17.08 ? 107 LYS A O   1 
ATOM   810  C CB  . LYS A 1 106 ? -11.140 0.992   -4.194  1.00 19.94 ? 107 LYS A CB  1 
ATOM   811  C CG  . LYS A 1 106 ? -11.368 -0.386  -4.795  1.00 20.58 ? 107 LYS A CG  1 
ATOM   812  C CD  . LYS A 1 106 ? -10.405 -1.421  -4.243  1.00 18.83 ? 107 LYS A CD  1 
ATOM   813  C CE  . LYS A 1 106 ? -10.638 -2.779  -4.908  1.00 18.71 ? 107 LYS A CE  1 
ATOM   814  N NZ  . LYS A 1 106 ? -11.958 -3.364  -4.574  1.00 20.33 ? 107 LYS A NZ  1 
ATOM   815  N N   . ARG A 1 107 ? -13.034 4.176   -4.132  1.00 19.46 ? 108 ARG A N   1 
ATOM   816  C CA  . ARG A 1 107 ? -13.197 5.442   -3.432  1.00 20.86 ? 108 ARG A CA  1 
ATOM   817  C C   . ARG A 1 107 ? -13.438 5.194   -1.955  1.00 19.84 ? 108 ARG A C   1 
ATOM   818  O O   . ARG A 1 107 ? -12.988 5.958   -1.102  1.00 19.37 ? 108 ARG A O   1 
ATOM   819  C CB  . ARG A 1 107 ? -14.382 6.196   -4.037  1.00 20.03 ? 108 ARG A CB  1 
ATOM   820  C CG  . ARG A 1 107 ? -14.808 7.458   -3.293  1.00 26.91 ? 108 ARG A CG  1 
ATOM   821  C CD  . ARG A 1 107 ? -15.986 8.103   -4.019  1.00 31.12 ? 108 ARG A CD  1 
ATOM   822  N NE  . ARG A 1 107 ? -16.490 9.310   -3.369  1.00 33.21 ? 108 ARG A NE  1 
ATOM   823  C CZ  . ARG A 1 107 ? -15.769 10.405  -3.162  1.00 41.05 ? 108 ARG A CZ  1 
ATOM   824  N NH1 . ARG A 1 107 ? -14.501 10.445  -3.550  1.00 49.47 ? 108 ARG A NH1 1 
ATOM   825  N NH2 . ARG A 1 107 ? -16.321 11.466  -2.587  1.00 39.19 ? 108 ARG A NH2 1 
ATOM   826  N N   . ASP A 1 108 ? -14.156 4.114   -1.667  1.00 20.84 ? 109 ASP A N   1 
ATOM   827  C CA  . ASP A 1 108 ? -14.477 3.731   -0.299  1.00 23.29 ? 109 ASP A CA  1 
ATOM   828  C C   . ASP A 1 108 ? -13.217 3.506   0.532   1.00 21.26 ? 109 ASP A C   1 
ATOM   829  O O   . ASP A 1 108 ? -13.114 4.009   1.642   1.00 23.22 ? 109 ASP A O   1 
ATOM   830  C CB  . ASP A 1 108 ? -15.352 2.465   -0.302  1.00 24.00 ? 109 ASP A CB  1 
ATOM   831  C CG  . ASP A 1 108 ? -14.660 1.264   -0.939  1.00 27.89 ? 109 ASP A CG  1 
ATOM   832  O OD1 . ASP A 1 108 ? -13.882 1.449   -1.897  1.00 31.89 ? 109 ASP A OD1 1 
ATOM   833  O OD2 . ASP A 1 108 ? -14.914 0.125   -0.492  1.00 35.17 ? 109 ASP A OD2 1 
ATOM   834  N N   . LYS A 1 109 ? -12.266 2.750   -0.010  1.00 19.94 ? 110 LYS A N   1 
ATOM   835  C CA  . LYS A 1 109 ? -11.013 2.466   0.691   1.00 17.29 ? 110 LYS A CA  1 
ATOM   836  C C   . LYS A 1 109 ? -10.210 3.754   0.905   1.00 14.88 ? 110 LYS A C   1 
ATOM   837  O O   . LYS A 1 109 ? -9.708  4.004   1.997   1.00 12.64 ? 110 LYS A O   1 
ATOM   838  C CB  . LYS A 1 109 ? -10.192 1.441   -0.101  1.00 15.46 ? 110 LYS A CB  1 
ATOM   839  C CG  . LYS A 1 109 ? -10.911 0.098   -0.305  1.00 20.01 ? 110 LYS A CG  1 
ATOM   840  C CD  . LYS A 1 109 ? -11.203 -0.579  1.037   1.00 22.30 ? 110 LYS A CD  1 
ATOM   841  C CE  . LYS A 1 109 ? -12.201 -1.723  0.911   1.00 30.96 ? 110 LYS A CE  1 
ATOM   842  N NZ  . LYS A 1 109 ? -11.695 -2.840  0.080   1.00 34.13 ? 110 LYS A NZ  1 
ATOM   843  N N   . LEU A 1 110 ? -10.103 4.575   -0.135  1.00 14.41 ? 111 LEU A N   1 
ATOM   844  C CA  . LEU A 1 110 ? -9.381  5.849   -0.035  1.00 14.52 ? 111 LEU A CA  1 
ATOM   845  C C   . LEU A 1 110 ? -9.986  6.775   1.030   1.00 13.14 ? 111 LEU A C   1 
ATOM   846  O O   . LEU A 1 110 ? -9.253  7.471   1.738   1.00 15.90 ? 111 LEU A O   1 
ATOM   847  C CB  . LEU A 1 110 ? -9.373  6.557   -1.397  1.00 14.49 ? 111 LEU A CB  1 
ATOM   848  C CG  . LEU A 1 110 ? -8.579  5.838   -2.491  1.00 12.17 ? 111 LEU A CG  1 
ATOM   849  C CD1 . LEU A 1 110 ? -8.820  6.498   -3.842  1.00 12.22 ? 111 LEU A CD1 1 
ATOM   850  C CD2 . LEU A 1 110 ? -7.092  5.858   -2.126  1.00 18.01 ? 111 LEU A CD2 1 
ATOM   851  N N   . GLU A 1 111 ? -11.316 6.786   1.143   1.00 14.65 ? 112 GLU A N   1 
ATOM   852  C CA  . GLU A 1 111 ? -11.985 7.630   2.144   1.00 17.04 ? 112 GLU A CA  1 
ATOM   853  C C   . GLU A 1 111 ? -11.726 7.123   3.560   1.00 15.34 ? 112 GLU A C   1 
ATOM   854  O O   . GLU A 1 111 ? -11.544 7.912   4.489   1.00 14.28 ? 112 GLU A O   1 
ATOM   855  C CB  . GLU A 1 111 ? -13.492 7.682   1.901   1.00 17.66 ? 112 GLU A CB  1 
ATOM   856  C CG  . GLU A 1 111 ? -13.875 8.322   0.589   1.00 23.03 ? 112 GLU A CG  1 
ATOM   857  C CD  . GLU A 1 111 ? -15.319 8.781   0.587   1.00 26.15 ? 112 GLU A CD  1 
ATOM   858  O OE1 . GLU A 1 111 ? -15.848 9.079   -0.506  1.00 31.20 ? 112 GLU A OE1 1 
ATOM   859  O OE2 . GLU A 1 111 ? -15.919 8.854   1.687   1.00 31.85 ? 112 GLU A OE2 1 
ATOM   860  N N   . GLU A 1 112 ? -11.724 5.805   3.724   1.00 13.39 ? 113 GLU A N   1 
ATOM   861  C CA  . GLU A 1 112 ? -11.437 5.204   5.023   1.00 14.33 ? 113 GLU A CA  1 
ATOM   862  C C   . GLU A 1 112 ? -10.042 5.655   5.486   1.00 14.46 ? 113 GLU A C   1 
ATOM   863  O O   . GLU A 1 112 ? -9.859  6.088   6.621   1.00 13.56 ? 113 GLU A O   1 
ATOM   864  C CB  . GLU A 1 112 ? -11.509 3.679   4.906   1.00 13.85 ? 113 GLU A CB  1 
ATOM   865  C CG  . GLU A 1 112 ? -12.936 3.174   4.728   1.00 15.51 ? 113 GLU A CG  1 
ATOM   866  C CD  . GLU A 1 112 ? -13.004 1.779   4.135   1.00 17.26 ? 113 GLU A CD  1 
ATOM   867  O OE1 . GLU A 1 112 ? -11.996 1.047   4.230   1.00 14.27 ? 113 GLU A OE1 1 
ATOM   868  O OE2 . GLU A 1 112 ? -14.069 1.416   3.579   1.00 15.47 ? 113 GLU A OE2 1 
ATOM   869  N N   . ILE A 1 113 ? -9.057  5.563   4.597   1.00 8.99  ? 114 ILE A N   1 
ATOM   870  C CA  . ILE A 1 113 ? -7.700  6.003   4.933   1.00 8.99  ? 114 ILE A CA  1 
ATOM   871  C C   . ILE A 1 113 ? -7.738  7.492   5.299   1.00 8.99  ? 114 ILE A C   1 
ATOM   872  O O   . ILE A 1 113 ? -7.107  7.930   6.264   1.00 14.13 ? 114 ILE A O   1 
ATOM   873  C CB  . ILE A 1 113 ? -6.737  5.830   3.737   1.00 8.99  ? 114 ILE A CB  1 
ATOM   874  C CG1 . ILE A 1 113 ? -6.423  4.350   3.518   1.00 8.99  ? 114 ILE A CG1 1 
ATOM   875  C CG2 . ILE A 1 113 ? -5.456  6.609   3.985   1.00 8.99  ? 114 ILE A CG2 1 
ATOM   876  C CD1 . ILE A 1 113 ? -5.602  3.730   4.649   1.00 8.99  ? 114 ILE A CD1 1 
ATOM   877  N N   . GLY A 1 114 ? -8.487  8.261   4.515   1.00 18.10 ? 115 GLY A N   1 
ATOM   878  C CA  . GLY A 1 114 ? -8.593  9.685   4.761   1.00 17.71 ? 115 GLY A CA  1 
ATOM   879  C C   . GLY A 1 114 ? -9.091  10.036  6.151   1.00 18.43 ? 115 GLY A C   1 
ATOM   880  O O   . GLY A 1 114 ? -8.539  10.920  6.802   1.00 15.73 ? 115 GLY A O   1 
ATOM   881  N N   . ARG A 1 115 ? -10.140 9.354   6.604   1.00 18.28 ? 116 ARG A N   1 
ATOM   882  C CA  . ARG A 1 115 ? -10.706 9.611   7.927   1.00 21.66 ? 116 ARG A CA  1 
ATOM   883  C C   . ARG A 1 115 ? -9.731  9.187   9.014   1.00 22.62 ? 116 ARG A C   1 
ATOM   884  O O   . ARG A 1 115 ? -9.523  9.895   10.001  1.00 20.34 ? 116 ARG A O   1 
ATOM   885  C CB  . ARG A 1 115 ? -12.021 8.849   8.104   1.00 21.76 ? 116 ARG A CB  1 
ATOM   886  C CG  . ARG A 1 115 ? -13.056 9.155   7.046   1.00 25.87 ? 116 ARG A CG  1 
ATOM   887  C CD  . ARG A 1 115 ? -14.395 8.482   7.350   1.00 28.50 ? 116 ARG A CD  1 
ATOM   888  N NE  . ARG A 1 115 ? -15.236 8.416   6.159   1.00 28.28 ? 116 ARG A NE  1 
ATOM   889  C CZ  . ARG A 1 115 ? -15.289 7.375   5.335   1.00 29.84 ? 116 ARG A CZ  1 
ATOM   890  N NH1 . ARG A 1 115 ? -14.556 6.297   5.573   1.00 34.17 ? 116 ARG A NH1 1 
ATOM   891  N NH2 . ARG A 1 115 ? -16.072 7.411   4.264   1.00 35.74 ? 116 ARG A NH2 1 
ATOM   892  N N   . GLU A 1 116 ? -9.144  8.014   8.814   1.00 23.21 ? 117 GLU A N   1 
ATOM   893  C CA  . GLU A 1 116 ? -8.182  7.436   9.741   1.00 23.38 ? 117 GLU A CA  1 
ATOM   894  C C   . GLU A 1 116 ? -6.989  8.352   10.032  1.00 24.88 ? 117 GLU A C   1 
ATOM   895  O O   . GLU A 1 116 ? -6.552  8.461   11.180  1.00 25.06 ? 117 GLU A O   1 
ATOM   896  C CB  . GLU A 1 116 ? -7.698  6.105   9.173   1.00 24.23 ? 117 GLU A CB  1 
ATOM   897  C CG  . GLU A 1 116 ? -6.539  5.468   9.896   1.00 26.89 ? 117 GLU A CG  1 
ATOM   898  C CD  . GLU A 1 116 ? -6.167  4.136   9.269   1.00 29.25 ? 117 GLU A CD  1 
ATOM   899  O OE1 . GLU A 1 116 ? -5.138  3.548   9.664   1.00 43.62 ? 117 GLU A OE1 1 
ATOM   900  O OE2 . GLU A 1 116 ? -6.919  3.682   8.378   1.00 29.71 ? 117 GLU A OE2 1 
ATOM   901  N N   . ILE A 1 117 ? -6.456  9.006   9.006   1.00 24.16 ? 118 ILE A N   1 
ATOM   902  C CA  . ILE A 1 117 ? -5.311  9.886   9.217   1.00 25.29 ? 118 ILE A CA  1 
ATOM   903  C C   . ILE A 1 117 ? -5.706  11.211  9.878   1.00 26.73 ? 118 ILE A C   1 
ATOM   904  O O   . ILE A 1 117 ? -4.849  11.937  10.387  1.00 25.99 ? 118 ILE A O   1 
ATOM   905  C CB  . ILE A 1 117 ? -4.551  10.168  7.895   1.00 25.84 ? 118 ILE A CB  1 
ATOM   906  C CG1 . ILE A 1 117 ? -5.502  10.737  6.843   1.00 29.48 ? 118 ILE A CG1 1 
ATOM   907  C CG2 . ILE A 1 117 ? -3.896  8.886   7.390   1.00 28.64 ? 118 ILE A CG2 1 
ATOM   908  C CD1 . ILE A 1 117 ? -4.849  10.955  5.483   1.00 32.85 ? 118 ILE A CD1 1 
ATOM   909  N N   . LEU A 1 118 ? -7.001  11.512  9.888   1.00 29.09 ? 119 LEU A N   1 
ATOM   910  C CA  . LEU A 1 118 ? -7.488  12.737  10.510  1.00 31.98 ? 119 LEU A CA  1 
ATOM   911  C C   . LEU A 1 118 ? -8.027  12.475  11.914  1.00 32.71 ? 119 LEU A C   1 
ATOM   912  O O   . LEU A 1 118 ? -7.465  12.952  12.902  1.00 35.20 ? 119 LEU A O   1 
ATOM   913  C CB  . LEU A 1 118 ? -8.579  13.373  9.649   1.00 32.22 ? 119 LEU A CB  1 
ATOM   914  C CG  . LEU A 1 118 ? -8.084  13.975  8.335   1.00 35.97 ? 119 LEU A CG  1 
ATOM   915  C CD1 . LEU A 1 118 ? -9.260  14.533  7.548   1.00 39.96 ? 119 LEU A CD1 1 
ATOM   916  C CD2 . LEU A 1 118 ? -7.060  15.065  8.639   1.00 38.13 ? 119 LEU A CD2 1 
ATOM   917  N N   . ASN A 1 121 ? -4.423  12.675  14.287  1.00 49.88 ? 122 ASN A N   1 
ATOM   918  C CA  . ASN A 1 121 ? -3.565  13.165  13.214  1.00 49.54 ? 122 ASN A CA  1 
ATOM   919  C C   . ASN A 1 121 ? -2.100  13.120  13.654  1.00 46.97 ? 122 ASN A C   1 
ATOM   920  O O   . ASN A 1 121 ? -1.654  13.944  14.460  1.00 46.43 ? 122 ASN A O   1 
ATOM   921  C CB  . ASN A 1 121 ? -3.958  14.601  12.836  1.00 51.43 ? 122 ASN A CB  1 
ATOM   922  C CG  . ASN A 1 121 ? -3.506  14.987  11.430  1.00 56.65 ? 122 ASN A CG  1 
ATOM   923  O OD1 . ASN A 1 121 ? -2.315  14.951  11.112  1.00 59.54 ? 122 ASN A OD1 1 
ATOM   924  N ND2 . ASN A 1 121 ? -4.462  15.356  10.583  1.00 58.86 ? 122 ASN A ND2 1 
ATOM   925  N N   . GLU A 1 122 ? -1.355  12.158  13.118  1.00 43.57 ? 123 GLU A N   1 
ATOM   926  C CA  . GLU A 1 122 ? 0.053   11.996  13.468  1.00 39.49 ? 123 GLU A CA  1 
ATOM   927  C C   . GLU A 1 122 ? 0.924   11.813  12.231  1.00 34.46 ? 123 GLU A C   1 
ATOM   928  O O   . GLU A 1 122 ? 2.149   11.921  12.300  1.00 30.27 ? 123 GLU A O   1 
ATOM   929  C CB  . GLU A 1 122 ? 0.215   10.786  14.393  1.00 39.17 ? 123 GLU A CB  1 
ATOM   930  C CG  . GLU A 1 122 ? 1.603   10.630  14.976  1.00 44.05 ? 123 GLU A CG  1 
ATOM   931  C CD  . GLU A 1 122 ? 2.059   11.867  15.734  1.00 50.57 ? 123 GLU A CD  1 
ATOM   932  O OE1 . GLU A 1 122 ? 1.306   12.339  16.614  1.00 49.96 ? 123 GLU A OE1 1 
ATOM   933  O OE2 . GLU A 1 122 ? 3.172   12.367  15.455  1.00 53.75 ? 123 GLU A OE2 1 
ATOM   934  N N   . VAL A 1 123 ? 0.282   11.534  11.100  1.00 32.19 ? 124 VAL A N   1 
ATOM   935  C CA  . VAL A 1 123 ? 0.994   11.325  9.843   1.00 30.14 ? 124 VAL A CA  1 
ATOM   936  C C   . VAL A 1 123 ? 1.686   12.595  9.367   1.00 28.10 ? 124 VAL A C   1 
ATOM   937  O O   . VAL A 1 123 ? 1.256   13.700  9.697   1.00 26.18 ? 124 VAL A O   1 
ATOM   938  C CB  . VAL A 1 123 ? 0.033   10.841  8.733   1.00 32.16 ? 124 VAL A CB  1 
ATOM   939  C CG1 . VAL A 1 123 ? -0.334  9.383   8.965   1.00 32.03 ? 124 VAL A CG1 1 
ATOM   940  C CG2 . VAL A 1 123 ? -1.220  11.705  8.716   1.00 29.55 ? 124 VAL A CG2 1 
ATOM   941  N N   . SER A 1 124 ? 2.755   12.427  8.594   1.00 25.75 ? 125 SER A N   1 
ATOM   942  C CA  . SER A 1 124 ? 3.512   13.554  8.070   1.00 25.40 ? 125 SER A CA  1 
ATOM   943  C C   . SER A 1 124 ? 2.717   14.265  6.979   1.00 23.90 ? 125 SER A C   1 
ATOM   944  O O   . SER A 1 124 ? 1.709   13.752  6.498   1.00 22.85 ? 125 SER A O   1 
ATOM   945  C CB  . SER A 1 124 ? 4.842   13.068  7.496   1.00 23.84 ? 125 SER A CB  1 
ATOM   946  O OG  . SER A 1 124 ? 4.628   12.226  6.380   1.00 25.71 ? 125 SER A OG  1 
ATOM   947  N N   . ALA A 1 125 ? 3.182   15.445  6.587   1.00 24.39 ? 126 ALA A N   1 
ATOM   948  C CA  . ALA A 1 125 ? 2.515   16.227  5.556   1.00 23.07 ? 126 ALA A CA  1 
ATOM   949  C C   . ALA A 1 125 ? 2.495   15.489  4.214   1.00 22.95 ? 126 ALA A C   1 
ATOM   950  O O   . ALA A 1 125 ? 1.502   15.539  3.485   1.00 19.89 ? 126 ALA A O   1 
ATOM   951  C CB  . ALA A 1 125 ? 3.210   17.582  5.403   1.00 24.84 ? 126 ALA A CB  1 
ATOM   952  N N   . SER A 1 126 ? 3.588   14.803  3.892   1.00 21.56 ? 127 SER A N   1 
ATOM   953  C CA  . SER A 1 126 ? 3.682   14.073  2.627   1.00 22.18 ? 127 SER A CA  1 
ATOM   954  C C   . SER A 1 126 ? 2.550   13.062  2.471   1.00 18.84 ? 127 SER A C   1 
ATOM   955  O O   . SER A 1 126 ? 1.899   12.992  1.427   1.00 18.69 ? 127 SER A O   1 
ATOM   956  C CB  . SER A 1 126 ? 5.034   13.362  2.522   1.00 22.15 ? 127 SER A CB  1 
ATOM   957  O OG  . SER A 1 126 ? 5.227   12.475  3.606   1.00 26.57 ? 127 SER A OG  1 
ATOM   958  N N   . ILE A 1 127 ? 2.315   12.285  3.516   1.00 8.99  ? 128 ILE A N   1 
ATOM   959  C CA  . ILE A 1 127 ? 1.255   11.292  3.493   1.00 8.99  ? 128 ILE A CA  1 
ATOM   960  C C   . ILE A 1 127 ? -0.112  11.975  3.330   1.00 8.99  ? 128 ILE A C   1 
ATOM   961  O O   . ILE A 1 127 ? -0.932  11.542  2.513   1.00 16.72 ? 128 ILE A O   1 
ATOM   962  C CB  . ILE A 1 127 ? 1.328   10.417  4.777   1.00 8.99  ? 128 ILE A CB  1 
ATOM   963  C CG1 . ILE A 1 127 ? 2.590   9.541   4.706   1.00 8.99  ? 128 ILE A CG1 1 
ATOM   964  C CG2 . ILE A 1 127 ? 0.094   9.535   4.890   1.00 8.99  ? 128 ILE A CG2 1 
ATOM   965  C CD1 . ILE A 1 127 ? 3.009   8.880   6.016   1.00 8.99  ? 128 ILE A CD1 1 
ATOM   966  N N   . LEU A 1 128 ? -0.357  13.049  4.078   1.00 17.38 ? 129 LEU A N   1 
ATOM   967  C CA  . LEU A 1 128 ? -1.622  13.777  3.952   1.00 18.76 ? 129 LEU A CA  1 
ATOM   968  C C   . LEU A 1 128 ? -1.791  14.234  2.503   1.00 17.04 ? 129 LEU A C   1 
ATOM   969  O O   . LEU A 1 128 ? -2.887  14.174  1.940   1.00 17.96 ? 129 LEU A O   1 
ATOM   970  C CB  . LEU A 1 128 ? -1.634  15.009  4.860   1.00 19.72 ? 129 LEU A CB  1 
ATOM   971  C CG  . LEU A 1 128 ? -1.665  14.801  6.373   1.00 25.25 ? 129 LEU A CG  1 
ATOM   972  C CD1 . LEU A 1 128 ? -1.381  16.122  7.068   1.00 25.15 ? 129 LEU A CD1 1 
ATOM   973  C CD2 . LEU A 1 128 ? -3.019  14.253  6.792   1.00 29.00 ? 129 LEU A CD2 1 
ATOM   974  N N   . VAL A 1 129 ? -0.695  14.690  1.901   1.00 15.32 ? 130 VAL A N   1 
ATOM   975  C CA  . VAL A 1 129 ? -0.736  15.155  0.520   1.00 14.53 ? 130 VAL A CA  1 
ATOM   976  C C   . VAL A 1 129 ? -1.013  14.021  -0.468  1.00 15.19 ? 130 VAL A C   1 
ATOM   977  O O   . VAL A 1 129 ? -1.798  14.192  -1.403  1.00 14.69 ? 130 VAL A O   1 
ATOM   978  C CB  . VAL A 1 129 ? 0.582   15.852  0.123   1.00 13.93 ? 130 VAL A CB  1 
ATOM   979  C CG1 . VAL A 1 129 ? 0.642   16.031  -1.381  1.00 11.37 ? 130 VAL A CG1 1 
ATOM   980  C CG2 . VAL A 1 129 ? 0.672   17.212  0.805   1.00 18.86 ? 130 VAL A CG2 1 
ATOM   981  N N   . ALA A 1 130 ? -0.368  12.876  -0.260  1.00 14.87 ? 131 ALA A N   1 
ATOM   982  C CA  . ALA A 1 130 ? -0.548  11.719  -1.127  1.00 15.62 ? 131 ALA A CA  1 
ATOM   983  C C   . ALA A 1 130 ? -2.018  11.292  -1.147  1.00 13.57 ? 131 ALA A C   1 
ATOM   984  O O   . ALA A 1 130 ? -2.613  11.189  -2.214  1.00 14.32 ? 131 ALA A O   1 
ATOM   985  C CB  . ALA A 1 130 ? 0.344   10.559  -0.659  1.00 17.22 ? 131 ALA A CB  1 
ATOM   986  N N   . ILE A 1 131 ? -2.603  11.067  0.027   1.00 14.39 ? 132 ILE A N   1 
ATOM   987  C CA  . ILE A 1 131 ? -4.009  10.658  0.122   1.00 14.82 ? 132 ILE A CA  1 
ATOM   988  C C   . ILE A 1 131 ? -4.982  11.731  -0.384  1.00 14.99 ? 132 ILE A C   1 
ATOM   989  O O   . ILE A 1 131 ? -5.987  11.417  -1.028  1.00 13.05 ? 132 ILE A O   1 
ATOM   990  C CB  . ILE A 1 131 ? -4.407  10.274  1.585   1.00 15.08 ? 132 ILE A CB  1 
ATOM   991  C CG1 . ILE A 1 131 ? -3.739  8.960   2.000   1.00 20.98 ? 132 ILE A CG1 1 
ATOM   992  C CG2 . ILE A 1 131 ? -5.919  10.090  1.692   1.00 17.43 ? 132 ILE A CG2 1 
ATOM   993  C CD1 . ILE A 1 131 ? -2.272  9.057   2.284   1.00 28.26 ? 132 ILE A CD1 1 
ATOM   994  N N   . ALA A 1 132 ? -4.685  12.993  -0.089  1.00 14.28 ? 133 ALA A N   1 
ATOM   995  C CA  . ALA A 1 132 ? -5.533  14.099  -0.526  1.00 13.37 ? 133 ALA A CA  1 
ATOM   996  C C   . ALA A 1 132 ? -5.670  14.109  -2.043  1.00 14.37 ? 133 ALA A C   1 
ATOM   997  O O   . ALA A 1 132 ? -6.772  14.196  -2.587  1.00 9.72  ? 133 ALA A O   1 
ATOM   998  C CB  . ALA A 1 132 ? -4.943  15.429  -0.054  1.00 13.80 ? 133 ALA A CB  1 
ATOM   999  N N   . ASN A 1 133 ? -4.531  14.027  -2.721  1.00 14.03 ? 134 ASN A N   1 
ATOM   1000 C CA  . ASN A 1 133 ? -4.506  14.034  -4.169  1.00 14.84 ? 134 ASN A CA  1 
ATOM   1001 C C   . ASN A 1 133 ? -5.126  12.771  -4.778  1.00 15.28 ? 134 ASN A C   1 
ATOM   1002 O O   . ASN A 1 133 ? -5.716  12.826  -5.857  1.00 15.44 ? 134 ASN A O   1 
ATOM   1003 C CB  . ASN A 1 133 ? -3.062  14.252  -4.639  1.00 17.31 ? 134 ASN A CB  1 
ATOM   1004 C CG  . ASN A 1 133 ? -2.584  15.686  -4.395  1.00 13.96 ? 134 ASN A CG  1 
ATOM   1005 O OD1 . ASN A 1 133 ? -1.396  15.989  -4.495  1.00 19.34 ? 134 ASN A OD1 1 
ATOM   1006 N ND2 . ASN A 1 133 ? -3.518  16.572  -4.083  1.00 18.46 ? 134 ASN A ND2 1 
ATOM   1007 N N   . ALA A 1 134 ? -5.008  11.636  -4.089  1.00 13.15 ? 135 ALA A N   1 
ATOM   1008 C CA  . ALA A 1 134 ? -5.616  10.407  -4.592  1.00 13.19 ? 135 ALA A CA  1 
ATOM   1009 C C   . ALA A 1 134 ? -7.137  10.565  -4.436  1.00 13.14 ? 135 ALA A C   1 
ATOM   1010 O O   . ALA A 1 134 ? -7.915  10.200  -5.320  1.00 14.61 ? 135 ALA A O   1 
ATOM   1011 C CB  . ALA A 1 134 ? -5.130  9.203   -3.795  1.00 14.00 ? 135 ALA A CB  1 
ATOM   1012 N N   . LEU A 1 135 ? -7.554  11.121  -3.302  1.00 14.93 ? 136 LEU A N   1 
ATOM   1013 C CA  . LEU A 1 135 ? -8.972  11.325  -3.051  1.00 17.47 ? 136 LEU A CA  1 
ATOM   1014 C C   . LEU A 1 135 ? -9.584  12.243  -4.104  1.00 20.08 ? 136 LEU A C   1 
ATOM   1015 O O   . LEU A 1 135 ? -10.640 11.948  -4.657  1.00 18.87 ? 136 LEU A O   1 
ATOM   1016 C CB  . LEU A 1 135 ? -9.187  11.919  -1.650  1.00 19.94 ? 136 LEU A CB  1 
ATOM   1017 C CG  . LEU A 1 135 ? -9.066  10.923  -0.490  1.00 14.94 ? 136 LEU A CG  1 
ATOM   1018 C CD1 . LEU A 1 135 ? -8.983  11.666  0.841   1.00 18.17 ? 136 LEU A CD1 1 
ATOM   1019 C CD2 . LEU A 1 135 ? -10.266 9.966   -0.511  1.00 12.66 ? 136 LEU A CD2 1 
ATOM   1020 N N   . ARG A 1 136 ? -8.914  13.353  -4.388  1.00 19.19 ? 137 ARG A N   1 
ATOM   1021 C CA  . ARG A 1 136 ? -9.425  14.292  -5.368  1.00 21.89 ? 137 ARG A CA  1 
ATOM   1022 C C   . ARG A 1 136 ? -9.617  13.563  -6.701  1.00 22.40 ? 137 ARG A C   1 
ATOM   1023 O O   . ARG A 1 136 ? -10.518 13.899  -7.476  1.00 20.95 ? 137 ARG A O   1 
ATOM   1024 C CB  . ARG A 1 136 ? -8.457  15.472  -5.502  1.00 23.94 ? 137 ARG A CB  1 
ATOM   1025 C CG  . ARG A 1 136 ? -9.079  16.729  -6.067  1.00 31.37 ? 137 ARG A CG  1 
ATOM   1026 C CD  . ARG A 1 136 ? -8.202  17.934  -5.777  1.00 35.55 ? 137 ARG A CD  1 
ATOM   1027 N NE  . ARG A 1 136 ? -8.361  18.408  -4.404  1.00 45.16 ? 137 ARG A NE  1 
ATOM   1028 C CZ  . ARG A 1 136 ? -7.404  18.995  -3.692  1.00 49.69 ? 137 ARG A CZ  1 
ATOM   1029 N NH1 . ARG A 1 136 ? -7.646  19.400  -2.454  1.00 51.14 ? 137 ARG A NH1 1 
ATOM   1030 N NH2 . ARG A 1 136 ? -6.195  19.160  -4.206  1.00 52.32 ? 137 ARG A NH2 1 
ATOM   1031 N N   . ARG A 1 137 ? -8.790  12.547  -6.951  1.00 22.96 ? 138 ARG A N   1 
ATOM   1032 C CA  . ARG A 1 137 ? -8.884  11.763  -8.182  1.00 24.11 ? 138 ARG A CA  1 
ATOM   1033 C C   . ARG A 1 137 ? -10.127 10.868  -8.227  1.00 23.48 ? 138 ARG A C   1 
ATOM   1034 O O   . ARG A 1 137 ? -10.508 10.401  -9.298  1.00 23.09 ? 138 ARG A O   1 
ATOM   1035 C CB  . ARG A 1 137 ? -7.633  10.894  -8.380  1.00 24.78 ? 138 ARG A CB  1 
ATOM   1036 C CG  . ARG A 1 137 ? -6.376  11.650  -8.810  1.00 29.32 ? 138 ARG A CG  1 
ATOM   1037 C CD  . ARG A 1 137 ? -5.241  10.681  -9.142  1.00 34.75 ? 138 ARG A CD  1 
ATOM   1038 N NE  . ARG A 1 137 ? -5.572  9.815   -10.276 1.00 38.37 ? 138 ARG A NE  1 
ATOM   1039 C CZ  . ARG A 1 137 ? -4.937  8.681   -10.579 1.00 36.93 ? 138 ARG A CZ  1 
ATOM   1040 N NH1 . ARG A 1 137 ? -3.922  8.259   -9.829  1.00 33.72 ? 138 ARG A NH1 1 
ATOM   1041 N NH2 . ARG A 1 137 ? -5.322  7.962   -11.631 1.00 26.57 ? 138 ARG A NH2 1 
ATOM   1042 N N   . VAL A 1 138 ? -10.747 10.613  -7.075  1.00 21.93 ? 139 VAL A N   1 
ATOM   1043 C CA  . VAL A 1 138 ? -11.960 9.791   -7.043  1.00 20.88 ? 139 VAL A CA  1 
ATOM   1044 C C   . VAL A 1 138 ? -13.217 10.635  -6.810  1.00 21.41 ? 139 VAL A C   1 
ATOM   1045 O O   . VAL A 1 138 ? -14.308 10.099  -6.587  1.00 21.31 ? 139 VAL A O   1 
ATOM   1046 C CB  . VAL A 1 138 ? -11.899 8.653   -5.968  1.00 19.33 ? 139 VAL A CB  1 
ATOM   1047 C CG1 . VAL A 1 138 ? -11.009 7.517   -6.459  1.00 20.34 ? 139 VAL A CG1 1 
ATOM   1048 C CG2 . VAL A 1 138 ? -11.385 9.185   -4.648  1.00 13.37 ? 139 VAL A CG2 1 
ATOM   1049 N N   . GLY A 1 139 ? -13.060 11.954  -6.864  1.00 21.04 ? 140 GLY A N   1 
ATOM   1050 C CA  . GLY A 1 139 ? -14.195 12.848  -6.689  1.00 22.98 ? 140 GLY A CA  1 
ATOM   1051 C C   . GLY A 1 139 ? -14.491 13.336  -5.283  1.00 23.63 ? 140 GLY A C   1 
ATOM   1052 O O   . GLY A 1 139 ? -15.542 13.945  -5.049  1.00 25.46 ? 140 GLY A O   1 
ATOM   1053 N N   . ASP A 1 140 ? -13.575 13.089  -4.351  1.00 22.63 ? 141 ASP A N   1 
ATOM   1054 C CA  . ASP A 1 140 ? -13.764 13.507  -2.967  1.00 23.41 ? 141 ASP A CA  1 
ATOM   1055 C C   . ASP A 1 140 ? -12.996 14.790  -2.638  1.00 24.86 ? 141 ASP A C   1 
ATOM   1056 O O   . ASP A 1 140 ? -12.000 14.756  -1.905  1.00 19.25 ? 141 ASP A O   1 
ATOM   1057 C CB  . ASP A 1 140 ? -13.310 12.398  -2.014  1.00 24.41 ? 141 ASP A CB  1 
ATOM   1058 C CG  . ASP A 1 140 ? -13.723 12.657  -0.578  1.00 26.52 ? 141 ASP A CG  1 
ATOM   1059 O OD1 . ASP A 1 140 ? -14.027 13.821  -0.243  1.00 33.77 ? 141 ASP A OD1 1 
ATOM   1060 O OD2 . ASP A 1 140 ? -13.735 11.696  0.218   1.00 31.99 ? 141 ASP A OD2 1 
ATOM   1061 N N   . GLU A 1 141 ? -13.466 15.914  -3.172  1.00 28.59 ? 142 GLU A N   1 
ATOM   1062 C CA  . GLU A 1 141 ? -12.829 17.209  -2.935  1.00 31.05 ? 142 GLU A CA  1 
ATOM   1063 C C   . GLU A 1 141 ? -12.888 17.668  -1.480  1.00 29.39 ? 142 GLU A C   1 
ATOM   1064 O O   . GLU A 1 141 ? -11.923 18.246  -0.974  1.00 28.29 ? 142 GLU A O   1 
ATOM   1065 C CB  . GLU A 1 141 ? -13.449 18.289  -3.828  1.00 32.04 ? 142 GLU A CB  1 
ATOM   1066 C CG  . GLU A 1 141 ? -12.833 18.383  -5.222  1.00 39.76 ? 142 GLU A CG  1 
ATOM   1067 C CD  . GLU A 1 141 ? -13.158 17.188  -6.098  1.00 41.93 ? 142 GLU A CD  1 
ATOM   1068 O OE1 . GLU A 1 141 ? -12.560 17.069  -7.189  1.00 35.98 ? 142 GLU A OE1 1 
ATOM   1069 O OE2 . GLU A 1 141 ? -14.015 16.371  -5.699  1.00 52.59 ? 142 GLU A OE2 1 
ATOM   1070 N N   . ARG A 1 142 ? -14.009 17.411  -0.810  1.00 29.69 ? 143 ARG A N   1 
ATOM   1071 C CA  . ARG A 1 142 ? -14.175 17.807  0.588   1.00 31.04 ? 143 ARG A CA  1 
ATOM   1072 C C   . ARG A 1 142 ? -13.087 17.256  1.496   1.00 28.16 ? 143 ARG A C   1 
ATOM   1073 O O   . ARG A 1 142 ? -12.452 18.004  2.239   1.00 27.87 ? 143 ARG A O   1 
ATOM   1074 C CB  . ARG A 1 142 ? -15.536 17.356  1.121   1.00 32.91 ? 143 ARG A CB  1 
ATOM   1075 C CG  . ARG A 1 142 ? -16.710 18.087  0.514   1.00 42.78 ? 143 ARG A CG  1 
ATOM   1076 C CD  . ARG A 1 142 ? -17.993 17.837  1.299   1.00 54.02 ? 143 ARG A CD  1 
ATOM   1077 N NE  . ARG A 1 142 ? -19.109 18.616  0.770   1.00 60.27 ? 143 ARG A NE  1 
ATOM   1078 C CZ  . ARG A 1 142 ? -19.113 19.943  0.666   1.00 62.86 ? 143 ARG A CZ  1 
ATOM   1079 N NH1 . ARG A 1 142 ? -18.057 20.647  1.056   1.00 64.10 ? 143 ARG A NH1 1 
ATOM   1080 N NH2 . ARG A 1 142 ? -20.173 20.570  0.169   1.00 64.55 ? 143 ARG A NH2 1 
ATOM   1081 N N   . ASP A 1 143 ? -12.875 15.946  1.452   1.00 25.78 ? 144 ASP A N   1 
ATOM   1082 C CA  . ASP A 1 143 ? -11.849 15.342  2.292   1.00 25.25 ? 144 ASP A CA  1 
ATOM   1083 C C   . ASP A 1 143 ? -10.475 15.681  1.745   1.00 23.21 ? 144 ASP A C   1 
ATOM   1084 O O   . ASP A 1 143 ? -9.534  15.896  2.501   1.00 24.07 ? 144 ASP A O   1 
ATOM   1085 C CB  . ASP A 1 143 ? -12.032 13.824  2.366   1.00 25.95 ? 144 ASP A CB  1 
ATOM   1086 C CG  . ASP A 1 143 ? -13.300 13.427  3.101   1.00 29.44 ? 144 ASP A CG  1 
ATOM   1087 O OD1 . ASP A 1 143 ? -13.577 14.033  4.160   1.00 35.11 ? 144 ASP A OD1 1 
ATOM   1088 O OD2 . ASP A 1 143 ? -14.009 12.510  2.634   1.00 25.25 ? 144 ASP A OD2 1 
ATOM   1089 N N   . ALA A 1 144 ? -10.365 15.737  0.424   1.00 20.55 ? 145 ALA A N   1 
ATOM   1090 C CA  . ALA A 1 144 ? -9.092  16.072  -0.193  1.00 18.90 ? 145 ALA A CA  1 
ATOM   1091 C C   . ALA A 1 144 ? -8.605  17.408  0.372   1.00 18.54 ? 145 ALA A C   1 
ATOM   1092 O O   . ALA A 1 144 ? -7.460  17.525  0.815   1.00 18.24 ? 145 ALA A O   1 
ATOM   1093 C CB  . ALA A 1 144 ? -9.253  16.162  -1.698  1.00 16.78 ? 145 ALA A CB  1 
ATOM   1094 N N   . THR A 1 145 ? -9.495  18.400  0.362   1.00 18.39 ? 146 THR A N   1 
ATOM   1095 C CA  . THR A 1 145 ? -9.195  19.741  0.859   1.00 21.18 ? 146 THR A CA  1 
ATOM   1096 C C   . THR A 1 145 ? -8.866  19.732  2.346   1.00 19.57 ? 146 THR A C   1 
ATOM   1097 O O   . THR A 1 145 ? -7.886  20.329  2.781   1.00 18.19 ? 146 THR A O   1 
ATOM   1098 C CB  . THR A 1 145 ? -10.388 20.706  0.621   1.00 22.15 ? 146 THR A CB  1 
ATOM   1099 O OG1 . THR A 1 145 ? -10.496 21.004  -0.776  1.00 22.81 ? 146 THR A OG1 1 
ATOM   1100 C CG2 . THR A 1 145 ? -10.198 21.996  1.401   1.00 23.60 ? 146 THR A CG2 1 
ATOM   1101 N N   . THR A 1 146 ? -9.694  19.050  3.122   1.00 18.64 ? 147 THR A N   1 
ATOM   1102 C CA  . THR A 1 146 ? -9.485  18.963  4.553   1.00 18.31 ? 147 THR A CA  1 
ATOM   1103 C C   . THR A 1 146 ? -8.061  18.515  4.861   1.00 18.00 ? 147 THR A C   1 
ATOM   1104 O O   . THR A 1 146 ? -7.430  19.041  5.779   1.00 18.01 ? 147 THR A O   1 
ATOM   1105 C CB  . THR A 1 146 ? -10.479 17.973  5.181   1.00 18.66 ? 147 THR A CB  1 
ATOM   1106 O OG1 . THR A 1 146 ? -11.814 18.435  4.940   1.00 16.81 ? 147 THR A OG1 1 
ATOM   1107 C CG2 . THR A 1 146 ? -10.250 17.847  6.690   1.00 17.75 ? 147 THR A CG2 1 
ATOM   1108 N N   . LEU A 1 147 ? -7.566  17.551  4.087   1.00 18.20 ? 148 LEU A N   1 
ATOM   1109 C CA  . LEU A 1 147 ? -6.217  17.016  4.262   1.00 16.06 ? 148 LEU A CA  1 
ATOM   1110 C C   . LEU A 1 147 ? -5.140  18.019  3.857   1.00 15.39 ? 148 LEU A C   1 
ATOM   1111 O O   . LEU A 1 147 ? -4.172  18.221  4.587   1.00 15.42 ? 148 LEU A O   1 
ATOM   1112 C CB  . LEU A 1 147 ? -6.054  15.712  3.462   1.00 17.28 ? 148 LEU A CB  1 
ATOM   1113 C CG  . LEU A 1 147 ? -6.837  14.507  4.004   1.00 15.41 ? 148 LEU A CG  1 
ATOM   1114 C CD1 . LEU A 1 147 ? -6.665  13.289  3.098   1.00 16.32 ? 148 LEU A CD1 1 
ATOM   1115 C CD2 . LEU A 1 147 ? -6.335  14.190  5.402   1.00 21.22 ? 148 LEU A CD2 1 
ATOM   1116 N N   . LEU A 1 148 ? -5.304  18.645  2.694   1.00 13.27 ? 149 LEU A N   1 
ATOM   1117 C CA  . LEU A 1 148 ? -4.333  19.637  2.241   1.00 13.83 ? 149 LEU A CA  1 
ATOM   1118 C C   . LEU A 1 148 ? -4.281  20.799  3.222   1.00 15.23 ? 149 LEU A C   1 
ATOM   1119 O O   . LEU A 1 148 ? -3.239  21.421  3.395   1.00 19.58 ? 149 LEU A O   1 
ATOM   1120 C CB  . LEU A 1 148 ? -4.682  20.153  0.842   1.00 13.67 ? 149 LEU A CB  1 
ATOM   1121 C CG  . LEU A 1 148 ? -4.354  19.202  -0.317  1.00 15.26 ? 149 LEU A CG  1 
ATOM   1122 C CD1 . LEU A 1 148 ? -4.744  19.851  -1.649  1.00 10.60 ? 149 LEU A CD1 1 
ATOM   1123 C CD2 . LEU A 1 148 ? -2.873  18.863  -0.293  1.00 15.56 ? 149 LEU A CD2 1 
ATOM   1124 N N   . ILE A 1 149 ? -5.410  21.096  3.859   1.00 16.59 ? 150 ILE A N   1 
ATOM   1125 C CA  . ILE A 1 149 ? -5.459  22.172  4.841   1.00 20.35 ? 150 ILE A CA  1 
ATOM   1126 C C   . ILE A 1 149 ? -4.603  21.747  6.033   1.00 21.27 ? 150 ILE A C   1 
ATOM   1127 O O   . ILE A 1 149 ? -3.811  22.536  6.546   1.00 22.46 ? 150 ILE A O   1 
ATOM   1128 C CB  . ILE A 1 149 ? -6.915  22.460  5.304   1.00 20.46 ? 150 ILE A CB  1 
ATOM   1129 C CG1 . ILE A 1 149 ? -7.669  23.208  4.199   1.00 17.26 ? 150 ILE A CG1 1 
ATOM   1130 C CG2 . ILE A 1 149 ? -6.906  23.279  6.589   1.00 23.12 ? 150 ILE A CG2 1 
ATOM   1131 C CD1 . ILE A 1 149 ? -9.129  23.456  4.503   1.00 24.09 ? 150 ILE A CD1 1 
ATOM   1132 N N   . GLU A 1 150 ? -4.757  20.493  6.456   1.00 20.43 ? 151 GLU A N   1 
ATOM   1133 C CA  . GLU A 1 150 ? -3.973  19.964  7.568   1.00 20.84 ? 151 GLU A CA  1 
ATOM   1134 C C   . GLU A 1 150 ? -2.485  19.919  7.214   1.00 17.53 ? 151 GLU A C   1 
ATOM   1135 O O   . GLU A 1 150 ? -1.635  20.196  8.055   1.00 15.24 ? 151 GLU A O   1 
ATOM   1136 C CB  . GLU A 1 150 ? -4.451  18.561  7.952   1.00 22.70 ? 151 GLU A CB  1 
ATOM   1137 C CG  . GLU A 1 150 ? -3.629  17.932  9.073   1.00 30.97 ? 151 GLU A CG  1 
ATOM   1138 C CD  . GLU A 1 150 ? -3.735  18.690  10.394  1.00 34.58 ? 151 GLU A CD  1 
ATOM   1139 O OE1 . GLU A 1 150 ? -2.842  18.509  11.246  1.00 38.62 ? 151 GLU A OE1 1 
ATOM   1140 O OE2 . GLU A 1 150 ? -4.708  19.455  10.585  1.00 30.04 ? 151 GLU A OE2 1 
ATOM   1141 N N   . ALA A 1 151 ? -2.172  19.567  5.971   1.00 16.68 ? 152 ALA A N   1 
ATOM   1142 C CA  . ALA A 1 151 ? -0.780  19.508  5.521   1.00 16.08 ? 152 ALA A CA  1 
ATOM   1143 C C   . ALA A 1 151 ? -0.169  20.911  5.531   1.00 16.00 ? 152 ALA A C   1 
ATOM   1144 O O   . ALA A 1 151 ? 1.004   21.090  5.846   1.00 14.89 ? 152 ALA A O   1 
ATOM   1145 C CB  . ALA A 1 151 ? -0.709  18.924  4.113   1.00 15.82 ? 152 ALA A CB  1 
ATOM   1146 N N   . CYS A 1 152 ? -0.973  21.900  5.159   1.00 18.39 ? 153 CYS A N   1 
ATOM   1147 C CA  . CYS A 1 152 ? -0.523  23.286  5.141   1.00 17.60 ? 153 CYS A CA  1 
ATOM   1148 C C   . CYS A 1 152 ? -0.216  23.674  6.589   1.00 19.93 ? 153 CYS A C   1 
ATOM   1149 O O   . CYS A 1 152 ? 0.807   24.301  6.884   1.00 20.23 ? 153 CYS A O   1 
ATOM   1150 C CB  . CYS A 1 152 ? -1.630  24.175  4.542   1.00 18.69 ? 153 CYS A CB  1 
ATOM   1151 S SG  . CYS A 1 152 ? -1.325  25.970  4.633   1.00 14.30 ? 153 CYS A SG  1 
ATOM   1152 N N   . LYS A 1 153 ? -1.099  23.268  7.494   1.00 22.23 ? 154 LYS A N   1 
ATOM   1153 C CA  . LYS A 1 153 ? -0.919  23.540  8.916   1.00 22.96 ? 154 LYS A CA  1 
ATOM   1154 C C   . LYS A 1 153 ? 0.377   22.909  9.424   1.00 24.45 ? 154 LYS A C   1 
ATOM   1155 O O   . LYS A 1 153 ? 1.076   23.499  10.247  1.00 23.96 ? 154 LYS A O   1 
ATOM   1156 C CB  . LYS A 1 153 ? -2.100  22.987  9.708   1.00 24.36 ? 154 LYS A CB  1 
ATOM   1157 C CG  . LYS A 1 153 ? -1.989  23.198  11.208  1.00 23.27 ? 154 LYS A CG  1 
ATOM   1158 C CD  . LYS A 1 153 ? -3.239  22.713  11.917  1.00 21.50 ? 154 LYS A CD  1 
ATOM   1159 C CE  . LYS A 1 153 ? -3.161  22.957  13.414  1.00 25.31 ? 154 LYS A CE  1 
ATOM   1160 N NZ  . LYS A 1 153 ? -4.512  22.854  14.046  1.00 17.48 ? 154 LYS A NZ  1 
ATOM   1161 N N   . LYS A 1 154 ? 0.691   21.711  8.932   1.00 24.21 ? 155 LYS A N   1 
ATOM   1162 C CA  . LYS A 1 154 ? 1.907   21.011  9.331   1.00 23.39 ? 155 LYS A CA  1 
ATOM   1163 C C   . LYS A 1 154 ? 3.142   21.622  8.683   1.00 23.18 ? 155 LYS A C   1 
ATOM   1164 O O   . LYS A 1 154 ? 4.256   21.146  8.899   1.00 22.39 ? 155 LYS A O   1 
ATOM   1165 C CB  . LYS A 1 154 ? 1.836   19.528  8.954   1.00 24.53 ? 155 LYS A CB  1 
ATOM   1166 C CG  . LYS A 1 154 ? 0.909   18.689  9.812   1.00 29.84 ? 155 LYS A CG  1 
ATOM   1167 C CD  . LYS A 1 154 ? 1.008   17.224  9.405   1.00 30.49 ? 155 LYS A CD  1 
ATOM   1168 C CE  . LYS A 1 154 ? 0.185   16.346  10.320  1.00 36.67 ? 155 LYS A CE  1 
ATOM   1169 N NZ  . LYS A 1 154 ? 0.688   16.412  11.712  1.00 38.82 ? 155 LYS A NZ  1 
ATOM   1170 N N   . GLY A 1 155 ? 2.936   22.661  7.877   1.00 24.24 ? 156 GLY A N   1 
ATOM   1171 C CA  . GLY A 1 155 ? 4.049   23.336  7.230   1.00 22.77 ? 156 GLY A CA  1 
ATOM   1172 C C   . GLY A 1 155 ? 4.367   22.960  5.792   1.00 20.35 ? 156 GLY A C   1 
ATOM   1173 O O   . GLY A 1 155 ? 5.418   23.338  5.279   1.00 19.46 ? 156 GLY A O   1 
ATOM   1174 N N   . GLU A 1 156 ? 3.473   22.228  5.131   1.00 19.64 ? 157 GLU A N   1 
ATOM   1175 C CA  . GLU A 1 156 ? 3.717   21.833  3.747   1.00 20.40 ? 157 GLU A CA  1 
ATOM   1176 C C   . GLU A 1 156 ? 3.407   22.982  2.788   1.00 17.55 ? 157 GLU A C   1 
ATOM   1177 O O   . GLU A 1 156 ? 2.245   23.313  2.549   1.00 17.71 ? 157 GLU A O   1 
ATOM   1178 C CB  . GLU A 1 156 ? 2.878   20.602  3.388   1.00 18.96 ? 157 GLU A CB  1 
ATOM   1179 C CG  . GLU A 1 156 ? 3.051   20.148  1.943   1.00 22.78 ? 157 GLU A CG  1 
ATOM   1180 C CD  . GLU A 1 156 ? 4.440   19.626  1.654   1.00 33.67 ? 157 GLU A CD  1 
ATOM   1181 O OE1 . GLU A 1 156 ? 4.770   19.460  0.465   1.00 31.76 ? 157 GLU A OE1 1 
ATOM   1182 O OE2 . GLU A 1 156 ? 5.199   19.371  2.614   1.00 43.52 ? 157 GLU A OE2 1 
ATOM   1183 N N   . LYS A 1 157 ? 4.464   23.574  2.237   1.00 19.66 ? 158 LYS A N   1 
ATOM   1184 C CA  . LYS A 1 157 ? 4.368   24.704  1.314   1.00 21.31 ? 158 LYS A CA  1 
ATOM   1185 C C   . LYS A 1 157 ? 3.405   24.560  0.146   1.00 20.14 ? 158 LYS A C   1 
ATOM   1186 O O   . LYS A 1 157 ? 2.441   25.319  0.033   1.00 17.85 ? 158 LYS A O   1 
ATOM   1187 C CB  . LYS A 1 157 ? 5.744   25.024  0.736   1.00 24.56 ? 158 LYS A CB  1 
ATOM   1188 C CG  . LYS A 1 157 ? 6.778   25.454  1.748   1.00 32.78 ? 158 LYS A CG  1 
ATOM   1189 C CD  . LYS A 1 157 ? 6.433   26.793  2.359   1.00 37.16 ? 158 LYS A CD  1 
ATOM   1190 C CE  . LYS A 1 157 ? 7.586   27.281  3.206   1.00 37.72 ? 158 LYS A CE  1 
ATOM   1191 N NZ  . LYS A 1 157 ? 7.928   26.278  4.251   1.00 38.45 ? 158 LYS A NZ  1 
ATOM   1192 N N   . GLU A 1 158 ? 3.698   23.616  -0.746  1.00 18.09 ? 159 GLU A N   1 
ATOM   1193 C CA  . GLU A 1 158 ? 2.867   23.404  -1.924  1.00 18.60 ? 159 GLU A CA  1 
ATOM   1194 C C   . GLU A 1 158 ? 1.411   23.159  -1.533  1.00 16.33 ? 159 GLU A C   1 
ATOM   1195 O O   . GLU A 1 158 ? 0.501   23.539  -2.263  1.00 15.01 ? 159 GLU A O   1 
ATOM   1196 C CB  . GLU A 1 158 ? 3.403   22.226  -2.751  1.00 21.13 ? 159 GLU A CB  1 
ATOM   1197 C CG  . GLU A 1 158 ? 2.781   22.074  -4.152  1.00 19.61 ? 159 GLU A CG  1 
ATOM   1198 C CD  . GLU A 1 158 ? 3.161   23.194  -5.131  1.00 24.67 ? 159 GLU A CD  1 
ATOM   1199 O OE1 . GLU A 1 158 ? 2.751   23.109  -6.307  1.00 22.08 ? 159 GLU A OE1 1 
ATOM   1200 O OE2 . GLU A 1 158 ? 3.861   24.159  -4.740  1.00 16.70 ? 159 GLU A OE2 1 
ATOM   1201 N N   . ALA A 1 159 ? 1.198   22.533  -0.377  1.00 14.42 ? 160 ALA A N   1 
ATOM   1202 C CA  . ALA A 1 159 ? -0.151  22.254  0.102   1.00 14.59 ? 160 ALA A CA  1 
ATOM   1203 C C   . ALA A 1 159 ? -0.846  23.576  0.427   1.00 14.04 ? 160 ALA A C   1 
ATOM   1204 O O   . ALA A 1 159 ? -2.032  23.756  0.133   1.00 12.39 ? 160 ALA A O   1 
ATOM   1205 C CB  . ALA A 1 159 ? -0.100  21.366  1.338   1.00 13.86 ? 160 ALA A CB  1 
ATOM   1206 N N   . CYS A 1 160 ? -0.101  24.491  1.047   1.00 15.46 ? 161 CYS A N   1 
ATOM   1207 C CA  . CYS A 1 160 ? -0.628  25.804  1.382   1.00 15.11 ? 161 CYS A CA  1 
ATOM   1208 C C   . CYS A 1 160 ? -0.958  26.545  0.085   1.00 13.93 ? 161 CYS A C   1 
ATOM   1209 O O   . CYS A 1 160 ? -2.008  27.176  -0.031  1.00 14.09 ? 161 CYS A O   1 
ATOM   1210 C CB  . CYS A 1 160 ? 0.390   26.620  2.191   1.00 15.49 ? 161 CYS A CB  1 
ATOM   1211 S SG  . CYS A 1 160 ? 0.576   26.194  3.958   1.00 13.36 ? 161 CYS A SG  1 
ATOM   1212 N N   . ASN A 1 161 ? -0.068  26.471  -0.897  1.00 15.18 ? 162 ASN A N   1 
ATOM   1213 C CA  . ASN A 1 161 ? -0.335  27.146  -2.169  1.00 16.04 ? 162 ASN A CA  1 
ATOM   1214 C C   . ASN A 1 161 ? -1.558  26.570  -2.867  1.00 15.57 ? 162 ASN A C   1 
ATOM   1215 O O   . ASN A 1 161 ? -2.294  27.297  -3.531  1.00 16.94 ? 162 ASN A O   1 
ATOM   1216 C CB  . ASN A 1 161 ? 0.870   27.065  -3.098  1.00 17.00 ? 162 ASN A CB  1 
ATOM   1217 C CG  . ASN A 1 161 ? 1.905   28.125  -2.789  1.00 23.93 ? 162 ASN A CG  1 
ATOM   1218 O OD1 . ASN A 1 161 ? 2.549   28.097  -1.743  1.00 30.30 ? 162 ASN A OD1 1 
ATOM   1219 N ND2 . ASN A 1 161 ? 2.062   29.078  -3.702  1.00 40.65 ? 162 ASN A ND2 1 
ATOM   1220 N N   . ALA A 1 162 ? -1.783  25.270  -2.709  1.00 14.48 ? 163 ALA A N   1 
ATOM   1221 C CA  . ALA A 1 162 ? -2.944  24.629  -3.326  1.00 15.26 ? 163 ALA A CA  1 
ATOM   1222 C C   . ALA A 1 162 ? -4.223  25.046  -2.590  1.00 14.57 ? 163 ALA A C   1 
ATOM   1223 O O   . ALA A 1 162 ? -5.256  25.291  -3.204  1.00 13.35 ? 163 ALA A O   1 
ATOM   1224 C CB  . ALA A 1 162 ? -2.787  23.111  -3.294  1.00 13.24 ? 163 ALA A CB  1 
ATOM   1225 N N   . VAL A 1 163 ? -4.153  25.114  -1.265  1.00 14.94 ? 164 VAL A N   1 
ATOM   1226 C CA  . VAL A 1 163 ? -5.312  25.521  -0.478  1.00 16.33 ? 164 VAL A CA  1 
ATOM   1227 C C   . VAL A 1 163 ? -5.705  26.954  -0.856  1.00 15.35 ? 164 VAL A C   1 
ATOM   1228 O O   . VAL A 1 163 ? -6.888  27.289  -0.934  1.00 17.22 ? 164 VAL A O   1 
ATOM   1229 C CB  . VAL A 1 163 ? -5.005  25.457  1.034   1.00 15.32 ? 164 VAL A CB  1 
ATOM   1230 C CG1 . VAL A 1 163 ? -6.171  26.018  1.833   1.00 20.56 ? 164 VAL A CG1 1 
ATOM   1231 C CG2 . VAL A 1 163 ? -4.737  24.003  1.446   1.00 19.72 ? 164 VAL A CG2 1 
ATOM   1232 N N   . ASN A 1 164 ? -4.717  27.801  -1.110  1.00 16.64 ? 165 ASN A N   1 
ATOM   1233 C CA  . ASN A 1 164 ? -5.004  29.183  -1.467  1.00 20.67 ? 165 ASN A CA  1 
ATOM   1234 C C   . ASN A 1 164 ? -5.687  29.341  -2.813  1.00 22.83 ? 165 ASN A C   1 
ATOM   1235 O O   . ASN A 1 164 ? -6.378  30.334  -3.039  1.00 23.25 ? 165 ASN A O   1 
ATOM   1236 C CB  . ASN A 1 164 ? -3.731  30.020  -1.443  1.00 20.67 ? 165 ASN A CB  1 
ATOM   1237 C CG  . ASN A 1 164 ? -3.168  30.167  -0.050  1.00 28.20 ? 165 ASN A CG  1 
ATOM   1238 O OD1 . ASN A 1 164 ? -3.919  30.308  0.925   1.00 26.25 ? 165 ASN A OD1 1 
ATOM   1239 N ND2 . ASN A 1 164 ? -1.845  30.147  0.058   1.00 32.68 ? 165 ASN A ND2 1 
ATOM   1240 N N   . THR A 1 165 ? -5.512  28.363  -3.700  1.00 24.94 ? 166 THR A N   1 
ATOM   1241 C CA  . THR A 1 165 ? -6.127  28.435  -5.023  1.00 27.52 ? 166 THR A CA  1 
ATOM   1242 C C   . THR A 1 165 ? -7.586  27.980  -5.024  1.00 28.38 ? 166 THR A C   1 
ATOM   1243 O O   . THR A 1 165 ? -8.279  28.077  -6.042  1.00 26.47 ? 166 THR A O   1 
ATOM   1244 C CB  . THR A 1 165 ? -5.366  27.577  -6.043  1.00 26.73 ? 166 THR A CB  1 
ATOM   1245 O OG1 . THR A 1 165 ? -5.805  27.916  -7.362  1.00 37.44 ? 166 THR A OG1 1 
ATOM   1246 C CG2 . THR A 1 165 ? -5.638  26.100  -5.808  1.00 25.19 ? 166 THR A CG2 1 
ATOM   1247 N N   . LEU A 1 166 ? -8.056  27.485  -3.884  1.00 8.99  ? 167 LEU A N   1 
ATOM   1248 C CA  . LEU A 1 166 ? -9.433  27.010  -3.805  1.00 8.99  ? 167 LEU A CA  1 
ATOM   1249 C C   . LEU A 1 166 ? -10.258 27.790  -2.790  1.00 8.99  ? 167 LEU A C   1 
ATOM   1250 O O   . LEU A 1 166 ? -9.715  28.745  -2.197  1.00 41.73 ? 167 LEU A O   1 
ATOM   1251 C CB  . LEU A 1 166 ? -9.451  25.504  -3.482  1.00 8.99  ? 167 LEU A CB  1 
ATOM   1252 C CG  . LEU A 1 166 ? -8.611  25.003  -2.304  1.00 8.99  ? 167 LEU A CG  1 
ATOM   1253 C CD1 . LEU A 1 166 ? -9.133  25.636  -1.021  1.00 8.99  ? 167 LEU A CD1 1 
ATOM   1254 C CD2 . LEU A 1 166 ? -8.680  23.482  -2.209  1.00 8.99  ? 167 LEU A CD2 1 
HETATM 1255 O O   . HOH B 2 .   ? 1.594   3.802   -10.212 1.00 20.09 ? 174 HOH A O   1 
HETATM 1256 O O   . HOH B 2 .   ? 3.778   13.677  -0.811  1.00 11.94 ? 175 HOH A O   1 
HETATM 1257 O O   . HOH B 2 .   ? 7.476   -11.098 14.367  1.00 16.91 ? 176 HOH A O   1 
HETATM 1258 O O   . HOH B 2 .   ? -3.161  -13.888 5.040   1.00 12.92 ? 177 HOH A O   1 
HETATM 1259 O O   . HOH B 2 .   ? 8.040   -2.789  6.015   1.00 11.64 ? 178 HOH A O   1 
HETATM 1260 O O   . HOH B 2 .   ? -1.031  -6.273  6.385   1.00 10.13 ? 179 HOH A O   1 
HETATM 1261 O O   . HOH B 2 .   ? 15.039  -12.210 -7.283  1.00 9.24  ? 180 HOH A O   1 
HETATM 1262 O O   . HOH B 2 .   ? 3.300   -10.812 10.256  1.00 9.96  ? 181 HOH A O   1 
HETATM 1263 O O   . HOH B 2 .   ? -6.804  -2.921  -4.056  1.00 18.18 ? 182 HOH A O   1 
HETATM 1264 O O   . HOH B 2 .   ? 10.755  -24.756 4.763   1.00 31.09 ? 183 HOH A O   1 
HETATM 1265 O O   . HOH B 2 .   ? 15.690  -13.094 6.752   1.00 18.85 ? 184 HOH A O   1 
HETATM 1266 O O   . HOH B 2 .   ? 5.615   -0.815  11.500  1.00 22.86 ? 185 HOH A O   1 
HETATM 1267 O O   . HOH B 2 .   ? 10.273  -6.276  -6.508  1.00 18.24 ? 186 HOH A O   1 
HETATM 1268 O O   . HOH B 2 .   ? 13.859  -21.232 2.372   1.00 23.57 ? 187 HOH A O   1 
HETATM 1269 O O   . HOH B 2 .   ? 15.793  -22.734 -3.734  1.00 34.70 ? 188 HOH A O   1 
HETATM 1270 O O   . HOH B 2 .   ? -0.795  8.737   16.173  1.00 26.15 ? 189 HOH A O   1 
HETATM 1271 O O   . HOH B 2 .   ? 7.555   -21.576 7.410   1.00 15.43 ? 190 HOH A O   1 
HETATM 1272 O O   . HOH B 2 .   ? -1.081  -7.681  10.416  1.00 27.21 ? 191 HOH A O   1 
HETATM 1273 O O   . HOH B 2 .   ? -2.473  8.489   -6.451  1.00 36.01 ? 192 HOH A O   1 
HETATM 1274 O O   . HOH B 2 .   ? -1.835  -3.508  6.775   1.00 16.17 ? 193 HOH A O   1 
HETATM 1275 O O   . HOH B 2 .   ? -7.375  -4.057  -10.720 1.00 36.33 ? 194 HOH A O   1 
HETATM 1276 O O   . HOH B 2 .   ? -9.165  2.718   7.463   1.00 25.84 ? 195 HOH A O   1 
HETATM 1277 O O   . HOH B 2 .   ? 4.776   27.454  8.055   1.00 27.04 ? 196 HOH A O   1 
HETATM 1278 O O   . HOH B 2 .   ? 6.092   10.329  -3.014  1.00 35.13 ? 197 HOH A O   1 
HETATM 1279 O O   . HOH B 2 .   ? 8.522   -23.051 -15.595 1.00 21.67 ? 198 HOH A O   1 
HETATM 1280 O O   . HOH B 2 .   ? 5.112   -11.995 13.411  1.00 19.73 ? 199 HOH A O   1 
HETATM 1281 O O   . HOH B 2 .   ? 5.642   -28.418 4.611   1.00 42.93 ? 200 HOH A O   1 
HETATM 1282 O O   . HOH B 2 .   ? -0.221  1.770   -9.838  1.00 28.21 ? 201 HOH A O   1 
HETATM 1283 O O   . HOH B 2 .   ? 6.498   -7.344  15.644  1.00 24.04 ? 202 HOH A O   1 
HETATM 1284 O O   . HOH B 2 .   ? 1.366   -4.083  11.200  1.00 15.08 ? 203 HOH A O   1 
HETATM 1285 O O   . HOH B 2 .   ? -4.282  15.638  -6.771  1.00 84.38 ? 204 HOH A O   1 
HETATM 1286 O O   . HOH B 2 .   ? -1.517  30.175  -4.287  1.00 42.29 ? 205 HOH A O   1 
HETATM 1287 O O   . HOH B 2 .   ? 5.128   16.351  8.414   1.00 31.17 ? 206 HOH A O   1 
HETATM 1288 O O   . HOH B 2 .   ? -16.583 15.334  -0.889  1.00 55.45 ? 207 HOH A O   1 
HETATM 1289 O O   . HOH B 2 .   ? 4.566   -25.103 5.346   1.00 39.29 ? 208 HOH A O   1 
HETATM 1290 O O   . HOH B 2 .   ? 6.224   -10.016 -13.260 1.00 24.13 ? 209 HOH A O   1 
HETATM 1291 O O   . HOH B 2 .   ? 10.628  -2.246  9.466   1.00 31.07 ? 210 HOH A O   1 
HETATM 1292 O O   . HOH B 2 .   ? 1.420   -21.628 6.965   1.00 29.14 ? 211 HOH A O   1 
HETATM 1293 O O   . HOH B 2 .   ? 0.109   -21.200 -6.484  1.00 25.01 ? 212 HOH A O   1 
HETATM 1294 O O   . HOH B 2 .   ? -8.254  15.066  -8.727  1.00 37.13 ? 213 HOH A O   1 
HETATM 1295 O O   . HOH B 2 .   ? -3.291  -16.558 -8.990  1.00 17.10 ? 214 HOH A O   1 
HETATM 1296 O O   . HOH B 2 .   ? -4.601  -12.756 -8.088  1.00 15.64 ? 215 HOH A O   1 
HETATM 1297 O O   . HOH B 2 .   ? -7.245  -9.678  -3.526  1.00 13.32 ? 216 HOH A O   1 
HETATM 1298 O O   . HOH B 2 .   ? -5.797  14.545  -8.380  1.00 31.02 ? 217 HOH A O   1 
HETATM 1299 O O   . HOH B 2 .   ? -11.377 12.912  5.260   1.00 24.37 ? 218 HOH A O   1 
HETATM 1300 O O   . HOH B 2 .   ? 4.622   -5.700  -8.771  1.00 19.67 ? 219 HOH A O   1 
HETATM 1301 O O   . HOH B 2 .   ? 11.813  -8.664  15.986  1.00 39.50 ? 220 HOH A O   1 
HETATM 1302 O O   . HOH B 2 .   ? 15.083  -7.230  4.426   1.00 20.82 ? 221 HOH A O   1 
HETATM 1303 O O   . HOH B 2 .   ? 16.151  -15.896 -0.024  1.00 20.77 ? 222 HOH A O   1 
HETATM 1304 O O   . HOH B 2 .   ? 13.940  -15.518 -10.248 1.00 31.78 ? 223 HOH A O   1 
HETATM 1305 O O   . HOH B 2 .   ? -2.896  28.553  2.458   1.00 16.92 ? 224 HOH A O   1 
HETATM 1306 O O   . HOH B 2 .   ? 5.201   -2.459  -5.273  1.00 22.81 ? 225 HOH A O   1 
HETATM 1307 O O   . HOH B 2 .   ? 1.130   -19.395 5.953   1.00 48.75 ? 226 HOH A O   1 
HETATM 1308 O O   . HOH B 2 .   ? -7.831  24.888  -7.684  1.00 19.34 ? 227 HOH A O   1 
HETATM 1309 O O   . HOH B 2 .   ? -9.955  19.765  -3.123  1.00 30.39 ? 228 HOH A O   1 
HETATM 1310 O O   . HOH B 2 .   ? -5.150  17.977  -6.063  1.00 20.92 ? 229 HOH A O   1 
HETATM 1311 O O   . HOH B 2 .   ? -8.299  -2.488  -0.786  1.00 14.40 ? 230 HOH A O   1 
HETATM 1312 O O   . HOH B 2 .   ? -1.079  10.584  -4.337  1.00 18.92 ? 231 HOH A O   1 
HETATM 1313 O O   . HOH B 2 .   ? 2.330   -2.219  -8.605  1.00 23.61 ? 232 HOH A O   1 
HETATM 1314 O O   . HOH B 2 .   ? 1.149   -11.560 11.802  1.00 23.91 ? 233 HOH A O   1 
HETATM 1315 O O   . HOH B 2 .   ? 0.634   14.300  -4.599  1.00 24.28 ? 234 HOH A O   1 
HETATM 1316 O O   . HOH B 2 .   ? -3.373  13.214  -8.481  1.00 38.54 ? 235 HOH A O   1 
HETATM 1317 O O   . HOH B 2 .   ? 10.828  -9.883  -11.384 1.00 22.91 ? 236 HOH A O   1 
HETATM 1318 O O   . HOH B 2 .   ? -17.684 4.499   -1.011  1.00 42.47 ? 237 HOH A O   1 
HETATM 1319 O O   . HOH B 2 .   ? -14.570 -0.960  2.508   1.00 19.67 ? 238 HOH A O   1 
HETATM 1320 O O   . HOH B 2 .   ? -2.615  -15.311 7.727   1.00 13.10 ? 239 HOH A O   1 
HETATM 1321 O O   . HOH B 2 .   ? -8.890  23.770  -5.715  1.00 41.58 ? 240 HOH A O   1 
HETATM 1322 O O   . HOH B 2 .   ? 9.102   2.072   -9.391  1.00 42.33 ? 241 HOH A O   1 
HETATM 1323 O O   . HOH B 2 .   ? -0.157  12.333  -5.891  1.00 22.81 ? 242 HOH A O   1 
HETATM 1324 O O   . HOH B 2 .   ? 16.386  -12.773 0.152   1.00 18.36 ? 243 HOH A O   1 
HETATM 1325 O O   . HOH B 2 .   ? -9.261  -3.746  1.465   1.00 13.31 ? 244 HOH A O   1 
# 
